data_1NTV
# 
_entry.id   1NTV 
# 
_audit_conform.dict_name       mmcif_pdbx.dic 
_audit_conform.dict_version    5.386 
_audit_conform.dict_location   http://mmcif.pdb.org/dictionaries/ascii/mmcif_pdbx.dic 
# 
loop_
_database_2.database_id 
_database_2.database_code 
_database_2.pdbx_database_accession 
_database_2.pdbx_DOI 
PDB   1NTV         pdb_00001ntv 10.2210/pdb1ntv/pdb 
RCSB  RCSB018198   ?            ?                   
WWPDB D_1000018198 ?            ?                   
# 
loop_
_pdbx_audit_revision_history.ordinal 
_pdbx_audit_revision_history.data_content_type 
_pdbx_audit_revision_history.major_revision 
_pdbx_audit_revision_history.minor_revision 
_pdbx_audit_revision_history.revision_date 
1 'Structure model' 1 0 2003-04-15 
2 'Structure model' 1 1 2008-04-29 
3 'Structure model' 1 2 2011-07-13 
4 'Structure model' 1 3 2018-01-31 
5 'Structure model' 1 4 2024-02-14 
# 
_pdbx_audit_revision_details.ordinal             1 
_pdbx_audit_revision_details.revision_ordinal    1 
_pdbx_audit_revision_details.data_content_type   'Structure model' 
_pdbx_audit_revision_details.provider            repository 
_pdbx_audit_revision_details.type                'Initial release' 
_pdbx_audit_revision_details.description         ? 
_pdbx_audit_revision_details.details             ? 
# 
loop_
_pdbx_audit_revision_group.ordinal 
_pdbx_audit_revision_group.revision_ordinal 
_pdbx_audit_revision_group.data_content_type 
_pdbx_audit_revision_group.group 
1 2 'Structure model' 'Version format compliance' 
2 3 'Structure model' 'Version format compliance' 
3 4 'Structure model' 'Experimental preparation'  
4 5 'Structure model' 'Data collection'           
5 5 'Structure model' 'Database references'       
6 5 'Structure model' 'Derived calculations'      
# 
loop_
_pdbx_audit_revision_category.ordinal 
_pdbx_audit_revision_category.revision_ordinal 
_pdbx_audit_revision_category.data_content_type 
_pdbx_audit_revision_category.category 
1 4 'Structure model' exptl_crystal_grow 
2 5 'Structure model' chem_comp_atom     
3 5 'Structure model' chem_comp_bond     
4 5 'Structure model' database_2         
5 5 'Structure model' struct_site        
# 
loop_
_pdbx_audit_revision_item.ordinal 
_pdbx_audit_revision_item.revision_ordinal 
_pdbx_audit_revision_item.data_content_type 
_pdbx_audit_revision_item.item 
1 4 'Structure model' '_exptl_crystal_grow.temp'            
2 5 'Structure model' '_database_2.pdbx_DOI'                
3 5 'Structure model' '_database_2.pdbx_database_accession' 
4 5 'Structure model' '_struct_site.pdbx_auth_asym_id'      
5 5 'Structure model' '_struct_site.pdbx_auth_comp_id'      
6 5 'Structure model' '_struct_site.pdbx_auth_seq_id'       
# 
_pdbx_database_status.status_code                     REL 
_pdbx_database_status.entry_id                        1NTV 
_pdbx_database_status.recvd_initial_deposition_date   2003-01-30 
_pdbx_database_status.deposit_site                    RCSB 
_pdbx_database_status.process_site                    RCSB 
_pdbx_database_status.status_code_sf                  REL 
_pdbx_database_status.SG_entry                        . 
_pdbx_database_status.pdb_format_compatible           Y 
_pdbx_database_status.status_code_mr                  ? 
_pdbx_database_status.status_code_cs                  ? 
_pdbx_database_status.methods_development_category    ? 
_pdbx_database_status.status_code_nmr_data            ? 
# 
_pdbx_database_related.db_name        PDB 
_pdbx_database_related.db_id          1NU2 
_pdbx_database_related.details        . 
_pdbx_database_related.content_type   unspecified 
# 
loop_
_audit_author.name 
_audit_author.pdbx_ordinal 
'Stolt, P.C.'    1 
'Jeon, H.'       2 
'Song, H.K.'     3 
'Herz, J.'       4 
'Eck, M.J.'      5 
'Blacklow, S.C.' 6 
# 
_citation.id                        primary 
_citation.title                     
'Origins of Peptide Selectivity and Phosphoinositide Binding Revealed by Structures of Disabled-1 PTB Domain Complexes' 
_citation.journal_abbrev            Structure 
_citation.journal_volume            11 
_citation.page_first                569 
_citation.page_last                 579 
_citation.year                      2003 
_citation.journal_id_ASTM           STRUE6 
_citation.country                   UK 
_citation.journal_id_ISSN           0969-2126 
_citation.journal_id_CSD            2005 
_citation.book_publisher            ? 
_citation.pdbx_database_id_PubMed   12737822 
_citation.pdbx_database_id_DOI      '10.1016/S0969-2126(03)00068-6' 
# 
loop_
_citation_author.citation_id 
_citation_author.name 
_citation_author.ordinal 
_citation_author.identifier_ORCID 
primary 'Stolt, P.C.'    1 ? 
primary 'Jeon, H.'       2 ? 
primary 'Song, H.K.'     3 ? 
primary 'Herz, J.'       4 ? 
primary 'Eck, M.J.'      5 ? 
primary 'Blacklow, S.C.' 6 ? 
# 
loop_
_entity.id 
_entity.type 
_entity.src_method 
_entity.pdbx_description 
_entity.formula_weight 
_entity.pdbx_number_of_molecules 
_entity.pdbx_ec 
_entity.pdbx_mutation 
_entity.pdbx_fragment 
_entity.details 
1 polymer     man 'Disabled homolog 1'                  17084.768 1   ? ? 'Residues 23-174' ? 
2 polymer     syn 'Apolipoprotein E Receptor-2 peptide' 1255.379  1   ? ? ?                 ? 
3 non-polymer syn 'PHOSPHATE ION'                       94.971    1   ? ? ?                 ? 
4 water       nat water                                 18.015    139 ? ? ?                 ? 
# 
loop_
_entity_poly.entity_id 
_entity_poly.type 
_entity_poly.nstd_linkage 
_entity_poly.nstd_monomer 
_entity_poly.pdbx_seq_one_letter_code 
_entity_poly.pdbx_seq_one_letter_code_can 
_entity_poly.pdbx_strand_id 
_entity_poly.pdbx_target_identifier 
1 'polypeptide(L)' no no 
;GQDRSEATLIKRFKGEGVRYKAKLIGIDEVSAARGDKLCQDSMMKLKGVVAGARSKGEHKQKIFLTISFGGIKIFDEKTG
ALQHHHAVHEISYIAKDITDHRAFGYVCGKEGNHRFVAIKTAQAAEPVILDLRDLFQLIYELKQREELEKKA
;
;GQDRSEATLIKRFKGEGVRYKAKLIGIDEVSAARGDKLCQDSMMKLKGVVAGARSKGEHKQKIFLTISFGGIKIFDEKTG
ALQHHHAVHEISYIAKDITDHRAFGYVCGKEGNHRFVAIKTAQAAEPVILDLRDLFQLIYELKQREELEKKA
;
A ? 
2 'polypeptide(L)' no no NFDNPVYRKT NFDNPVYRKT B ? 
# 
loop_
_pdbx_entity_nonpoly.entity_id 
_pdbx_entity_nonpoly.name 
_pdbx_entity_nonpoly.comp_id 
3 'PHOSPHATE ION' PO4 
4 water           HOH 
# 
loop_
_entity_poly_seq.entity_id 
_entity_poly_seq.num 
_entity_poly_seq.mon_id 
_entity_poly_seq.hetero 
1 1   GLY n 
1 2   GLN n 
1 3   ASP n 
1 4   ARG n 
1 5   SER n 
1 6   GLU n 
1 7   ALA n 
1 8   THR n 
1 9   LEU n 
1 10  ILE n 
1 11  LYS n 
1 12  ARG n 
1 13  PHE n 
1 14  LYS n 
1 15  GLY n 
1 16  GLU n 
1 17  GLY n 
1 18  VAL n 
1 19  ARG n 
1 20  TYR n 
1 21  LYS n 
1 22  ALA n 
1 23  LYS n 
1 24  LEU n 
1 25  ILE n 
1 26  GLY n 
1 27  ILE n 
1 28  ASP n 
1 29  GLU n 
1 30  VAL n 
1 31  SER n 
1 32  ALA n 
1 33  ALA n 
1 34  ARG n 
1 35  GLY n 
1 36  ASP n 
1 37  LYS n 
1 38  LEU n 
1 39  CYS n 
1 40  GLN n 
1 41  ASP n 
1 42  SER n 
1 43  MET n 
1 44  MET n 
1 45  LYS n 
1 46  LEU n 
1 47  LYS n 
1 48  GLY n 
1 49  VAL n 
1 50  VAL n 
1 51  ALA n 
1 52  GLY n 
1 53  ALA n 
1 54  ARG n 
1 55  SER n 
1 56  LYS n 
1 57  GLY n 
1 58  GLU n 
1 59  HIS n 
1 60  LYS n 
1 61  GLN n 
1 62  LYS n 
1 63  ILE n 
1 64  PHE n 
1 65  LEU n 
1 66  THR n 
1 67  ILE n 
1 68  SER n 
1 69  PHE n 
1 70  GLY n 
1 71  GLY n 
1 72  ILE n 
1 73  LYS n 
1 74  ILE n 
1 75  PHE n 
1 76  ASP n 
1 77  GLU n 
1 78  LYS n 
1 79  THR n 
1 80  GLY n 
1 81  ALA n 
1 82  LEU n 
1 83  GLN n 
1 84  HIS n 
1 85  HIS n 
1 86  HIS n 
1 87  ALA n 
1 88  VAL n 
1 89  HIS n 
1 90  GLU n 
1 91  ILE n 
1 92  SER n 
1 93  TYR n 
1 94  ILE n 
1 95  ALA n 
1 96  LYS n 
1 97  ASP n 
1 98  ILE n 
1 99  THR n 
1 100 ASP n 
1 101 HIS n 
1 102 ARG n 
1 103 ALA n 
1 104 PHE n 
1 105 GLY n 
1 106 TYR n 
1 107 VAL n 
1 108 CYS n 
1 109 GLY n 
1 110 LYS n 
1 111 GLU n 
1 112 GLY n 
1 113 ASN n 
1 114 HIS n 
1 115 ARG n 
1 116 PHE n 
1 117 VAL n 
1 118 ALA n 
1 119 ILE n 
1 120 LYS n 
1 121 THR n 
1 122 ALA n 
1 123 GLN n 
1 124 ALA n 
1 125 ALA n 
1 126 GLU n 
1 127 PRO n 
1 128 VAL n 
1 129 ILE n 
1 130 LEU n 
1 131 ASP n 
1 132 LEU n 
1 133 ARG n 
1 134 ASP n 
1 135 LEU n 
1 136 PHE n 
1 137 GLN n 
1 138 LEU n 
1 139 ILE n 
1 140 TYR n 
1 141 GLU n 
1 142 LEU n 
1 143 LYS n 
1 144 GLN n 
1 145 ARG n 
1 146 GLU n 
1 147 GLU n 
1 148 LEU n 
1 149 GLU n 
1 150 LYS n 
1 151 LYS n 
1 152 ALA n 
2 1   ASN n 
2 2   PHE n 
2 3   ASP n 
2 4   ASN n 
2 5   PRO n 
2 6   VAL n 
2 7   TYR n 
2 8   ARG n 
2 9   LYS n 
2 10  THR n 
# 
_entity_src_gen.entity_id                          1 
_entity_src_gen.pdbx_src_id                        1 
_entity_src_gen.pdbx_alt_source_flag               sample 
_entity_src_gen.pdbx_seq_type                      ? 
_entity_src_gen.pdbx_beg_seq_num                   ? 
_entity_src_gen.pdbx_end_seq_num                   ? 
_entity_src_gen.gene_src_common_name               'house mouse' 
_entity_src_gen.gene_src_genus                     Mus 
_entity_src_gen.pdbx_gene_src_gene                 DAB1 
_entity_src_gen.gene_src_species                   ? 
_entity_src_gen.gene_src_strain                    ? 
_entity_src_gen.gene_src_tissue                    ? 
_entity_src_gen.gene_src_tissue_fraction           ? 
_entity_src_gen.gene_src_details                   ? 
_entity_src_gen.pdbx_gene_src_fragment             ? 
_entity_src_gen.pdbx_gene_src_scientific_name      'Mus musculus' 
_entity_src_gen.pdbx_gene_src_ncbi_taxonomy_id     10090 
_entity_src_gen.pdbx_gene_src_variant              ? 
_entity_src_gen.pdbx_gene_src_cell_line            ? 
_entity_src_gen.pdbx_gene_src_atcc                 ? 
_entity_src_gen.pdbx_gene_src_organ                ? 
_entity_src_gen.pdbx_gene_src_organelle            ? 
_entity_src_gen.pdbx_gene_src_cell                 ? 
_entity_src_gen.pdbx_gene_src_cellular_location    ? 
_entity_src_gen.host_org_common_name               ? 
_entity_src_gen.pdbx_host_org_scientific_name      'Escherichia coli' 
_entity_src_gen.pdbx_host_org_ncbi_taxonomy_id     562 
_entity_src_gen.host_org_genus                     Escherichia 
_entity_src_gen.pdbx_host_org_gene                 ? 
_entity_src_gen.pdbx_host_org_organ                ? 
_entity_src_gen.host_org_species                   ? 
_entity_src_gen.pdbx_host_org_tissue               ? 
_entity_src_gen.pdbx_host_org_tissue_fraction      ? 
_entity_src_gen.pdbx_host_org_strain               'BL21(DE3), B834' 
_entity_src_gen.pdbx_host_org_variant              ? 
_entity_src_gen.pdbx_host_org_cell_line            ? 
_entity_src_gen.pdbx_host_org_atcc                 ? 
_entity_src_gen.pdbx_host_org_culture_collection   ? 
_entity_src_gen.pdbx_host_org_cell                 ? 
_entity_src_gen.pdbx_host_org_organelle            ? 
_entity_src_gen.pdbx_host_org_cellular_location    ? 
_entity_src_gen.pdbx_host_org_vector_type          plasmid 
_entity_src_gen.pdbx_host_org_vector               ? 
_entity_src_gen.host_org_details                   ? 
_entity_src_gen.expression_system_id               ? 
_entity_src_gen.plasmid_name                       'Gateway pDEST15' 
_entity_src_gen.plasmid_details                    ? 
_entity_src_gen.pdbx_description                   ? 
# 
_pdbx_entity_src_syn.entity_id              2 
_pdbx_entity_src_syn.pdbx_src_id            1 
_pdbx_entity_src_syn.pdbx_alt_source_flag   sample 
_pdbx_entity_src_syn.pdbx_beg_seq_num       ? 
_pdbx_entity_src_syn.pdbx_end_seq_num       ? 
_pdbx_entity_src_syn.organism_scientific    ? 
_pdbx_entity_src_syn.organism_common_name   ? 
_pdbx_entity_src_syn.ncbi_taxonomy_id       ? 
_pdbx_entity_src_syn.details                'Chemically synthesized' 
# 
loop_
_chem_comp.id 
_chem_comp.type 
_chem_comp.mon_nstd_flag 
_chem_comp.name 
_chem_comp.pdbx_synonyms 
_chem_comp.formula 
_chem_comp.formula_weight 
ALA 'L-peptide linking' y ALANINE         ? 'C3 H7 N O2'     89.093  
ARG 'L-peptide linking' y ARGININE        ? 'C6 H15 N4 O2 1' 175.209 
ASN 'L-peptide linking' y ASPARAGINE      ? 'C4 H8 N2 O3'    132.118 
ASP 'L-peptide linking' y 'ASPARTIC ACID' ? 'C4 H7 N O4'     133.103 
CYS 'L-peptide linking' y CYSTEINE        ? 'C3 H7 N O2 S'   121.158 
GLN 'L-peptide linking' y GLUTAMINE       ? 'C5 H10 N2 O3'   146.144 
GLU 'L-peptide linking' y 'GLUTAMIC ACID' ? 'C5 H9 N O4'     147.129 
GLY 'peptide linking'   y GLYCINE         ? 'C2 H5 N O2'     75.067  
HIS 'L-peptide linking' y HISTIDINE       ? 'C6 H10 N3 O2 1' 156.162 
HOH non-polymer         . WATER           ? 'H2 O'           18.015  
ILE 'L-peptide linking' y ISOLEUCINE      ? 'C6 H13 N O2'    131.173 
LEU 'L-peptide linking' y LEUCINE         ? 'C6 H13 N O2'    131.173 
LYS 'L-peptide linking' y LYSINE          ? 'C6 H15 N2 O2 1' 147.195 
MET 'L-peptide linking' y METHIONINE      ? 'C5 H11 N O2 S'  149.211 
PHE 'L-peptide linking' y PHENYLALANINE   ? 'C9 H11 N O2'    165.189 
PO4 non-polymer         . 'PHOSPHATE ION' ? 'O4 P -3'        94.971  
PRO 'L-peptide linking' y PROLINE         ? 'C5 H9 N O2'     115.130 
SER 'L-peptide linking' y SERINE          ? 'C3 H7 N O3'     105.093 
THR 'L-peptide linking' y THREONINE       ? 'C4 H9 N O3'     119.119 
TYR 'L-peptide linking' y TYROSINE        ? 'C9 H11 N O3'    181.189 
VAL 'L-peptide linking' y VALINE          ? 'C5 H11 N O2'    117.146 
# 
loop_
_pdbx_poly_seq_scheme.asym_id 
_pdbx_poly_seq_scheme.entity_id 
_pdbx_poly_seq_scheme.seq_id 
_pdbx_poly_seq_scheme.mon_id 
_pdbx_poly_seq_scheme.ndb_seq_num 
_pdbx_poly_seq_scheme.pdb_seq_num 
_pdbx_poly_seq_scheme.auth_seq_num 
_pdbx_poly_seq_scheme.pdb_mon_id 
_pdbx_poly_seq_scheme.auth_mon_id 
_pdbx_poly_seq_scheme.pdb_strand_id 
_pdbx_poly_seq_scheme.pdb_ins_code 
_pdbx_poly_seq_scheme.hetero 
A 1 1   GLY 1   23  23  GLY GLY A . n 
A 1 2   GLN 2   24  24  GLN GLN A . n 
A 1 3   ASP 3   25  25  ASP ASP A . n 
A 1 4   ARG 4   26  26  ARG ARG A . n 
A 1 5   SER 5   27  27  SER SER A . n 
A 1 6   GLU 6   28  28  GLU GLU A . n 
A 1 7   ALA 7   29  29  ALA ALA A . n 
A 1 8   THR 8   30  30  THR THR A . n 
A 1 9   LEU 9   31  31  LEU LEU A . n 
A 1 10  ILE 10  32  32  ILE ILE A . n 
A 1 11  LYS 11  33  33  LYS LYS A . n 
A 1 12  ARG 12  34  34  ARG ARG A . n 
A 1 13  PHE 13  35  35  PHE PHE A . n 
A 1 14  LYS 14  36  36  LYS LYS A . n 
A 1 15  GLY 15  37  37  GLY GLY A . n 
A 1 16  GLU 16  38  38  GLU GLU A . n 
A 1 17  GLY 17  39  39  GLY GLY A . n 
A 1 18  VAL 18  40  40  VAL VAL A . n 
A 1 19  ARG 19  41  41  ARG ARG A . n 
A 1 20  TYR 20  42  42  TYR TYR A . n 
A 1 21  LYS 21  43  43  LYS LYS A . n 
A 1 22  ALA 22  44  44  ALA ALA A . n 
A 1 23  LYS 23  45  45  LYS LYS A . n 
A 1 24  LEU 24  46  46  LEU LEU A . n 
A 1 25  ILE 25  47  47  ILE ILE A . n 
A 1 26  GLY 26  48  48  GLY GLY A . n 
A 1 27  ILE 27  49  49  ILE ILE A . n 
A 1 28  ASP 28  50  50  ASP ASP A . n 
A 1 29  GLU 29  51  51  GLU GLU A . n 
A 1 30  VAL 30  52  52  VAL VAL A . n 
A 1 31  SER 31  53  53  SER SER A . n 
A 1 32  ALA 32  54  54  ALA ALA A . n 
A 1 33  ALA 33  55  55  ALA ALA A . n 
A 1 34  ARG 34  56  56  ARG ARG A . n 
A 1 35  GLY 35  57  57  GLY GLY A . n 
A 1 36  ASP 36  58  58  ASP ASP A . n 
A 1 37  LYS 37  59  59  LYS LYS A . n 
A 1 38  LEU 38  60  60  LEU LEU A . n 
A 1 39  CYS 39  61  61  CYS CYS A . n 
A 1 40  GLN 40  62  62  GLN GLN A . n 
A 1 41  ASP 41  63  63  ASP ASP A . n 
A 1 42  SER 42  64  64  SER SER A . n 
A 1 43  MET 43  65  65  MET MET A . n 
A 1 44  MET 44  66  66  MET MET A . n 
A 1 45  LYS 45  67  67  LYS LYS A . n 
A 1 46  LEU 46  68  68  LEU LEU A . n 
A 1 47  LYS 47  69  69  LYS LYS A . n 
A 1 48  GLY 48  70  70  GLY GLY A . n 
A 1 49  VAL 49  71  71  VAL VAL A . n 
A 1 50  VAL 50  72  72  VAL VAL A . n 
A 1 51  ALA 51  73  73  ALA ALA A . n 
A 1 52  GLY 52  74  74  GLY GLY A . n 
A 1 53  ALA 53  75  75  ALA ALA A . n 
A 1 54  ARG 54  76  76  ARG ARG A . n 
A 1 55  SER 55  77  77  SER SER A . n 
A 1 56  LYS 56  78  78  LYS LYS A . n 
A 1 57  GLY 57  79  79  GLY GLY A . n 
A 1 58  GLU 58  80  80  GLU GLU A . n 
A 1 59  HIS 59  81  81  HIS HIS A . n 
A 1 60  LYS 60  82  82  LYS LYS A . n 
A 1 61  GLN 61  83  83  GLN GLN A . n 
A 1 62  LYS 62  84  84  LYS LYS A . n 
A 1 63  ILE 63  85  85  ILE ILE A . n 
A 1 64  PHE 64  86  86  PHE PHE A . n 
A 1 65  LEU 65  87  87  LEU LEU A . n 
A 1 66  THR 66  88  88  THR THR A . n 
A 1 67  ILE 67  89  89  ILE ILE A . n 
A 1 68  SER 68  90  90  SER SER A . n 
A 1 69  PHE 69  91  91  PHE PHE A . n 
A 1 70  GLY 70  92  92  GLY GLY A . n 
A 1 71  GLY 71  93  93  GLY GLY A . n 
A 1 72  ILE 72  94  94  ILE ILE A . n 
A 1 73  LYS 73  95  95  LYS LYS A . n 
A 1 74  ILE 74  96  96  ILE ILE A . n 
A 1 75  PHE 75  97  97  PHE PHE A . n 
A 1 76  ASP 76  98  98  ASP ASP A . n 
A 1 77  GLU 77  99  99  GLU GLU A . n 
A 1 78  LYS 78  100 100 LYS LYS A . n 
A 1 79  THR 79  101 101 THR THR A . n 
A 1 80  GLY 80  102 102 GLY GLY A . n 
A 1 81  ALA 81  103 103 ALA ALA A . n 
A 1 82  LEU 82  104 104 LEU LEU A . n 
A 1 83  GLN 83  105 105 GLN GLN A . n 
A 1 84  HIS 84  106 106 HIS HIS A . n 
A 1 85  HIS 85  107 107 HIS HIS A . n 
A 1 86  HIS 86  108 108 HIS HIS A . n 
A 1 87  ALA 87  109 109 ALA ALA A . n 
A 1 88  VAL 88  110 110 VAL VAL A . n 
A 1 89  HIS 89  111 111 HIS HIS A . n 
A 1 90  GLU 90  112 112 GLU GLU A . n 
A 1 91  ILE 91  113 113 ILE ILE A . n 
A 1 92  SER 92  114 114 SER SER A . n 
A 1 93  TYR 93  115 115 TYR TYR A . n 
A 1 94  ILE 94  116 116 ILE ILE A . n 
A 1 95  ALA 95  117 117 ALA ALA A . n 
A 1 96  LYS 96  118 118 LYS LYS A . n 
A 1 97  ASP 97  119 119 ASP ASP A . n 
A 1 98  ILE 98  120 120 ILE ILE A . n 
A 1 99  THR 99  121 121 THR THR A . n 
A 1 100 ASP 100 122 122 ASP ASP A . n 
A 1 101 HIS 101 123 123 HIS HIS A . n 
A 1 102 ARG 102 124 124 ARG ARG A . n 
A 1 103 ALA 103 125 125 ALA ALA A . n 
A 1 104 PHE 104 126 126 PHE PHE A . n 
A 1 105 GLY 105 127 127 GLY GLY A . n 
A 1 106 TYR 106 128 128 TYR TYR A . n 
A 1 107 VAL 107 129 129 VAL VAL A . n 
A 1 108 CYS 108 130 130 CYS CYS A . n 
A 1 109 GLY 109 131 131 GLY GLY A . n 
A 1 110 LYS 110 132 132 LYS LYS A . n 
A 1 111 GLU 111 133 133 GLU GLU A . n 
A 1 112 GLY 112 134 134 GLY GLY A . n 
A 1 113 ASN 113 135 135 ASN ASN A . n 
A 1 114 HIS 114 136 136 HIS HIS A . n 
A 1 115 ARG 115 137 137 ARG ARG A . n 
A 1 116 PHE 116 138 138 PHE PHE A . n 
A 1 117 VAL 117 139 139 VAL VAL A . n 
A 1 118 ALA 118 140 140 ALA ALA A . n 
A 1 119 ILE 119 141 141 ILE ILE A . n 
A 1 120 LYS 120 142 142 LYS LYS A . n 
A 1 121 THR 121 143 143 THR THR A . n 
A 1 122 ALA 122 144 144 ALA ALA A . n 
A 1 123 GLN 123 145 145 GLN GLN A . n 
A 1 124 ALA 124 146 146 ALA ALA A . n 
A 1 125 ALA 125 147 147 ALA ALA A . n 
A 1 126 GLU 126 148 148 GLU GLU A . n 
A 1 127 PRO 127 149 149 PRO PRO A . n 
A 1 128 VAL 128 150 150 VAL VAL A . n 
A 1 129 ILE 129 151 151 ILE ILE A . n 
A 1 130 LEU 130 152 152 LEU LEU A . n 
A 1 131 ASP 131 153 153 ASP ASP A . n 
A 1 132 LEU 132 154 154 LEU LEU A . n 
A 1 133 ARG 133 155 155 ARG ARG A . n 
A 1 134 ASP 134 156 156 ASP ASP A . n 
A 1 135 LEU 135 157 157 LEU LEU A . n 
A 1 136 PHE 136 158 158 PHE PHE A . n 
A 1 137 GLN 137 159 159 GLN GLN A . n 
A 1 138 LEU 138 160 160 LEU LEU A . n 
A 1 139 ILE 139 161 161 ILE ILE A . n 
A 1 140 TYR 140 162 162 TYR TYR A . n 
A 1 141 GLU 141 163 163 GLU GLU A . n 
A 1 142 LEU 142 164 164 LEU LEU A . n 
A 1 143 LYS 143 165 165 LYS LYS A . n 
A 1 144 GLN 144 166 166 GLN GLN A . n 
A 1 145 ARG 145 167 167 ARG ARG A . n 
A 1 146 GLU 146 168 168 GLU GLU A . n 
A 1 147 GLU 147 169 169 GLU GLU A . n 
A 1 148 LEU 148 170 170 LEU LEU A . n 
A 1 149 GLU 149 171 171 GLU GLU A . n 
A 1 150 LYS 150 172 172 LYS LYS A . n 
A 1 151 LYS 151 173 173 LYS LYS A . n 
A 1 152 ALA 152 174 174 ALA ALA A . n 
B 2 1   ASN 1   5   5   ASN ASN B . n 
B 2 2   PHE 2   6   6   PHE PHE B . n 
B 2 3   ASP 3   7   7   ASP ASP B . n 
B 2 4   ASN 4   8   8   ASN ASN B . n 
B 2 5   PRO 5   9   9   PRO PRO B . n 
B 2 6   VAL 6   10  10  VAL VAL B . n 
B 2 7   TYR 7   11  11  TYR TYR B . n 
B 2 8   ARG 8   12  12  ARG ARG B . n 
B 2 9   LYS 9   13  13  LYS LYS B . n 
B 2 10  THR 10  14  14  THR THR B . n 
# 
loop_
_pdbx_nonpoly_scheme.asym_id 
_pdbx_nonpoly_scheme.entity_id 
_pdbx_nonpoly_scheme.mon_id 
_pdbx_nonpoly_scheme.ndb_seq_num 
_pdbx_nonpoly_scheme.pdb_seq_num 
_pdbx_nonpoly_scheme.auth_seq_num 
_pdbx_nonpoly_scheme.pdb_mon_id 
_pdbx_nonpoly_scheme.auth_mon_id 
_pdbx_nonpoly_scheme.pdb_strand_id 
_pdbx_nonpoly_scheme.pdb_ins_code 
C 3 PO4 1   200 200 PO4 PO4 A . 
D 4 HOH 1   201 1   HOH HOH A . 
D 4 HOH 2   202 2   HOH HOH A . 
D 4 HOH 3   203 3   HOH HOH A . 
D 4 HOH 4   204 4   HOH HOH A . 
D 4 HOH 5   205 5   HOH HOH A . 
D 4 HOH 6   206 6   HOH HOH A . 
D 4 HOH 7   207 7   HOH HOH A . 
D 4 HOH 8   208 8   HOH HOH A . 
D 4 HOH 9   209 9   HOH HOH A . 
D 4 HOH 10  210 10  HOH HOH A . 
D 4 HOH 11  211 11  HOH HOH A . 
D 4 HOH 12  212 12  HOH HOH A . 
D 4 HOH 13  213 13  HOH HOH A . 
D 4 HOH 14  214 14  HOH HOH A . 
D 4 HOH 15  215 15  HOH HOH A . 
D 4 HOH 16  216 16  HOH HOH A . 
D 4 HOH 17  217 17  HOH HOH A . 
D 4 HOH 18  218 18  HOH HOH A . 
D 4 HOH 19  219 19  HOH HOH A . 
D 4 HOH 20  220 20  HOH HOH A . 
D 4 HOH 21  221 21  HOH HOH A . 
D 4 HOH 22  222 22  HOH HOH A . 
D 4 HOH 23  223 23  HOH HOH A . 
D 4 HOH 24  224 24  HOH HOH A . 
D 4 HOH 25  225 25  HOH HOH A . 
D 4 HOH 26  226 26  HOH HOH A . 
D 4 HOH 27  227 27  HOH HOH A . 
D 4 HOH 28  228 28  HOH HOH A . 
D 4 HOH 29  229 29  HOH HOH A . 
D 4 HOH 30  230 30  HOH HOH A . 
D 4 HOH 31  231 31  HOH HOH A . 
D 4 HOH 32  232 32  HOH HOH A . 
D 4 HOH 33  233 33  HOH HOH A . 
D 4 HOH 34  234 34  HOH HOH A . 
D 4 HOH 35  235 35  HOH HOH A . 
D 4 HOH 36  236 36  HOH HOH A . 
D 4 HOH 37  237 37  HOH HOH A . 
D 4 HOH 38  238 38  HOH HOH A . 
D 4 HOH 39  239 39  HOH HOH A . 
D 4 HOH 40  240 40  HOH HOH A . 
D 4 HOH 41  241 41  HOH HOH A . 
D 4 HOH 42  242 42  HOH HOH A . 
D 4 HOH 43  243 43  HOH HOH A . 
D 4 HOH 44  244 44  HOH HOH A . 
D 4 HOH 45  245 45  HOH HOH A . 
D 4 HOH 46  246 46  HOH HOH A . 
D 4 HOH 47  247 47  HOH HOH A . 
D 4 HOH 48  248 48  HOH HOH A . 
D 4 HOH 49  249 49  HOH HOH A . 
D 4 HOH 50  250 50  HOH HOH A . 
D 4 HOH 51  251 51  HOH HOH A . 
D 4 HOH 52  252 52  HOH HOH A . 
D 4 HOH 53  253 53  HOH HOH A . 
D 4 HOH 54  254 54  HOH HOH A . 
D 4 HOH 55  255 55  HOH HOH A . 
D 4 HOH 56  256 56  HOH HOH A . 
D 4 HOH 57  257 57  HOH HOH A . 
D 4 HOH 58  258 58  HOH HOH A . 
D 4 HOH 59  259 59  HOH HOH A . 
D 4 HOH 60  260 60  HOH HOH A . 
D 4 HOH 61  261 61  HOH HOH A . 
D 4 HOH 62  262 62  HOH HOH A . 
D 4 HOH 63  263 63  HOH HOH A . 
D 4 HOH 64  264 64  HOH HOH A . 
D 4 HOH 65  265 65  HOH HOH A . 
D 4 HOH 66  266 66  HOH HOH A . 
D 4 HOH 67  267 67  HOH HOH A . 
D 4 HOH 68  268 68  HOH HOH A . 
D 4 HOH 69  269 69  HOH HOH A . 
D 4 HOH 70  270 70  HOH HOH A . 
D 4 HOH 71  271 71  HOH HOH A . 
D 4 HOH 72  272 72  HOH HOH A . 
D 4 HOH 73  273 73  HOH HOH A . 
D 4 HOH 74  274 74  HOH HOH A . 
D 4 HOH 75  275 75  HOH HOH A . 
D 4 HOH 76  276 76  HOH HOH A . 
D 4 HOH 77  277 77  HOH HOH A . 
D 4 HOH 78  278 78  HOH HOH A . 
D 4 HOH 79  279 79  HOH HOH A . 
D 4 HOH 80  280 80  HOH HOH A . 
D 4 HOH 81  281 81  HOH HOH A . 
D 4 HOH 82  282 82  HOH HOH A . 
D 4 HOH 83  283 83  HOH HOH A . 
D 4 HOH 84  284 84  HOH HOH A . 
D 4 HOH 85  285 85  HOH HOH A . 
D 4 HOH 86  286 86  HOH HOH A . 
D 4 HOH 87  287 87  HOH HOH A . 
D 4 HOH 88  288 88  HOH HOH A . 
D 4 HOH 89  289 89  HOH HOH A . 
D 4 HOH 90  290 90  HOH HOH A . 
D 4 HOH 91  291 91  HOH HOH A . 
D 4 HOH 92  292 94  HOH HOH A . 
D 4 HOH 93  293 95  HOH HOH A . 
D 4 HOH 94  294 97  HOH HOH A . 
D 4 HOH 95  295 98  HOH HOH A . 
D 4 HOH 96  296 99  HOH HOH A . 
D 4 HOH 97  297 100 HOH HOH A . 
D 4 HOH 98  298 101 HOH HOH A . 
D 4 HOH 99  299 102 HOH HOH A . 
D 4 HOH 100 300 103 HOH HOH A . 
D 4 HOH 101 301 104 HOH HOH A . 
D 4 HOH 102 302 105 HOH HOH A . 
D 4 HOH 103 303 106 HOH HOH A . 
D 4 HOH 104 304 107 HOH HOH A . 
D 4 HOH 105 305 108 HOH HOH A . 
D 4 HOH 106 306 109 HOH HOH A . 
D 4 HOH 107 307 110 HOH HOH A . 
D 4 HOH 108 308 111 HOH HOH A . 
D 4 HOH 109 309 113 HOH HOH A . 
D 4 HOH 110 310 114 HOH HOH A . 
D 4 HOH 111 311 115 HOH HOH A . 
D 4 HOH 112 312 116 HOH HOH A . 
D 4 HOH 113 313 117 HOH HOH A . 
D 4 HOH 114 314 118 HOH HOH A . 
D 4 HOH 115 315 119 HOH HOH A . 
D 4 HOH 116 316 120 HOH HOH A . 
D 4 HOH 117 317 121 HOH HOH A . 
D 4 HOH 118 318 122 HOH HOH A . 
D 4 HOH 119 319 123 HOH HOH A . 
D 4 HOH 120 320 124 HOH HOH A . 
D 4 HOH 121 321 125 HOH HOH A . 
D 4 HOH 122 322 126 HOH HOH A . 
D 4 HOH 123 323 127 HOH HOH A . 
D 4 HOH 124 324 128 HOH HOH A . 
D 4 HOH 125 325 130 HOH HOH A . 
D 4 HOH 126 326 131 HOH HOH A . 
D 4 HOH 127 327 132 HOH HOH A . 
D 4 HOH 128 328 133 HOH HOH A . 
D 4 HOH 129 329 134 HOH HOH A . 
D 4 HOH 130 330 135 HOH HOH A . 
D 4 HOH 131 331 136 HOH HOH A . 
D 4 HOH 132 332 137 HOH HOH A . 
D 4 HOH 133 333 138 HOH HOH A . 
D 4 HOH 134 334 139 HOH HOH A . 
E 4 HOH 1   92  92  HOH HOH B . 
E 4 HOH 2   93  93  HOH HOH B . 
E 4 HOH 3   96  96  HOH HOH B . 
E 4 HOH 4   112 112 HOH HOH B . 
E 4 HOH 5   129 129 HOH HOH B . 
# 
loop_
_software.name 
_software.classification 
_software.version 
_software.citation_id 
_software.pdbx_ordinal 
DENZO     'data reduction' . ? 1 
SCALEPACK 'data scaling'   . ? 2 
CCP4      'model building' . ? 3 
CNS       refinement       . ? 4 
CCP4      phasing          . ? 5 
# 
_cell.entry_id           1NTV 
_cell.length_a           36.247 
_cell.length_b           45.724 
_cell.length_c           90.124 
_cell.angle_alpha        90.00 
_cell.angle_beta         90.00 
_cell.angle_gamma        90.00 
_cell.Z_PDB              4 
_cell.pdbx_unique_axis   ? 
# 
_symmetry.entry_id                         1NTV 
_symmetry.space_group_name_H-M             'P 21 21 21' 
_symmetry.pdbx_full_space_group_name_H-M   ? 
_symmetry.cell_setting                     ? 
_symmetry.Int_Tables_number                19 
# 
_exptl.entry_id          1NTV 
_exptl.method            'X-RAY DIFFRACTION' 
_exptl.crystals_number   2 
# 
_exptl_crystal.id                    1 
_exptl_crystal.density_meas          ? 
_exptl_crystal.density_Matthews      1.83 
_exptl_crystal.density_percent_sol   32.38 
_exptl_crystal.description           ? 
# 
_exptl_crystal_grow.crystal_id      1 
_exptl_crystal_grow.method          ? 
_exptl_crystal_grow.temp            298.0 
_exptl_crystal_grow.temp_details    ? 
_exptl_crystal_grow.pH              7.50 
_exptl_crystal_grow.pdbx_details    'HEPES, PEG8000, ethanol, pH 7.5, VAPOR DIFFUSION, HANGING DROP, temperature 25K, pH 7.50' 
_exptl_crystal_grow.pdbx_pH_range   . 
# 
loop_
_diffrn.id 
_diffrn.ambient_temp 
_diffrn.ambient_temp_details 
_diffrn.crystal_id 
1 100 ? 1 
2 ?   ? 1 
# 
_diffrn_detector.diffrn_id              1 
_diffrn_detector.detector               CCD 
_diffrn_detector.type                   'ADSC QUANTUM 4' 
_diffrn_detector.pdbx_collection_date   2002-02-22 
_diffrn_detector.details                ? 
# 
loop_
_diffrn_radiation.diffrn_id 
_diffrn_radiation.wavelength_id 
_diffrn_radiation.pdbx_monochromatic_or_laue_m_l 
_diffrn_radiation.monochromator 
_diffrn_radiation.pdbx_diffrn_protocol 
_diffrn_radiation.pdbx_scattering_type 
2 1 M ? MAD x-ray 
1 1 M ? MAD x-ray 
# 
_diffrn_radiation_wavelength.id           1 
_diffrn_radiation_wavelength.wavelength   0.909 
_diffrn_radiation_wavelength.wt           1.0 
# 
_diffrn_source.diffrn_id                   1 
_diffrn_source.source                      SYNCHROTRON 
_diffrn_source.type                        'CHESS BEAMLINE F1' 
_diffrn_source.pdbx_synchrotron_site       CHESS 
_diffrn_source.pdbx_synchrotron_beamline   F1 
_diffrn_source.pdbx_wavelength             0.909 
_diffrn_source.pdbx_wavelength_list        ? 
# 
_reflns.entry_id                     1NTV 
_reflns.observed_criterion_sigma_I   -3.0 
_reflns.observed_criterion_sigma_F   ? 
_reflns.d_resolution_low             40 
_reflns.d_resolution_high            1.5 
_reflns.number_obs                   24472 
_reflns.number_all                   ? 
_reflns.percent_possible_obs         99.5 
_reflns.pdbx_Rmerge_I_obs            0.052 
_reflns.pdbx_Rsym_value              ? 
_reflns.pdbx_netI_over_sigmaI        21.2 
_reflns.B_iso_Wilson_estimate        15.3 
_reflns.pdbx_redundancy              5 
_reflns.R_free_details               ? 
_reflns.limit_h_max                  ? 
_reflns.limit_h_min                  ? 
_reflns.limit_k_max                  ? 
_reflns.limit_k_min                  ? 
_reflns.limit_l_max                  ? 
_reflns.limit_l_min                  ? 
_reflns.observed_criterion_F_max     ? 
_reflns.observed_criterion_F_min     ? 
_reflns.pdbx_diffrn_id               2,1 
_reflns.pdbx_ordinal                 1 
# 
_reflns_shell.d_res_high             1.50 
_reflns_shell.d_res_low              1.54 
_reflns_shell.percent_possible_all   98.9 
_reflns_shell.Rmerge_I_obs           0.235 
_reflns_shell.pdbx_Rsym_value        ? 
_reflns_shell.meanI_over_sigI_obs    ? 
_reflns_shell.pdbx_redundancy        4 
_reflns_shell.percent_possible_obs   ? 
_reflns_shell.number_unique_all      ? 
_reflns_shell.pdbx_diffrn_id         ? 
_reflns_shell.pdbx_ordinal           1 
# 
_refine.entry_id                                 1NTV 
_refine.ls_number_reflns_obs                     24472 
_refine.ls_number_reflns_all                     24472 
_refine.pdbx_ls_sigma_I                          ? 
_refine.pdbx_ls_sigma_F                          0.000 
_refine.pdbx_data_cutoff_high_absF               ? 
_refine.pdbx_data_cutoff_low_absF                ? 
_refine.pdbx_data_cutoff_high_rms_absF           ? 
_refine.ls_d_res_low                             40.00 
_refine.ls_d_res_high                            1.50 
_refine.ls_percent_reflns_obs                    99.2 
_refine.ls_R_factor_obs                          0.2135 
_refine.ls_R_factor_all                          0.2135 
_refine.ls_R_factor_R_work                       0.222 
_refine.ls_R_factor_R_free                       0.245 
_refine.ls_R_factor_R_free_error                 0.005 
_refine.ls_R_factor_R_free_error_details         ? 
_refine.ls_percent_reflns_R_free                 9.9 
_refine.ls_number_reflns_R_free                  2412 
_refine.ls_number_parameters                     ? 
_refine.ls_number_restraints                     ? 
_refine.occupancy_min                            ? 
_refine.occupancy_max                            ? 
_refine.correlation_coeff_Fo_to_Fc               ? 
_refine.correlation_coeff_Fo_to_Fc_free          ? 
_refine.B_iso_mean                               19.2 
_refine.aniso_B[1][1]                            -1.00 
_refine.aniso_B[2][2]                            2.08 
_refine.aniso_B[3][3]                            -1.09 
_refine.aniso_B[1][2]                            0.00 
_refine.aniso_B[1][3]                            0.00 
_refine.aniso_B[2][3]                            0.00 
_refine.solvent_model_details                    'FLAT MODEL' 
_refine.solvent_model_param_ksol                 0.376 
_refine.solvent_model_param_bsol                 50.51 
_refine.pdbx_solvent_vdw_probe_radii             ? 
_refine.pdbx_solvent_ion_probe_radii             ? 
_refine.pdbx_solvent_shrinkage_radii             ? 
_refine.pdbx_ls_cross_valid_method               THROUGHOUT 
_refine.details                                  ? 
_refine.pdbx_starting_model                      ? 
_refine.pdbx_method_to_determine_struct          MAD 
_refine.pdbx_isotropic_thermal_model             RESTRAINED 
_refine.pdbx_stereochemistry_target_values       ? 
_refine.pdbx_stereochem_target_val_spec_case     ? 
_refine.pdbx_R_Free_selection_details            RANDOM 
_refine.pdbx_overall_ESU_R                       ? 
_refine.pdbx_overall_ESU_R_Free                  ? 
_refine.overall_SU_ML                            ? 
_refine.overall_SU_B                             ? 
_refine.ls_redundancy_reflns_obs                 ? 
_refine.B_iso_min                                ? 
_refine.B_iso_max                                ? 
_refine.overall_SU_R_Cruickshank_DPI             ? 
_refine.overall_SU_R_free                        ? 
_refine.pdbx_refine_id                           'X-RAY DIFFRACTION' 
_refine.pdbx_diffrn_id                           2 
_refine.pdbx_TLS_residual_ADP_flag               ? 
_refine.pdbx_overall_phase_error                 ? 
_refine.pdbx_overall_SU_R_free_Cruickshank_DPI   ? 
_refine.pdbx_overall_SU_R_Blow_DPI               ? 
_refine.pdbx_overall_SU_R_free_Blow_DPI          ? 
# 
_refine_analyze.entry_id                        1NTV 
_refine_analyze.Luzzati_coordinate_error_obs    0.18 
_refine_analyze.Luzzati_sigma_a_obs             -0.01 
_refine_analyze.Luzzati_d_res_low_obs           40.00 
_refine_analyze.Luzzati_coordinate_error_free   0.21 
_refine_analyze.Luzzati_sigma_a_free            0.05 
_refine_analyze.Luzzati_d_res_low_free          ? 
_refine_analyze.number_disordered_residues      ? 
_refine_analyze.occupancy_sum_hydrogen          ? 
_refine_analyze.occupancy_sum_non_hydrogen      ? 
_refine_analyze.pdbx_Luzzati_d_res_high_obs     ? 
_refine_analyze.pdbx_refine_id                  'X-RAY DIFFRACTION' 
# 
_refine_hist.pdbx_refine_id                   'X-RAY DIFFRACTION' 
_refine_hist.cycle_id                         LAST 
_refine_hist.pdbx_number_atoms_protein        1290 
_refine_hist.pdbx_number_atoms_nucleic_acid   0 
_refine_hist.pdbx_number_atoms_ligand         5 
_refine_hist.number_atoms_solvent             139 
_refine_hist.number_atoms_total               1434 
_refine_hist.d_res_high                       1.50 
_refine_hist.d_res_low                        40.00 
# 
loop_
_refine_ls_restr.type 
_refine_ls_restr.dev_ideal 
_refine_ls_restr.dev_ideal_target 
_refine_ls_restr.weight 
_refine_ls_restr.number 
_refine_ls_restr.pdbx_refine_id 
_refine_ls_restr.pdbx_restraint_function 
c_bond_d                0.004 ? ? ? 'X-RAY DIFFRACTION' ? 
c_bond_d_na             ?     ? ? ? 'X-RAY DIFFRACTION' ? 
c_bond_d_prot           ?     ? ? ? 'X-RAY DIFFRACTION' ? 
c_angle_d               ?     ? ? ? 'X-RAY DIFFRACTION' ? 
c_angle_d_na            ?     ? ? ? 'X-RAY DIFFRACTION' ? 
c_angle_d_prot          ?     ? ? ? 'X-RAY DIFFRACTION' ? 
c_angle_deg             1.2   ? ? ? 'X-RAY DIFFRACTION' ? 
c_angle_deg_na          ?     ? ? ? 'X-RAY DIFFRACTION' ? 
c_angle_deg_prot        ?     ? ? ? 'X-RAY DIFFRACTION' ? 
c_dihedral_angle_d      22.7  ? ? ? 'X-RAY DIFFRACTION' ? 
c_dihedral_angle_d_na   ?     ? ? ? 'X-RAY DIFFRACTION' ? 
c_dihedral_angle_d_prot ?     ? ? ? 'X-RAY DIFFRACTION' ? 
c_improper_angle_d      0.64  ? ? ? 'X-RAY DIFFRACTION' ? 
c_improper_angle_d_na   ?     ? ? ? 'X-RAY DIFFRACTION' ? 
c_improper_angle_d_prot ?     ? ? ? 'X-RAY DIFFRACTION' ? 
c_mcbond_it             ?     ? ? ? 'X-RAY DIFFRACTION' ? 
c_mcangle_it            ?     ? ? ? 'X-RAY DIFFRACTION' ? 
c_scbond_it             ?     ? ? ? 'X-RAY DIFFRACTION' ? 
c_scangle_it            ?     ? ? ? 'X-RAY DIFFRACTION' ? 
# 
_refine_ls_shell.pdbx_total_number_of_bins_used   12 
_refine_ls_shell.d_res_high                       1.50 
_refine_ls_shell.d_res_low                        1.54 
_refine_ls_shell.number_reflns_R_work             1669 
_refine_ls_shell.R_factor_R_work                  0.229 
_refine_ls_shell.percent_reflns_obs               93.00 
_refine_ls_shell.R_factor_R_free                  0.253 
_refine_ls_shell.R_factor_R_free_error            0.018 
_refine_ls_shell.percent_reflns_R_free            10.3 
_refine_ls_shell.number_reflns_R_free             192 
_refine_ls_shell.redundancy_reflns_obs            ? 
_refine_ls_shell.number_reflns_all                ? 
_refine_ls_shell.number_reflns_obs                ? 
_refine_ls_shell.pdbx_refine_id                   'X-RAY DIFFRACTION' 
_refine_ls_shell.R_factor_all                     ? 
# 
loop_
_pdbx_xplor_file.serial_no 
_pdbx_xplor_file.param_file 
_pdbx_xplor_file.topol_file 
_pdbx_xplor_file.pdbx_refine_id 
1 PROTEIN_REP.PARAM PROTEIN.TOP 'X-RAY DIFFRACTION' 
2 ION.PARAM         ION.TOP     'X-RAY DIFFRACTION' 
3 I3P.PAR           WATER.TOP   'X-RAY DIFFRACTION' 
4 WATER.PARAM       I3P.TOP     'X-RAY DIFFRACTION' 
# 
_struct.entry_id                  1NTV 
_struct.title                     'Crystal Structure of the Disabled-1 (Dab1) PTB domain-ApoER2 peptide complex' 
_struct.pdbx_model_details        ? 
_struct.pdbx_CASP_flag            ? 
_struct.pdbx_model_type_details   ? 
# 
_struct_keywords.entry_id        1NTV 
_struct_keywords.pdbx_keywords   'SIGNALING PROTEIN' 
_struct_keywords.text            'beta-sandwich, SIGNALING PROTEIN' 
# 
loop_
_struct_asym.id 
_struct_asym.pdbx_blank_PDB_chainid_flag 
_struct_asym.pdbx_modified 
_struct_asym.entity_id 
_struct_asym.details 
A N N 1 ? 
B N N 2 ? 
C N N 3 ? 
D N N 4 ? 
E N N 4 ? 
# 
loop_
_struct_ref.id 
_struct_ref.db_name 
_struct_ref.db_code 
_struct_ref.pdbx_db_accession 
_struct_ref.entity_id 
_struct_ref.pdbx_seq_one_letter_code 
_struct_ref.pdbx_align_begin 
_struct_ref.pdbx_db_isoform 
1 UNP DAB1_MOUSE P97318 1 
;GQDRSEATLIKRFKGEGVRYKAKLIGIDEVSAARGDKLCQDSMMKLKGVVAGARSKGEHKQKIFLTISFGGIKIFDEKTG
ALQHHHAVHEISYIAKDITDHRAFGYVCGKEGNHRFVAIKTAQAAEPVILDLRDLFQLIYELKQREELEKKA
;
23 ? 
2 PDB 1NTV       1NTV   2 ? ?  ? 
# 
loop_
_struct_ref_seq.align_id 
_struct_ref_seq.ref_id 
_struct_ref_seq.pdbx_PDB_id_code 
_struct_ref_seq.pdbx_strand_id 
_struct_ref_seq.seq_align_beg 
_struct_ref_seq.pdbx_seq_align_beg_ins_code 
_struct_ref_seq.seq_align_end 
_struct_ref_seq.pdbx_seq_align_end_ins_code 
_struct_ref_seq.pdbx_db_accession 
_struct_ref_seq.db_align_beg 
_struct_ref_seq.pdbx_db_align_beg_ins_code 
_struct_ref_seq.db_align_end 
_struct_ref_seq.pdbx_db_align_end_ins_code 
_struct_ref_seq.pdbx_auth_seq_align_beg 
_struct_ref_seq.pdbx_auth_seq_align_end 
1 1 1NTV A 1 ? 152 ? P97318 23 ? 174 ? 23 174 
2 2 1NTV B 1 ? 10  ? 1NTV   5  ? 14  ? 5  14  
# 
_pdbx_struct_assembly.id                   1 
_pdbx_struct_assembly.details              author_and_software_defined_assembly 
_pdbx_struct_assembly.method_details       PISA 
_pdbx_struct_assembly.oligomeric_details   dimeric 
_pdbx_struct_assembly.oligomeric_count     2 
# 
loop_
_pdbx_struct_assembly_prop.biol_id 
_pdbx_struct_assembly_prop.type 
_pdbx_struct_assembly_prop.value 
_pdbx_struct_assembly_prop.details 
1 'ABSA (A^2)' 1610 ? 
1 MORE         -13  ? 
1 'SSA (A^2)'  9020 ? 
# 
_pdbx_struct_assembly_gen.assembly_id       1 
_pdbx_struct_assembly_gen.oper_expression   1 
_pdbx_struct_assembly_gen.asym_id_list      A,B,C,D,E 
# 
_pdbx_struct_oper_list.id                   1 
_pdbx_struct_oper_list.type                 'identity operation' 
_pdbx_struct_oper_list.name                 1_555 
_pdbx_struct_oper_list.symmetry_operation   x,y,z 
_pdbx_struct_oper_list.matrix[1][1]         1.0000000000 
_pdbx_struct_oper_list.matrix[1][2]         0.0000000000 
_pdbx_struct_oper_list.matrix[1][3]         0.0000000000 
_pdbx_struct_oper_list.vector[1]            0.0000000000 
_pdbx_struct_oper_list.matrix[2][1]         0.0000000000 
_pdbx_struct_oper_list.matrix[2][2]         1.0000000000 
_pdbx_struct_oper_list.matrix[2][3]         0.0000000000 
_pdbx_struct_oper_list.vector[2]            0.0000000000 
_pdbx_struct_oper_list.matrix[3][1]         0.0000000000 
_pdbx_struct_oper_list.matrix[3][2]         0.0000000000 
_pdbx_struct_oper_list.matrix[3][3]         1.0000000000 
_pdbx_struct_oper_list.vector[3]            0.0000000000 
# 
_struct_biol.id                    1 
_struct_biol.pdbx_parent_biol_id   ? 
_struct_biol.details               ? 
# 
loop_
_struct_conf.conf_type_id 
_struct_conf.id 
_struct_conf.pdbx_PDB_helix_id 
_struct_conf.beg_label_comp_id 
_struct_conf.beg_label_asym_id 
_struct_conf.beg_label_seq_id 
_struct_conf.pdbx_beg_PDB_ins_code 
_struct_conf.end_label_comp_id 
_struct_conf.end_label_asym_id 
_struct_conf.end_label_seq_id 
_struct_conf.pdbx_end_PDB_ins_code 
_struct_conf.beg_auth_comp_id 
_struct_conf.beg_auth_asym_id 
_struct_conf.beg_auth_seq_id 
_struct_conf.end_auth_comp_id 
_struct_conf.end_auth_asym_id 
_struct_conf.end_auth_seq_id 
_struct_conf.pdbx_PDB_helix_class 
_struct_conf.details 
_struct_conf.pdbx_PDB_helix_length 
HELX_P HELX_P1 1 SER A 5   ? LYS A 14  ? SER A 27  LYS A 36  1 ? 10 
HELX_P HELX_P2 2 GLY A 35  ? SER A 55  ? GLY A 57  SER A 77  1 ? 21 
HELX_P HELX_P3 3 ALA A 87  ? HIS A 89  ? ALA A 109 HIS A 111 5 ? 3  
HELX_P HELX_P4 4 ALA A 125 ? ARG A 145 ? ALA A 147 ARG A 167 1 ? 21 
HELX_P HELX_P5 5 GLU A 147 ? ALA A 152 ? GLU A 169 ALA A 174 1 ? 6  
# 
_struct_conf_type.id          HELX_P 
_struct_conf_type.criteria    ? 
_struct_conf_type.reference   ? 
# 
_struct_sheet.id               A 
_struct_sheet.type             ? 
_struct_sheet.number_strands   8 
_struct_sheet.details          ? 
# 
loop_
_struct_sheet_order.sheet_id 
_struct_sheet_order.range_id_1 
_struct_sheet_order.range_id_2 
_struct_sheet_order.offset 
_struct_sheet_order.sense 
A 1 2 ? anti-parallel 
A 2 3 ? anti-parallel 
A 3 4 ? anti-parallel 
A 4 5 ? anti-parallel 
A 5 6 ? anti-parallel 
A 6 7 ? anti-parallel 
A 7 8 ? anti-parallel 
# 
loop_
_struct_sheet_range.sheet_id 
_struct_sheet_range.id 
_struct_sheet_range.beg_label_comp_id 
_struct_sheet_range.beg_label_asym_id 
_struct_sheet_range.beg_label_seq_id 
_struct_sheet_range.pdbx_beg_PDB_ins_code 
_struct_sheet_range.end_label_comp_id 
_struct_sheet_range.end_label_asym_id 
_struct_sheet_range.end_label_seq_id 
_struct_sheet_range.pdbx_end_PDB_ins_code 
_struct_sheet_range.beg_auth_comp_id 
_struct_sheet_range.beg_auth_asym_id 
_struct_sheet_range.beg_auth_seq_id 
_struct_sheet_range.end_auth_comp_id 
_struct_sheet_range.end_auth_asym_id 
_struct_sheet_range.end_auth_seq_id 
A 1 LEU A 82  ? HIS A 86  ? LEU A 104 HIS A 108 
A 2 GLY A 71  ? ASP A 76  ? GLY A 93  ASP A 98  
A 3 GLN A 61  ? SER A 68  ? GLN A 83  SER A 90  
A 4 VAL A 18  ? GLU A 29  ? VAL A 40  GLU A 51  
A 5 ARG A 115 ? THR A 121 ? ARG A 137 THR A 143 
A 6 ALA A 103 ? CYS A 108 ? ALA A 125 CYS A 130 
A 7 ILE A 91  ? LYS A 96  ? ILE A 113 LYS A 118 
A 8 PHE B 2   ? ASP B 3   ? PHE B 6   ASP B 7   
# 
loop_
_pdbx_struct_sheet_hbond.sheet_id 
_pdbx_struct_sheet_hbond.range_id_1 
_pdbx_struct_sheet_hbond.range_id_2 
_pdbx_struct_sheet_hbond.range_1_label_atom_id 
_pdbx_struct_sheet_hbond.range_1_label_comp_id 
_pdbx_struct_sheet_hbond.range_1_label_asym_id 
_pdbx_struct_sheet_hbond.range_1_label_seq_id 
_pdbx_struct_sheet_hbond.range_1_PDB_ins_code 
_pdbx_struct_sheet_hbond.range_1_auth_atom_id 
_pdbx_struct_sheet_hbond.range_1_auth_comp_id 
_pdbx_struct_sheet_hbond.range_1_auth_asym_id 
_pdbx_struct_sheet_hbond.range_1_auth_seq_id 
_pdbx_struct_sheet_hbond.range_2_label_atom_id 
_pdbx_struct_sheet_hbond.range_2_label_comp_id 
_pdbx_struct_sheet_hbond.range_2_label_asym_id 
_pdbx_struct_sheet_hbond.range_2_label_seq_id 
_pdbx_struct_sheet_hbond.range_2_PDB_ins_code 
_pdbx_struct_sheet_hbond.range_2_auth_atom_id 
_pdbx_struct_sheet_hbond.range_2_auth_comp_id 
_pdbx_struct_sheet_hbond.range_2_auth_asym_id 
_pdbx_struct_sheet_hbond.range_2_auth_seq_id 
A 1 2 O GLN A 83  ? O GLN A 105 N ILE A 74  ? N ILE A 96  
A 2 3 O PHE A 75  ? O PHE A 97  N PHE A 64  ? N PHE A 86  
A 3 4 O ILE A 63  ? O ILE A 85  N ALA A 22  ? N ALA A 44  
A 4 5 N ASP A 28  ? N ASP A 50  O PHE A 116 ? O PHE A 138 
A 5 6 O ILE A 119 ? O ILE A 141 N PHE A 104 ? N PHE A 126 
A 6 7 O GLY A 105 ? O GLY A 127 N ALA A 95  ? N ALA A 117 
A 7 8 N ILE A 94  ? N ILE A 116 O PHE B 2   ? O PHE B 6   
# 
_struct_site.id                   AC1 
_struct_site.pdbx_evidence_code   Software 
_struct_site.pdbx_auth_asym_id    A 
_struct_site.pdbx_auth_comp_id    PO4 
_struct_site.pdbx_auth_seq_id     200 
_struct_site.pdbx_auth_ins_code   ? 
_struct_site.pdbx_num_residues    7 
_struct_site.details              'BINDING SITE FOR RESIDUE PO4 A 200' 
# 
loop_
_struct_site_gen.id 
_struct_site_gen.site_id 
_struct_site_gen.pdbx_num_res 
_struct_site_gen.label_comp_id 
_struct_site_gen.label_asym_id 
_struct_site_gen.label_seq_id 
_struct_site_gen.pdbx_auth_ins_code 
_struct_site_gen.auth_comp_id 
_struct_site_gen.auth_asym_id 
_struct_site_gen.auth_seq_id 
_struct_site_gen.label_atom_id 
_struct_site_gen.label_alt_id 
_struct_site_gen.symmetry 
_struct_site_gen.details 
1 AC1 7 LYS A 23 ? LYS A 45  . ? 1_555 ? 
2 AC1 7 HIS A 59 ? HIS A 81  . ? 1_555 ? 
3 AC1 7 LYS A 60 ? LYS A 82  . ? 1_555 ? 
4 AC1 7 HOH D .  ? HOH A 218 . ? 1_555 ? 
5 AC1 7 HOH D .  ? HOH A 297 . ? 1_555 ? 
6 AC1 7 HOH D .  ? HOH A 318 . ? 1_555 ? 
7 AC1 7 HOH D .  ? HOH A 324 . ? 1_555 ? 
# 
_pdbx_validate_torsion.id              1 
_pdbx_validate_torsion.PDB_model_num   1 
_pdbx_validate_torsion.auth_comp_id    GLN 
_pdbx_validate_torsion.auth_asym_id    A 
_pdbx_validate_torsion.auth_seq_id     145 
_pdbx_validate_torsion.PDB_ins_code    ? 
_pdbx_validate_torsion.label_alt_id    ? 
_pdbx_validate_torsion.phi             -113.17 
_pdbx_validate_torsion.psi             -164.29 
# 
loop_
_chem_comp_atom.comp_id 
_chem_comp_atom.atom_id 
_chem_comp_atom.type_symbol 
_chem_comp_atom.pdbx_aromatic_flag 
_chem_comp_atom.pdbx_stereo_config 
_chem_comp_atom.pdbx_ordinal 
ALA N    N N N 1   
ALA CA   C N S 2   
ALA C    C N N 3   
ALA O    O N N 4   
ALA CB   C N N 5   
ALA OXT  O N N 6   
ALA H    H N N 7   
ALA H2   H N N 8   
ALA HA   H N N 9   
ALA HB1  H N N 10  
ALA HB2  H N N 11  
ALA HB3  H N N 12  
ALA HXT  H N N 13  
ARG N    N N N 14  
ARG CA   C N S 15  
ARG C    C N N 16  
ARG O    O N N 17  
ARG CB   C N N 18  
ARG CG   C N N 19  
ARG CD   C N N 20  
ARG NE   N N N 21  
ARG CZ   C N N 22  
ARG NH1  N N N 23  
ARG NH2  N N N 24  
ARG OXT  O N N 25  
ARG H    H N N 26  
ARG H2   H N N 27  
ARG HA   H N N 28  
ARG HB2  H N N 29  
ARG HB3  H N N 30  
ARG HG2  H N N 31  
ARG HG3  H N N 32  
ARG HD2  H N N 33  
ARG HD3  H N N 34  
ARG HE   H N N 35  
ARG HH11 H N N 36  
ARG HH12 H N N 37  
ARG HH21 H N N 38  
ARG HH22 H N N 39  
ARG HXT  H N N 40  
ASN N    N N N 41  
ASN CA   C N S 42  
ASN C    C N N 43  
ASN O    O N N 44  
ASN CB   C N N 45  
ASN CG   C N N 46  
ASN OD1  O N N 47  
ASN ND2  N N N 48  
ASN OXT  O N N 49  
ASN H    H N N 50  
ASN H2   H N N 51  
ASN HA   H N N 52  
ASN HB2  H N N 53  
ASN HB3  H N N 54  
ASN HD21 H N N 55  
ASN HD22 H N N 56  
ASN HXT  H N N 57  
ASP N    N N N 58  
ASP CA   C N S 59  
ASP C    C N N 60  
ASP O    O N N 61  
ASP CB   C N N 62  
ASP CG   C N N 63  
ASP OD1  O N N 64  
ASP OD2  O N N 65  
ASP OXT  O N N 66  
ASP H    H N N 67  
ASP H2   H N N 68  
ASP HA   H N N 69  
ASP HB2  H N N 70  
ASP HB3  H N N 71  
ASP HD2  H N N 72  
ASP HXT  H N N 73  
CYS N    N N N 74  
CYS CA   C N R 75  
CYS C    C N N 76  
CYS O    O N N 77  
CYS CB   C N N 78  
CYS SG   S N N 79  
CYS OXT  O N N 80  
CYS H    H N N 81  
CYS H2   H N N 82  
CYS HA   H N N 83  
CYS HB2  H N N 84  
CYS HB3  H N N 85  
CYS HG   H N N 86  
CYS HXT  H N N 87  
GLN N    N N N 88  
GLN CA   C N S 89  
GLN C    C N N 90  
GLN O    O N N 91  
GLN CB   C N N 92  
GLN CG   C N N 93  
GLN CD   C N N 94  
GLN OE1  O N N 95  
GLN NE2  N N N 96  
GLN OXT  O N N 97  
GLN H    H N N 98  
GLN H2   H N N 99  
GLN HA   H N N 100 
GLN HB2  H N N 101 
GLN HB3  H N N 102 
GLN HG2  H N N 103 
GLN HG3  H N N 104 
GLN HE21 H N N 105 
GLN HE22 H N N 106 
GLN HXT  H N N 107 
GLU N    N N N 108 
GLU CA   C N S 109 
GLU C    C N N 110 
GLU O    O N N 111 
GLU CB   C N N 112 
GLU CG   C N N 113 
GLU CD   C N N 114 
GLU OE1  O N N 115 
GLU OE2  O N N 116 
GLU OXT  O N N 117 
GLU H    H N N 118 
GLU H2   H N N 119 
GLU HA   H N N 120 
GLU HB2  H N N 121 
GLU HB3  H N N 122 
GLU HG2  H N N 123 
GLU HG3  H N N 124 
GLU HE2  H N N 125 
GLU HXT  H N N 126 
GLY N    N N N 127 
GLY CA   C N N 128 
GLY C    C N N 129 
GLY O    O N N 130 
GLY OXT  O N N 131 
GLY H    H N N 132 
GLY H2   H N N 133 
GLY HA2  H N N 134 
GLY HA3  H N N 135 
GLY HXT  H N N 136 
HIS N    N N N 137 
HIS CA   C N S 138 
HIS C    C N N 139 
HIS O    O N N 140 
HIS CB   C N N 141 
HIS CG   C Y N 142 
HIS ND1  N Y N 143 
HIS CD2  C Y N 144 
HIS CE1  C Y N 145 
HIS NE2  N Y N 146 
HIS OXT  O N N 147 
HIS H    H N N 148 
HIS H2   H N N 149 
HIS HA   H N N 150 
HIS HB2  H N N 151 
HIS HB3  H N N 152 
HIS HD1  H N N 153 
HIS HD2  H N N 154 
HIS HE1  H N N 155 
HIS HE2  H N N 156 
HIS HXT  H N N 157 
HOH O    O N N 158 
HOH H1   H N N 159 
HOH H2   H N N 160 
ILE N    N N N 161 
ILE CA   C N S 162 
ILE C    C N N 163 
ILE O    O N N 164 
ILE CB   C N S 165 
ILE CG1  C N N 166 
ILE CG2  C N N 167 
ILE CD1  C N N 168 
ILE OXT  O N N 169 
ILE H    H N N 170 
ILE H2   H N N 171 
ILE HA   H N N 172 
ILE HB   H N N 173 
ILE HG12 H N N 174 
ILE HG13 H N N 175 
ILE HG21 H N N 176 
ILE HG22 H N N 177 
ILE HG23 H N N 178 
ILE HD11 H N N 179 
ILE HD12 H N N 180 
ILE HD13 H N N 181 
ILE HXT  H N N 182 
LEU N    N N N 183 
LEU CA   C N S 184 
LEU C    C N N 185 
LEU O    O N N 186 
LEU CB   C N N 187 
LEU CG   C N N 188 
LEU CD1  C N N 189 
LEU CD2  C N N 190 
LEU OXT  O N N 191 
LEU H    H N N 192 
LEU H2   H N N 193 
LEU HA   H N N 194 
LEU HB2  H N N 195 
LEU HB3  H N N 196 
LEU HG   H N N 197 
LEU HD11 H N N 198 
LEU HD12 H N N 199 
LEU HD13 H N N 200 
LEU HD21 H N N 201 
LEU HD22 H N N 202 
LEU HD23 H N N 203 
LEU HXT  H N N 204 
LYS N    N N N 205 
LYS CA   C N S 206 
LYS C    C N N 207 
LYS O    O N N 208 
LYS CB   C N N 209 
LYS CG   C N N 210 
LYS CD   C N N 211 
LYS CE   C N N 212 
LYS NZ   N N N 213 
LYS OXT  O N N 214 
LYS H    H N N 215 
LYS H2   H N N 216 
LYS HA   H N N 217 
LYS HB2  H N N 218 
LYS HB3  H N N 219 
LYS HG2  H N N 220 
LYS HG3  H N N 221 
LYS HD2  H N N 222 
LYS HD3  H N N 223 
LYS HE2  H N N 224 
LYS HE3  H N N 225 
LYS HZ1  H N N 226 
LYS HZ2  H N N 227 
LYS HZ3  H N N 228 
LYS HXT  H N N 229 
MET N    N N N 230 
MET CA   C N S 231 
MET C    C N N 232 
MET O    O N N 233 
MET CB   C N N 234 
MET CG   C N N 235 
MET SD   S N N 236 
MET CE   C N N 237 
MET OXT  O N N 238 
MET H    H N N 239 
MET H2   H N N 240 
MET HA   H N N 241 
MET HB2  H N N 242 
MET HB3  H N N 243 
MET HG2  H N N 244 
MET HG3  H N N 245 
MET HE1  H N N 246 
MET HE2  H N N 247 
MET HE3  H N N 248 
MET HXT  H N N 249 
PHE N    N N N 250 
PHE CA   C N S 251 
PHE C    C N N 252 
PHE O    O N N 253 
PHE CB   C N N 254 
PHE CG   C Y N 255 
PHE CD1  C Y N 256 
PHE CD2  C Y N 257 
PHE CE1  C Y N 258 
PHE CE2  C Y N 259 
PHE CZ   C Y N 260 
PHE OXT  O N N 261 
PHE H    H N N 262 
PHE H2   H N N 263 
PHE HA   H N N 264 
PHE HB2  H N N 265 
PHE HB3  H N N 266 
PHE HD1  H N N 267 
PHE HD2  H N N 268 
PHE HE1  H N N 269 
PHE HE2  H N N 270 
PHE HZ   H N N 271 
PHE HXT  H N N 272 
PO4 P    P N N 273 
PO4 O1   O N N 274 
PO4 O2   O N N 275 
PO4 O3   O N N 276 
PO4 O4   O N N 277 
PRO N    N N N 278 
PRO CA   C N S 279 
PRO C    C N N 280 
PRO O    O N N 281 
PRO CB   C N N 282 
PRO CG   C N N 283 
PRO CD   C N N 284 
PRO OXT  O N N 285 
PRO H    H N N 286 
PRO HA   H N N 287 
PRO HB2  H N N 288 
PRO HB3  H N N 289 
PRO HG2  H N N 290 
PRO HG3  H N N 291 
PRO HD2  H N N 292 
PRO HD3  H N N 293 
PRO HXT  H N N 294 
SER N    N N N 295 
SER CA   C N S 296 
SER C    C N N 297 
SER O    O N N 298 
SER CB   C N N 299 
SER OG   O N N 300 
SER OXT  O N N 301 
SER H    H N N 302 
SER H2   H N N 303 
SER HA   H N N 304 
SER HB2  H N N 305 
SER HB3  H N N 306 
SER HG   H N N 307 
SER HXT  H N N 308 
THR N    N N N 309 
THR CA   C N S 310 
THR C    C N N 311 
THR O    O N N 312 
THR CB   C N R 313 
THR OG1  O N N 314 
THR CG2  C N N 315 
THR OXT  O N N 316 
THR H    H N N 317 
THR H2   H N N 318 
THR HA   H N N 319 
THR HB   H N N 320 
THR HG1  H N N 321 
THR HG21 H N N 322 
THR HG22 H N N 323 
THR HG23 H N N 324 
THR HXT  H N N 325 
TYR N    N N N 326 
TYR CA   C N S 327 
TYR C    C N N 328 
TYR O    O N N 329 
TYR CB   C N N 330 
TYR CG   C Y N 331 
TYR CD1  C Y N 332 
TYR CD2  C Y N 333 
TYR CE1  C Y N 334 
TYR CE2  C Y N 335 
TYR CZ   C Y N 336 
TYR OH   O N N 337 
TYR OXT  O N N 338 
TYR H    H N N 339 
TYR H2   H N N 340 
TYR HA   H N N 341 
TYR HB2  H N N 342 
TYR HB3  H N N 343 
TYR HD1  H N N 344 
TYR HD2  H N N 345 
TYR HE1  H N N 346 
TYR HE2  H N N 347 
TYR HH   H N N 348 
TYR HXT  H N N 349 
VAL N    N N N 350 
VAL CA   C N S 351 
VAL C    C N N 352 
VAL O    O N N 353 
VAL CB   C N N 354 
VAL CG1  C N N 355 
VAL CG2  C N N 356 
VAL OXT  O N N 357 
VAL H    H N N 358 
VAL H2   H N N 359 
VAL HA   H N N 360 
VAL HB   H N N 361 
VAL HG11 H N N 362 
VAL HG12 H N N 363 
VAL HG13 H N N 364 
VAL HG21 H N N 365 
VAL HG22 H N N 366 
VAL HG23 H N N 367 
VAL HXT  H N N 368 
# 
loop_
_chem_comp_bond.comp_id 
_chem_comp_bond.atom_id_1 
_chem_comp_bond.atom_id_2 
_chem_comp_bond.value_order 
_chem_comp_bond.pdbx_aromatic_flag 
_chem_comp_bond.pdbx_stereo_config 
_chem_comp_bond.pdbx_ordinal 
ALA N   CA   sing N N 1   
ALA N   H    sing N N 2   
ALA N   H2   sing N N 3   
ALA CA  C    sing N N 4   
ALA CA  CB   sing N N 5   
ALA CA  HA   sing N N 6   
ALA C   O    doub N N 7   
ALA C   OXT  sing N N 8   
ALA CB  HB1  sing N N 9   
ALA CB  HB2  sing N N 10  
ALA CB  HB3  sing N N 11  
ALA OXT HXT  sing N N 12  
ARG N   CA   sing N N 13  
ARG N   H    sing N N 14  
ARG N   H2   sing N N 15  
ARG CA  C    sing N N 16  
ARG CA  CB   sing N N 17  
ARG CA  HA   sing N N 18  
ARG C   O    doub N N 19  
ARG C   OXT  sing N N 20  
ARG CB  CG   sing N N 21  
ARG CB  HB2  sing N N 22  
ARG CB  HB3  sing N N 23  
ARG CG  CD   sing N N 24  
ARG CG  HG2  sing N N 25  
ARG CG  HG3  sing N N 26  
ARG CD  NE   sing N N 27  
ARG CD  HD2  sing N N 28  
ARG CD  HD3  sing N N 29  
ARG NE  CZ   sing N N 30  
ARG NE  HE   sing N N 31  
ARG CZ  NH1  sing N N 32  
ARG CZ  NH2  doub N N 33  
ARG NH1 HH11 sing N N 34  
ARG NH1 HH12 sing N N 35  
ARG NH2 HH21 sing N N 36  
ARG NH2 HH22 sing N N 37  
ARG OXT HXT  sing N N 38  
ASN N   CA   sing N N 39  
ASN N   H    sing N N 40  
ASN N   H2   sing N N 41  
ASN CA  C    sing N N 42  
ASN CA  CB   sing N N 43  
ASN CA  HA   sing N N 44  
ASN C   O    doub N N 45  
ASN C   OXT  sing N N 46  
ASN CB  CG   sing N N 47  
ASN CB  HB2  sing N N 48  
ASN CB  HB3  sing N N 49  
ASN CG  OD1  doub N N 50  
ASN CG  ND2  sing N N 51  
ASN ND2 HD21 sing N N 52  
ASN ND2 HD22 sing N N 53  
ASN OXT HXT  sing N N 54  
ASP N   CA   sing N N 55  
ASP N   H    sing N N 56  
ASP N   H2   sing N N 57  
ASP CA  C    sing N N 58  
ASP CA  CB   sing N N 59  
ASP CA  HA   sing N N 60  
ASP C   O    doub N N 61  
ASP C   OXT  sing N N 62  
ASP CB  CG   sing N N 63  
ASP CB  HB2  sing N N 64  
ASP CB  HB3  sing N N 65  
ASP CG  OD1  doub N N 66  
ASP CG  OD2  sing N N 67  
ASP OD2 HD2  sing N N 68  
ASP OXT HXT  sing N N 69  
CYS N   CA   sing N N 70  
CYS N   H    sing N N 71  
CYS N   H2   sing N N 72  
CYS CA  C    sing N N 73  
CYS CA  CB   sing N N 74  
CYS CA  HA   sing N N 75  
CYS C   O    doub N N 76  
CYS C   OXT  sing N N 77  
CYS CB  SG   sing N N 78  
CYS CB  HB2  sing N N 79  
CYS CB  HB3  sing N N 80  
CYS SG  HG   sing N N 81  
CYS OXT HXT  sing N N 82  
GLN N   CA   sing N N 83  
GLN N   H    sing N N 84  
GLN N   H2   sing N N 85  
GLN CA  C    sing N N 86  
GLN CA  CB   sing N N 87  
GLN CA  HA   sing N N 88  
GLN C   O    doub N N 89  
GLN C   OXT  sing N N 90  
GLN CB  CG   sing N N 91  
GLN CB  HB2  sing N N 92  
GLN CB  HB3  sing N N 93  
GLN CG  CD   sing N N 94  
GLN CG  HG2  sing N N 95  
GLN CG  HG3  sing N N 96  
GLN CD  OE1  doub N N 97  
GLN CD  NE2  sing N N 98  
GLN NE2 HE21 sing N N 99  
GLN NE2 HE22 sing N N 100 
GLN OXT HXT  sing N N 101 
GLU N   CA   sing N N 102 
GLU N   H    sing N N 103 
GLU N   H2   sing N N 104 
GLU CA  C    sing N N 105 
GLU CA  CB   sing N N 106 
GLU CA  HA   sing N N 107 
GLU C   O    doub N N 108 
GLU C   OXT  sing N N 109 
GLU CB  CG   sing N N 110 
GLU CB  HB2  sing N N 111 
GLU CB  HB3  sing N N 112 
GLU CG  CD   sing N N 113 
GLU CG  HG2  sing N N 114 
GLU CG  HG3  sing N N 115 
GLU CD  OE1  doub N N 116 
GLU CD  OE2  sing N N 117 
GLU OE2 HE2  sing N N 118 
GLU OXT HXT  sing N N 119 
GLY N   CA   sing N N 120 
GLY N   H    sing N N 121 
GLY N   H2   sing N N 122 
GLY CA  C    sing N N 123 
GLY CA  HA2  sing N N 124 
GLY CA  HA3  sing N N 125 
GLY C   O    doub N N 126 
GLY C   OXT  sing N N 127 
GLY OXT HXT  sing N N 128 
HIS N   CA   sing N N 129 
HIS N   H    sing N N 130 
HIS N   H2   sing N N 131 
HIS CA  C    sing N N 132 
HIS CA  CB   sing N N 133 
HIS CA  HA   sing N N 134 
HIS C   O    doub N N 135 
HIS C   OXT  sing N N 136 
HIS CB  CG   sing N N 137 
HIS CB  HB2  sing N N 138 
HIS CB  HB3  sing N N 139 
HIS CG  ND1  sing Y N 140 
HIS CG  CD2  doub Y N 141 
HIS ND1 CE1  doub Y N 142 
HIS ND1 HD1  sing N N 143 
HIS CD2 NE2  sing Y N 144 
HIS CD2 HD2  sing N N 145 
HIS CE1 NE2  sing Y N 146 
HIS CE1 HE1  sing N N 147 
HIS NE2 HE2  sing N N 148 
HIS OXT HXT  sing N N 149 
HOH O   H1   sing N N 150 
HOH O   H2   sing N N 151 
ILE N   CA   sing N N 152 
ILE N   H    sing N N 153 
ILE N   H2   sing N N 154 
ILE CA  C    sing N N 155 
ILE CA  CB   sing N N 156 
ILE CA  HA   sing N N 157 
ILE C   O    doub N N 158 
ILE C   OXT  sing N N 159 
ILE CB  CG1  sing N N 160 
ILE CB  CG2  sing N N 161 
ILE CB  HB   sing N N 162 
ILE CG1 CD1  sing N N 163 
ILE CG1 HG12 sing N N 164 
ILE CG1 HG13 sing N N 165 
ILE CG2 HG21 sing N N 166 
ILE CG2 HG22 sing N N 167 
ILE CG2 HG23 sing N N 168 
ILE CD1 HD11 sing N N 169 
ILE CD1 HD12 sing N N 170 
ILE CD1 HD13 sing N N 171 
ILE OXT HXT  sing N N 172 
LEU N   CA   sing N N 173 
LEU N   H    sing N N 174 
LEU N   H2   sing N N 175 
LEU CA  C    sing N N 176 
LEU CA  CB   sing N N 177 
LEU CA  HA   sing N N 178 
LEU C   O    doub N N 179 
LEU C   OXT  sing N N 180 
LEU CB  CG   sing N N 181 
LEU CB  HB2  sing N N 182 
LEU CB  HB3  sing N N 183 
LEU CG  CD1  sing N N 184 
LEU CG  CD2  sing N N 185 
LEU CG  HG   sing N N 186 
LEU CD1 HD11 sing N N 187 
LEU CD1 HD12 sing N N 188 
LEU CD1 HD13 sing N N 189 
LEU CD2 HD21 sing N N 190 
LEU CD2 HD22 sing N N 191 
LEU CD2 HD23 sing N N 192 
LEU OXT HXT  sing N N 193 
LYS N   CA   sing N N 194 
LYS N   H    sing N N 195 
LYS N   H2   sing N N 196 
LYS CA  C    sing N N 197 
LYS CA  CB   sing N N 198 
LYS CA  HA   sing N N 199 
LYS C   O    doub N N 200 
LYS C   OXT  sing N N 201 
LYS CB  CG   sing N N 202 
LYS CB  HB2  sing N N 203 
LYS CB  HB3  sing N N 204 
LYS CG  CD   sing N N 205 
LYS CG  HG2  sing N N 206 
LYS CG  HG3  sing N N 207 
LYS CD  CE   sing N N 208 
LYS CD  HD2  sing N N 209 
LYS CD  HD3  sing N N 210 
LYS CE  NZ   sing N N 211 
LYS CE  HE2  sing N N 212 
LYS CE  HE3  sing N N 213 
LYS NZ  HZ1  sing N N 214 
LYS NZ  HZ2  sing N N 215 
LYS NZ  HZ3  sing N N 216 
LYS OXT HXT  sing N N 217 
MET N   CA   sing N N 218 
MET N   H    sing N N 219 
MET N   H2   sing N N 220 
MET CA  C    sing N N 221 
MET CA  CB   sing N N 222 
MET CA  HA   sing N N 223 
MET C   O    doub N N 224 
MET C   OXT  sing N N 225 
MET CB  CG   sing N N 226 
MET CB  HB2  sing N N 227 
MET CB  HB3  sing N N 228 
MET CG  SD   sing N N 229 
MET CG  HG2  sing N N 230 
MET CG  HG3  sing N N 231 
MET SD  CE   sing N N 232 
MET CE  HE1  sing N N 233 
MET CE  HE2  sing N N 234 
MET CE  HE3  sing N N 235 
MET OXT HXT  sing N N 236 
PHE N   CA   sing N N 237 
PHE N   H    sing N N 238 
PHE N   H2   sing N N 239 
PHE CA  C    sing N N 240 
PHE CA  CB   sing N N 241 
PHE CA  HA   sing N N 242 
PHE C   O    doub N N 243 
PHE C   OXT  sing N N 244 
PHE CB  CG   sing N N 245 
PHE CB  HB2  sing N N 246 
PHE CB  HB3  sing N N 247 
PHE CG  CD1  doub Y N 248 
PHE CG  CD2  sing Y N 249 
PHE CD1 CE1  sing Y N 250 
PHE CD1 HD1  sing N N 251 
PHE CD2 CE2  doub Y N 252 
PHE CD2 HD2  sing N N 253 
PHE CE1 CZ   doub Y N 254 
PHE CE1 HE1  sing N N 255 
PHE CE2 CZ   sing Y N 256 
PHE CE2 HE2  sing N N 257 
PHE CZ  HZ   sing N N 258 
PHE OXT HXT  sing N N 259 
PO4 P   O1   doub N N 260 
PO4 P   O2   sing N N 261 
PO4 P   O3   sing N N 262 
PO4 P   O4   sing N N 263 
PRO N   CA   sing N N 264 
PRO N   CD   sing N N 265 
PRO N   H    sing N N 266 
PRO CA  C    sing N N 267 
PRO CA  CB   sing N N 268 
PRO CA  HA   sing N N 269 
PRO C   O    doub N N 270 
PRO C   OXT  sing N N 271 
PRO CB  CG   sing N N 272 
PRO CB  HB2  sing N N 273 
PRO CB  HB3  sing N N 274 
PRO CG  CD   sing N N 275 
PRO CG  HG2  sing N N 276 
PRO CG  HG3  sing N N 277 
PRO CD  HD2  sing N N 278 
PRO CD  HD3  sing N N 279 
PRO OXT HXT  sing N N 280 
SER N   CA   sing N N 281 
SER N   H    sing N N 282 
SER N   H2   sing N N 283 
SER CA  C    sing N N 284 
SER CA  CB   sing N N 285 
SER CA  HA   sing N N 286 
SER C   O    doub N N 287 
SER C   OXT  sing N N 288 
SER CB  OG   sing N N 289 
SER CB  HB2  sing N N 290 
SER CB  HB3  sing N N 291 
SER OG  HG   sing N N 292 
SER OXT HXT  sing N N 293 
THR N   CA   sing N N 294 
THR N   H    sing N N 295 
THR N   H2   sing N N 296 
THR CA  C    sing N N 297 
THR CA  CB   sing N N 298 
THR CA  HA   sing N N 299 
THR C   O    doub N N 300 
THR C   OXT  sing N N 301 
THR CB  OG1  sing N N 302 
THR CB  CG2  sing N N 303 
THR CB  HB   sing N N 304 
THR OG1 HG1  sing N N 305 
THR CG2 HG21 sing N N 306 
THR CG2 HG22 sing N N 307 
THR CG2 HG23 sing N N 308 
THR OXT HXT  sing N N 309 
TYR N   CA   sing N N 310 
TYR N   H    sing N N 311 
TYR N   H2   sing N N 312 
TYR CA  C    sing N N 313 
TYR CA  CB   sing N N 314 
TYR CA  HA   sing N N 315 
TYR C   O    doub N N 316 
TYR C   OXT  sing N N 317 
TYR CB  CG   sing N N 318 
TYR CB  HB2  sing N N 319 
TYR CB  HB3  sing N N 320 
TYR CG  CD1  doub Y N 321 
TYR CG  CD2  sing Y N 322 
TYR CD1 CE1  sing Y N 323 
TYR CD1 HD1  sing N N 324 
TYR CD2 CE2  doub Y N 325 
TYR CD2 HD2  sing N N 326 
TYR CE1 CZ   doub Y N 327 
TYR CE1 HE1  sing N N 328 
TYR CE2 CZ   sing Y N 329 
TYR CE2 HE2  sing N N 330 
TYR CZ  OH   sing N N 331 
TYR OH  HH   sing N N 332 
TYR OXT HXT  sing N N 333 
VAL N   CA   sing N N 334 
VAL N   H    sing N N 335 
VAL N   H2   sing N N 336 
VAL CA  C    sing N N 337 
VAL CA  CB   sing N N 338 
VAL CA  HA   sing N N 339 
VAL C   O    doub N N 340 
VAL C   OXT  sing N N 341 
VAL CB  CG1  sing N N 342 
VAL CB  CG2  sing N N 343 
VAL CB  HB   sing N N 344 
VAL CG1 HG11 sing N N 345 
VAL CG1 HG12 sing N N 346 
VAL CG1 HG13 sing N N 347 
VAL CG2 HG21 sing N N 348 
VAL CG2 HG22 sing N N 349 
VAL CG2 HG23 sing N N 350 
VAL OXT HXT  sing N N 351 
# 
_atom_sites.entry_id                    1NTV 
_atom_sites.fract_transf_matrix[1][1]   0.02393143 
_atom_sites.fract_transf_matrix[1][2]   0.00220289 
_atom_sites.fract_transf_matrix[1][3]   0.01354739 
_atom_sites.fract_transf_matrix[2][1]   0.00593336 
_atom_sites.fract_transf_matrix[2][2]   0.01643401 
_atom_sites.fract_transf_matrix[2][3]   -0.01315354 
_atom_sites.fract_transf_matrix[3][1]   -0.00462734 
_atom_sites.fract_transf_matrix[3][2]   0.00726734 
_atom_sites.fract_transf_matrix[3][3]   0.00699247 
_atom_sites.fract_transf_vector[1]      0.095520 
_atom_sites.fract_transf_vector[2]      0.059076 
_atom_sites.fract_transf_vector[3]      0.125378 
# 
loop_
_atom_type.symbol 
C 
N 
O 
P 
S 
# 
loop_
_atom_site.group_PDB 
_atom_site.id 
_atom_site.type_symbol 
_atom_site.label_atom_id 
_atom_site.label_alt_id 
_atom_site.label_comp_id 
_atom_site.label_asym_id 
_atom_site.label_entity_id 
_atom_site.label_seq_id 
_atom_site.pdbx_PDB_ins_code 
_atom_site.Cartn_x 
_atom_site.Cartn_y 
_atom_site.Cartn_z 
_atom_site.occupancy 
_atom_site.B_iso_or_equiv 
_atom_site.pdbx_formal_charge 
_atom_site.auth_seq_id 
_atom_site.auth_comp_id 
_atom_site.auth_asym_id 
_atom_site.auth_atom_id 
_atom_site.pdbx_PDB_model_num 
ATOM   1    N N   . GLY A 1 1   ? -17.641 2.695   -11.296 1.00 31.72 ? 23  GLY A N   1 
ATOM   2    C CA  . GLY A 1 1   ? -18.401 1.550   -10.723 1.00 31.27 ? 23  GLY A CA  1 
ATOM   3    C C   . GLY A 1 1   ? -17.834 0.219   -11.172 1.00 31.17 ? 23  GLY A C   1 
ATOM   4    O O   . GLY A 1 1   ? -18.169 -0.278  -12.246 1.00 31.20 ? 23  GLY A O   1 
ATOM   5    N N   . GLN A 1 2   ? -16.968 -0.365  -10.351 1.00 30.82 ? 24  GLN A N   1 
ATOM   6    C CA  . GLN A 1 2   ? -16.368 -1.642  -10.701 1.00 30.98 ? 24  GLN A CA  1 
ATOM   7    C C   . GLN A 1 2   ? -16.986 -2.776  -9.888  1.00 28.74 ? 24  GLN A C   1 
ATOM   8    O O   . GLN A 1 2   ? -17.405 -2.582  -8.745  1.00 29.42 ? 24  GLN A O   1 
ATOM   9    C CB  . GLN A 1 2   ? -14.853 -1.583  -10.478 1.00 33.71 ? 24  GLN A CB  1 
ATOM   10   C CG  . GLN A 1 2   ? -14.052 -2.347  -11.520 1.00 37.05 ? 24  GLN A CG  1 
ATOM   11   C CD  . GLN A 1 2   ? -12.578 -1.987  -11.502 1.00 38.96 ? 24  GLN A CD  1 
ATOM   12   O OE1 . GLN A 1 2   ? -11.882 -2.215  -10.513 1.00 39.91 ? 24  GLN A OE1 1 
ATOM   13   N NE2 . GLN A 1 2   ? -12.095 -1.417  -12.603 1.00 39.44 ? 24  GLN A NE2 1 
ATOM   14   N N   . ASP A 1 3   ? -17.056 -3.956  -10.492 1.00 27.10 ? 25  ASP A N   1 
ATOM   15   C CA  . ASP A 1 3   ? -17.620 -5.122  -9.830  1.00 24.90 ? 25  ASP A CA  1 
ATOM   16   C C   . ASP A 1 3   ? -16.663 -5.633  -8.758  1.00 23.79 ? 25  ASP A C   1 
ATOM   17   O O   . ASP A 1 3   ? -15.488 -5.878  -9.030  1.00 23.59 ? 25  ASP A O   1 
ATOM   18   C CB  . ASP A 1 3   ? -17.903 -6.217  -10.863 1.00 25.75 ? 25  ASP A CB  1 
ATOM   19   C CG  . ASP A 1 3   ? -18.296 -7.533  -10.226 1.00 27.69 ? 25  ASP A CG  1 
ATOM   20   O OD1 . ASP A 1 3   ? -18.907 -7.510  -9.137  1.00 30.46 ? 25  ASP A OD1 1 
ATOM   21   O OD2 . ASP A 1 3   ? -18.010 -8.593  -10.822 1.00 30.05 ? 25  ASP A OD2 1 
ATOM   22   N N   . ARG A 1 4   ? -17.172 -5.790  -7.540  1.00 20.92 ? 26  ARG A N   1 
ATOM   23   C CA  . ARG A 1 4   ? -16.351 -6.258  -6.432  1.00 20.10 ? 26  ARG A CA  1 
ATOM   24   C C   . ARG A 1 4   ? -16.864 -7.567  -5.838  1.00 18.91 ? 26  ARG A C   1 
ATOM   25   O O   . ARG A 1 4   ? -16.705 -7.822  -4.645  1.00 18.08 ? 26  ARG A O   1 
ATOM   26   C CB  . ARG A 1 4   ? -16.281 -5.180  -5.345  1.00 19.80 ? 26  ARG A CB  1 
ATOM   27   C CG  . ARG A 1 4   ? -15.771 -3.832  -5.845  1.00 21.57 ? 26  ARG A CG  1 
ATOM   28   C CD  . ARG A 1 4   ? -15.709 -2.813  -4.716  1.00 22.25 ? 26  ARG A CD  1 
ATOM   29   N NE  . ARG A 1 4   ? -15.419 -1.461  -5.192  1.00 23.85 ? 26  ARG A NE  1 
ATOM   30   C CZ  . ARG A 1 4   ? -14.233 -1.047  -5.633  1.00 25.16 ? 26  ARG A CZ  1 
ATOM   31   N NH1 . ARG A 1 4   ? -13.199 -1.876  -5.665  1.00 25.30 ? 26  ARG A NH1 1 
ATOM   32   N NH2 . ARG A 1 4   ? -14.085 0.205   -6.044  1.00 25.52 ? 26  ARG A NH2 1 
ATOM   33   N N   . SER A 1 5   ? -17.475 -8.402  -6.675  1.00 19.87 ? 27  SER A N   1 
ATOM   34   C CA  . SER A 1 5   ? -17.986 -9.687  -6.210  1.00 18.78 ? 27  SER A CA  1 
ATOM   35   C C   . SER A 1 5   ? -16.783 -10.550 -5.847  1.00 18.96 ? 27  SER A C   1 
ATOM   36   O O   . SER A 1 5   ? -15.680 -10.317 -6.347  1.00 16.85 ? 27  SER A O   1 
ATOM   37   C CB  . SER A 1 5   ? -18.808 -10.373 -7.306  1.00 19.93 ? 27  SER A CB  1 
ATOM   38   O OG  . SER A 1 5   ? -17.984 -10.794 -8.380  1.00 22.04 ? 27  SER A OG  1 
ATOM   39   N N   . GLU A 1 6   ? -16.986 -11.542 -4.985  1.00 18.00 ? 28  GLU A N   1 
ATOM   40   C CA  . GLU A 1 6   ? -15.889 -12.408 -4.563  1.00 17.92 ? 28  GLU A CA  1 
ATOM   41   C C   . GLU A 1 6   ? -15.147 -13.051 -5.736  1.00 16.95 ? 28  GLU A C   1 
ATOM   42   O O   . GLU A 1 6   ? -13.919 -13.023 -5.791  1.00 15.14 ? 28  GLU A O   1 
ATOM   43   C CB  . GLU A 1 6   ? -16.402 -13.509 -3.629  1.00 19.61 ? 28  GLU A CB  1 
ATOM   44   C CG  . GLU A 1 6   ? -15.298 -14.198 -2.840  1.00 23.35 ? 28  GLU A CG  1 
ATOM   45   C CD  . GLU A 1 6   ? -15.808 -15.352 -1.998  1.00 25.51 ? 28  GLU A CD  1 
ATOM   46   O OE1 . GLU A 1 6   ? -16.034 -16.443 -2.559  1.00 27.23 ? 28  GLU A OE1 1 
ATOM   47   O OE2 . GLU A 1 6   ? -15.993 -15.163 -0.777  1.00 27.63 ? 28  GLU A OE2 1 
ATOM   48   N N   . ALA A 1 7   ? -15.892 -13.637 -6.670  1.00 15.88 ? 29  ALA A N   1 
ATOM   49   C CA  . ALA A 1 7   ? -15.284 -14.288 -7.825  1.00 16.28 ? 29  ALA A CA  1 
ATOM   50   C C   . ALA A 1 7   ? -14.413 -13.329 -8.634  1.00 15.69 ? 29  ALA A C   1 
ATOM   51   O O   . ALA A 1 7   ? -13.325 -13.694 -9.085  1.00 15.97 ? 29  ALA A O   1 
ATOM   52   C CB  . ALA A 1 7   ? -16.369 -14.887 -8.714  1.00 16.22 ? 29  ALA A CB  1 
ATOM   53   N N   . THR A 1 8   ? -14.893 -12.102 -8.816  1.00 16.54 ? 30  THR A N   1 
ATOM   54   C CA  . THR A 1 8   ? -14.149 -11.102 -9.572  1.00 15.66 ? 30  THR A CA  1 
ATOM   55   C C   . THR A 1 8   ? -12.887 -10.675 -8.830  1.00 14.90 ? 30  THR A C   1 
ATOM   56   O O   . THR A 1 8   ? -11.823 -10.534 -9.435  1.00 14.96 ? 30  THR A O   1 
ATOM   57   C CB  . THR A 1 8   ? -15.017 -9.858  -9.850  1.00 16.80 ? 30  THR A CB  1 
ATOM   58   O OG1 . THR A 1 8   ? -16.134 -10.236 -10.663 1.00 20.47 ? 30  THR A OG1 1 
ATOM   59   C CG2 . THR A 1 8   ? -14.209 -8.786  -10.574 1.00 18.76 ? 30  THR A CG2 1 
ATOM   60   N N   . LEU A 1 9   ? -13.001 -10.480 -7.519  1.00 13.01 ? 31  LEU A N   1 
ATOM   61   C CA  . LEU A 1 9   ? -11.854 -10.058 -6.721  1.00 12.36 ? 31  LEU A CA  1 
ATOM   62   C C   . LEU A 1 9   ? -10.751 -11.110 -6.703  1.00 12.42 ? 31  LEU A C   1 
ATOM   63   O O   . LEU A 1 9   ? -9.566  -10.782 -6.708  1.00 11.69 ? 31  LEU A O   1 
ATOM   64   C CB  . LEU A 1 9   ? -12.293 -9.726  -5.291  1.00 12.18 ? 31  LEU A CB  1 
ATOM   65   C CG  . LEU A 1 9   ? -13.227 -8.520  -5.136  1.00 12.26 ? 31  LEU A CG  1 
ATOM   66   C CD1 . LEU A 1 9   ? -13.478 -8.273  -3.656  1.00 14.09 ? 31  LEU A CD1 1 
ATOM   67   C CD2 . LEU A 1 9   ? -12.610 -7.282  -5.776  1.00 14.08 ? 31  LEU A CD2 1 
ATOM   68   N N   . ILE A 1 10  ? -11.132 -12.379 -6.676  1.00 12.97 ? 32  ILE A N   1 
ATOM   69   C CA  . ILE A 1 10  ? -10.144 -13.446 -6.682  1.00 13.55 ? 32  ILE A CA  1 
ATOM   70   C C   . ILE A 1 10  ? -9.337  -13.398 -7.981  1.00 14.30 ? 32  ILE A C   1 
ATOM   71   O O   . ILE A 1 10  ? -8.108  -13.473 -7.959  1.00 14.08 ? 32  ILE A O   1 
ATOM   72   C CB  . ILE A 1 10  ? -10.824 -14.817 -6.536  1.00 14.21 ? 32  ILE A CB  1 
ATOM   73   C CG1 . ILE A 1 10  ? -11.482 -14.903 -5.155  1.00 15.65 ? 32  ILE A CG1 1 
ATOM   74   C CG2 . ILE A 1 10  ? -9.814  -15.937 -6.722  1.00 15.85 ? 32  ILE A CG2 1 
ATOM   75   C CD1 . ILE A 1 10  ? -12.319 -16.143 -4.934  1.00 15.49 ? 32  ILE A CD1 1 
ATOM   76   N N   . LYS A 1 11  ? -10.024 -13.248 -9.109  1.00 14.19 ? 33  LYS A N   1 
ATOM   77   C CA  . LYS A 1 11  ? -9.336  -13.190 -10.392 1.00 15.00 ? 33  LYS A CA  1 
ATOM   78   C C   . LYS A 1 11  ? -8.482  -11.927 -10.476 1.00 13.09 ? 33  LYS A C   1 
ATOM   79   O O   . LYS A 1 11  ? -7.427  -11.907 -11.116 1.00 14.42 ? 33  LYS A O   1 
ATOM   80   C CB  . LYS A 1 11  ? -10.358 -13.226 -11.537 1.00 16.74 ? 33  LYS A CB  1 
ATOM   81   C CG  . LYS A 1 11  ? -11.310 -14.412 -11.453 1.00 22.56 ? 33  LYS A CG  1 
ATOM   82   C CD  . LYS A 1 11  ? -12.299 -14.464 -12.608 1.00 26.59 ? 33  LYS A CD  1 
ATOM   83   C CE  . LYS A 1 11  ? -11.665 -15.039 -13.860 1.00 30.09 ? 33  LYS A CE  1 
ATOM   84   N NZ  . LYS A 1 11  ? -12.677 -15.284 -14.926 1.00 33.18 ? 33  LYS A NZ  1 
ATOM   85   N N   . ARG A 1 12  ? -8.930  -10.881 -9.797  1.00 12.60 ? 34  ARG A N   1 
ATOM   86   C CA  . ARG A 1 12  ? -8.230  -9.607  -9.796  1.00 11.24 ? 34  ARG A CA  1 
ATOM   87   C C   . ARG A 1 12  ? -6.892  -9.644  -9.045  1.00 9.38  ? 34  ARG A C   1 
ATOM   88   O O   . ARG A 1 12  ? -5.885  -9.117  -9.521  1.00 10.80 ? 34  ARG A O   1 
ATOM   89   C CB  . ARG A 1 12  ? -9.144  -8.548  -9.177  1.00 13.05 ? 34  ARG A CB  1 
ATOM   90   C CG  . ARG A 1 12  ? -8.674  -7.125  -9.337  1.00 12.62 ? 34  ARG A CG  1 
ATOM   91   C CD  . ARG A 1 12  ? -9.682  -6.149  -8.736  1.00 12.41 ? 34  ARG A CD  1 
ATOM   92   N NE  . ARG A 1 12  ? -9.204  -4.776  -8.843  1.00 11.18 ? 34  ARG A NE  1 
ATOM   93   C CZ  . ARG A 1 12  ? -9.210  -4.062  -9.964  1.00 10.24 ? 34  ARG A CZ  1 
ATOM   94   N NH1 . ARG A 1 12  ? -9.683  -4.581  -11.087 1.00 10.65 ? 34  ARG A NH1 1 
ATOM   95   N NH2 . ARG A 1 12  ? -8.704  -2.836  -9.968  1.00 10.92 ? 34  ARG A NH2 1 
ATOM   96   N N   . PHE A 1 13  ? -6.879  -10.286 -7.881  1.00 9.72  ? 35  PHE A N   1 
ATOM   97   C CA  . PHE A 1 13  ? -5.683  -10.328 -7.044  1.00 9.79  ? 35  PHE A CA  1 
ATOM   98   C C   . PHE A 1 13  ? -4.776  -11.543 -7.167  1.00 10.40 ? 35  PHE A C   1 
ATOM   99   O O   . PHE A 1 13  ? -3.687  -11.563 -6.587  1.00 11.10 ? 35  PHE A O   1 
ATOM   100  C CB  . PHE A 1 13  ? -6.098  -10.149 -5.581  1.00 9.77  ? 35  PHE A CB  1 
ATOM   101  C CG  . PHE A 1 13  ? -6.833  -8.866  -5.321  1.00 9.75  ? 35  PHE A CG  1 
ATOM   102  C CD1 . PHE A 1 13  ? -8.085  -8.875  -4.715  1.00 10.70 ? 35  PHE A CD1 1 
ATOM   103  C CD2 . PHE A 1 13  ? -6.278  -7.644  -5.691  1.00 10.06 ? 35  PHE A CD2 1 
ATOM   104  C CE1 . PHE A 1 13  ? -8.775  -7.685  -4.480  1.00 10.67 ? 35  PHE A CE1 1 
ATOM   105  C CE2 . PHE A 1 13  ? -6.958  -6.453  -5.460  1.00 9.31  ? 35  PHE A CE2 1 
ATOM   106  C CZ  . PHE A 1 13  ? -8.212  -6.474  -4.852  1.00 9.63  ? 35  PHE A CZ  1 
ATOM   107  N N   . LYS A 1 14  ? -5.213  -12.557 -7.906  1.00 12.20 ? 36  LYS A N   1 
ATOM   108  C CA  . LYS A 1 14  ? -4.400  -13.753 -8.075  1.00 13.62 ? 36  LYS A CA  1 
ATOM   109  C C   . LYS A 1 14  ? -3.184  -13.448 -8.941  1.00 13.74 ? 36  LYS A C   1 
ATOM   110  O O   . LYS A 1 14  ? -3.190  -12.503 -9.738  1.00 13.99 ? 36  LYS A O   1 
ATOM   111  C CB  . LYS A 1 14  ? -5.225  -14.875 -8.712  1.00 17.01 ? 36  LYS A CB  1 
ATOM   112  C CG  . LYS A 1 14  ? -5.830  -14.511 -10.054 1.00 19.40 ? 36  LYS A CG  1 
ATOM   113  C CD  . LYS A 1 14  ? -6.719  -15.622 -10.593 1.00 24.99 ? 36  LYS A CD  1 
ATOM   114  C CE  . LYS A 1 14  ? -6.046  -16.361 -11.738 1.00 26.93 ? 36  LYS A CE  1 
ATOM   115  N NZ  . LYS A 1 14  ? -6.965  -17.331 -12.393 1.00 29.66 ? 36  LYS A NZ  1 
ATOM   116  N N   . GLY A 1 15  ? -2.137  -14.250 -8.772  1.00 14.23 ? 37  GLY A N   1 
ATOM   117  C CA  . GLY A 1 15  ? -0.929  -14.063 -9.551  1.00 15.51 ? 37  GLY A CA  1 
ATOM   118  C C   . GLY A 1 15  ? -0.261  -12.724 -9.322  1.00 14.49 ? 37  GLY A C   1 
ATOM   119  O O   . GLY A 1 15  ? 0.009   -12.338 -8.186  1.00 16.38 ? 37  GLY A O   1 
ATOM   120  N N   . GLU A 1 16  ? 0.003   -12.007 -10.409 1.00 14.93 ? 38  GLU A N   1 
ATOM   121  C CA  . GLU A 1 16  ? 0.652   -10.711 -10.310 1.00 14.82 ? 38  GLU A CA  1 
ATOM   122  C C   . GLU A 1 16  ? -0.259  -9.640  -9.741  1.00 12.11 ? 38  GLU A C   1 
ATOM   123  O O   . GLU A 1 16  ? 0.208   -8.590  -9.320  1.00 12.26 ? 38  GLU A O   1 
ATOM   124  C CB  . GLU A 1 16  ? 1.176   -10.279 -11.680 1.00 19.84 ? 38  GLU A CB  1 
ATOM   125  C CG  . GLU A 1 16  ? 2.316   -11.149 -12.184 1.00 26.74 ? 38  GLU A CG  1 
ATOM   126  C CD  . GLU A 1 16  ? 2.825   -10.722 -13.546 1.00 30.14 ? 38  GLU A CD  1 
ATOM   127  O OE1 . GLU A 1 16  ? 3.203   -9.540  -13.697 1.00 34.41 ? 38  GLU A OE1 1 
ATOM   128  O OE2 . GLU A 1 16  ? 2.848   -11.569 -14.464 1.00 33.57 ? 38  GLU A OE2 1 
ATOM   129  N N   . GLY A 1 17  ? -1.558  -9.909  -9.729  1.00 10.62 ? 39  GLY A N   1 
ATOM   130  C CA  . GLY A 1 17  ? -2.502  -8.951  -9.189  1.00 9.55  ? 39  GLY A CA  1 
ATOM   131  C C   . GLY A 1 17  ? -2.744  -7.719  -10.040 1.00 10.12 ? 39  GLY A C   1 
ATOM   132  O O   . GLY A 1 17  ? -2.677  -7.770  -11.276 1.00 10.55 ? 39  GLY A O   1 
ATOM   133  N N   . VAL A 1 18  ? -3.029  -6.610  -9.368  1.00 8.44  ? 40  VAL A N   1 
ATOM   134  C CA  . VAL A 1 18  ? -3.322  -5.342  -10.026 1.00 8.22  ? 40  VAL A CA  1 
ATOM   135  C C   . VAL A 1 18  ? -2.122  -4.412  -9.960  1.00 8.40  ? 40  VAL A C   1 
ATOM   136  O O   . VAL A 1 18  ? -1.534  -4.231  -8.896  1.00 9.12  ? 40  VAL A O   1 
ATOM   137  C CB  . VAL A 1 18  ? -4.519  -4.650  -9.347  1.00 9.54  ? 40  VAL A CB  1 
ATOM   138  C CG1 . VAL A 1 18  ? -4.957  -3.444  -10.160 1.00 9.55  ? 40  VAL A CG1 1 
ATOM   139  C CG2 . VAL A 1 18  ? -5.662  -5.642  -9.172  1.00 12.16 ? 40  VAL A CG2 1 
ATOM   140  N N   . ARG A 1 19  ? -1.771  -3.812  -11.094 1.00 8.04  ? 41  ARG A N   1 
ATOM   141  C CA  . ARG A 1 19  ? -0.618  -2.920  -11.150 1.00 8.59  ? 41  ARG A CA  1 
ATOM   142  C C   . ARG A 1 19  ? -1.010  -1.462  -11.340 1.00 7.37  ? 41  ARG A C   1 
ATOM   143  O O   . ARG A 1 19  ? -1.936  -1.151  -12.096 1.00 10.19 ? 41  ARG A O   1 
ATOM   144  C CB  . ARG A 1 19  ? 0.315   -3.342  -12.287 1.00 11.24 ? 41  ARG A CB  1 
ATOM   145  C CG  . ARG A 1 19  ? -0.220  -3.016  -13.670 1.00 14.67 ? 41  ARG A CG  1 
ATOM   146  C CD  . ARG A 1 19  ? 0.743   -3.468  -14.758 1.00 21.32 ? 41  ARG A CD  1 
ATOM   147  N NE  . ARG A 1 19  ? 2.093   -2.953  -14.548 1.00 24.91 ? 41  ARG A NE  1 
ATOM   148  C CZ  . ARG A 1 19  ? 3.092   -3.100  -15.412 1.00 28.51 ? 41  ARG A CZ  1 
ATOM   149  N NH1 . ARG A 1 19  ? 2.897   -3.749  -16.554 1.00 30.08 ? 41  ARG A NH1 1 
ATOM   150  N NH2 . ARG A 1 19  ? 4.290   -2.602  -15.135 1.00 28.81 ? 41  ARG A NH2 1 
ATOM   151  N N   . TYR A 1 20  ? -0.295  -0.579  -10.649 1.00 7.05  ? 42  TYR A N   1 
ATOM   152  C CA  . TYR A 1 20  ? -0.533  0.861   -10.734 1.00 7.70  ? 42  TYR A CA  1 
ATOM   153  C C   . TYR A 1 20  ? 0.750   1.656   -10.916 1.00 7.83  ? 42  TYR A C   1 
ATOM   154  O O   . TYR A 1 20  ? 1.732   1.429   -10.210 1.00 8.27  ? 42  TYR A O   1 
ATOM   155  C CB  . TYR A 1 20  ? -1.201  1.388   -9.468  1.00 7.58  ? 42  TYR A CB  1 
ATOM   156  C CG  . TYR A 1 20  ? -2.627  0.966   -9.273  1.00 6.90  ? 42  TYR A CG  1 
ATOM   157  C CD1 . TYR A 1 20  ? -2.954  -0.106  -8.451  1.00 6.91  ? 42  TYR A CD1 1 
ATOM   158  C CD2 . TYR A 1 20  ? -3.657  1.668   -9.884  1.00 7.23  ? 42  TYR A CD2 1 
ATOM   159  C CE1 . TYR A 1 20  ? -4.277  -0.466  -8.239  1.00 8.51  ? 42  TYR A CE1 1 
ATOM   160  C CE2 . TYR A 1 20  ? -4.978  1.320   -9.684  1.00 8.57  ? 42  TYR A CE2 1 
ATOM   161  C CZ  . TYR A 1 20  ? -5.285  0.256   -8.859  1.00 7.82  ? 42  TYR A CZ  1 
ATOM   162  O OH  . TYR A 1 20  ? -6.605  -0.059  -8.644  1.00 9.83  ? 42  TYR A OH  1 
ATOM   163  N N   . LYS A 1 21  ? 0.737   2.606   -11.846 1.00 7.59  ? 43  LYS A N   1 
ATOM   164  C CA  . LYS A 1 21  ? 1.898   3.459   -12.075 1.00 8.56  ? 43  LYS A CA  1 
ATOM   165  C C   . LYS A 1 21  ? 1.956   4.493   -10.943 1.00 7.68  ? 43  LYS A C   1 
ATOM   166  O O   . LYS A 1 21  ? 0.924   5.027   -10.523 1.00 8.66  ? 43  LYS A O   1 
ATOM   167  C CB  . LYS A 1 21  ? 1.768   4.169   -13.425 1.00 8.72  ? 43  LYS A CB  1 
ATOM   168  C CG  . LYS A 1 21  ? 2.964   5.028   -13.800 1.00 13.00 ? 43  LYS A CG  1 
ATOM   169  C CD  . LYS A 1 21  ? 2.747   5.673   -15.160 1.00 17.37 ? 43  LYS A CD  1 
ATOM   170  C CE  . LYS A 1 21  ? 3.965   6.466   -15.587 1.00 19.73 ? 43  LYS A CE  1 
ATOM   171  N NZ  . LYS A 1 21  ? 3.813   7.001   -16.965 1.00 23.93 ? 43  LYS A NZ  1 
ATOM   172  N N   . ALA A 1 22  ? 3.155   4.771   -10.441 1.00 8.40  ? 44  ALA A N   1 
ATOM   173  C CA  . ALA A 1 22  ? 3.302   5.726   -9.354  1.00 7.54  ? 44  ALA A CA  1 
ATOM   174  C C   . ALA A 1 22  ? 4.736   6.197   -9.160  1.00 8.55  ? 44  ALA A C   1 
ATOM   175  O O   . ALA A 1 22  ? 5.627   5.881   -9.953  1.00 8.66  ? 44  ALA A O   1 
ATOM   176  C CB  . ALA A 1 22  ? 2.782   5.105   -8.054  1.00 9.65  ? 44  ALA A CB  1 
ATOM   177  N N   . LYS A 1 23  ? 4.935   6.976   -8.103  1.00 9.27  ? 45  LYS A N   1 
ATOM   178  C CA  . LYS A 1 23  ? 6.250   7.483   -7.733  1.00 9.51  ? 45  LYS A CA  1 
ATOM   179  C C   . LYS A 1 23  ? 6.379   7.257   -6.235  1.00 9.17  ? 45  LYS A C   1 
ATOM   180  O O   . LYS A 1 23  ? 5.398   7.354   -5.500  1.00 8.82  ? 45  LYS A O   1 
ATOM   181  C CB  . LYS A 1 23  ? 6.370   8.978   -8.054  1.00 11.09 ? 45  LYS A CB  1 
ATOM   182  C CG  . LYS A 1 23  ? 6.369   9.285   -9.548  1.00 11.75 ? 45  LYS A CG  1 
ATOM   183  C CD  . LYS A 1 23  ? 6.493   10.780  -9.812  1.00 12.36 ? 45  LYS A CD  1 
ATOM   184  C CE  . LYS A 1 23  ? 6.490   11.057  -11.302 1.00 14.05 ? 45  LYS A CE  1 
ATOM   185  N NZ  . LYS A 1 23  ? 6.661   12.508  -11.576 1.00 18.28 ? 45  LYS A NZ  1 
ATOM   186  N N   . LEU A 1 24  ? 7.583   6.925   -5.782  1.00 9.12  ? 46  LEU A N   1 
ATOM   187  C CA  . LEU A 1 24  ? 7.810   6.689   -4.362  1.00 8.88  ? 46  LEU A CA  1 
ATOM   188  C C   . LEU A 1 24  ? 8.150   8.008   -3.683  1.00 9.21  ? 46  LEU A C   1 
ATOM   189  O O   . LEU A 1 24  ? 9.112   8.669   -4.054  1.00 12.16 ? 46  LEU A O   1 
ATOM   190  C CB  . LEU A 1 24  ? 8.957   5.688   -4.166  1.00 10.58 ? 46  LEU A CB  1 
ATOM   191  C CG  . LEU A 1 24  ? 9.370   5.333   -2.730  1.00 12.23 ? 46  LEU A CG  1 
ATOM   192  C CD1 . LEU A 1 24  ? 8.206   4.704   -1.986  1.00 12.01 ? 46  LEU A CD1 1 
ATOM   193  C CD2 . LEU A 1 24  ? 10.548  4.371   -2.762  1.00 14.52 ? 46  LEU A CD2 1 
ATOM   194  N N   . ILE A 1 25  ? 7.343   8.402   -2.705  1.00 9.83  ? 47  ILE A N   1 
ATOM   195  C CA  . ILE A 1 25  ? 7.609   9.639   -1.986  1.00 10.03 ? 47  ILE A CA  1 
ATOM   196  C C   . ILE A 1 25  ? 8.708   9.343   -0.972  1.00 10.37 ? 47  ILE A C   1 
ATOM   197  O O   . ILE A 1 25  ? 9.674   10.090  -0.850  1.00 12.15 ? 47  ILE A O   1 
ATOM   198  C CB  . ILE A 1 25  ? 6.330   10.151  -1.283  1.00 10.10 ? 47  ILE A CB  1 
ATOM   199  C CG1 . ILE A 1 25  ? 5.292   10.543  -2.345  1.00 12.24 ? 47  ILE A CG1 1 
ATOM   200  C CG2 . ILE A 1 25  ? 6.669   11.334  -0.362  1.00 11.63 ? 47  ILE A CG2 1 
ATOM   201  C CD1 . ILE A 1 25  ? 3.919   10.908  -1.798  1.00 12.76 ? 47  ILE A CD1 1 
ATOM   202  N N   . GLY A 1 26  ? 8.565   8.233   -0.256  1.00 8.88  ? 48  GLY A N   1 
ATOM   203  C CA  . GLY A 1 26  ? 9.574   7.860   0.715   1.00 10.27 ? 48  GLY A CA  1 
ATOM   204  C C   . GLY A 1 26  ? 9.079   6.860   1.734   1.00 11.30 ? 48  GLY A C   1 
ATOM   205  O O   . GLY A 1 26  ? 7.927   6.431   1.690   1.00 11.61 ? 48  GLY A O   1 
ATOM   206  N N   . ILE A 1 27  ? 9.970   6.478   2.643   1.00 11.50 ? 49  ILE A N   1 
ATOM   207  C CA  . ILE A 1 27  ? 9.655   5.537   3.714   1.00 12.34 ? 49  ILE A CA  1 
ATOM   208  C C   . ILE A 1 27  ? 10.174  6.148   5.012   1.00 12.56 ? 49  ILE A C   1 
ATOM   209  O O   . ILE A 1 27  ? 11.340  6.542   5.104   1.00 14.14 ? 49  ILE A O   1 
ATOM   210  C CB  . ILE A 1 27  ? 10.323  4.167   3.477   1.00 12.38 ? 49  ILE A CB  1 
ATOM   211  C CG1 . ILE A 1 27  ? 9.895   3.617   2.113   1.00 13.10 ? 49  ILE A CG1 1 
ATOM   212  C CG2 . ILE A 1 27  ? 9.929   3.196   4.585   1.00 12.43 ? 49  ILE A CG2 1 
ATOM   213  C CD1 . ILE A 1 27  ? 10.538  2.293   1.743   1.00 15.64 ? 49  ILE A CD1 1 
ATOM   214  N N   . ASP A 1 28  ? 9.300   6.219   6.009   1.00 13.14 ? 50  ASP A N   1 
ATOM   215  C CA  . ASP A 1 28  ? 9.620   6.816   7.305   1.00 15.78 ? 50  ASP A CA  1 
ATOM   216  C C   . ASP A 1 28  ? 9.359   5.831   8.444   1.00 16.43 ? 50  ASP A C   1 
ATOM   217  O O   . ASP A 1 28  ? 8.434   5.031   8.380   1.00 17.10 ? 50  ASP A O   1 
ATOM   218  C CB  . ASP A 1 28  ? 8.741   8.058   7.498   1.00 17.75 ? 50  ASP A CB  1 
ATOM   219  C CG  . ASP A 1 28  ? 9.081   8.847   8.750   1.00 20.25 ? 50  ASP A CG  1 
ATOM   220  O OD1 . ASP A 1 28  ? 8.186   9.571   9.242   1.00 22.00 ? 50  ASP A OD1 1 
ATOM   221  O OD2 . ASP A 1 28  ? 10.229  8.761   9.230   1.00 23.18 ? 50  ASP A OD2 1 
ATOM   222  N N   . GLU A 1 29  ? 10.176  5.889   9.490   1.00 17.11 ? 51  GLU A N   1 
ATOM   223  C CA  . GLU A 1 29  ? 9.977   5.009   10.636  1.00 17.42 ? 51  GLU A CA  1 
ATOM   224  C C   . GLU A 1 29  ? 8.952   5.686   11.548  1.00 17.23 ? 51  GLU A C   1 
ATOM   225  O O   . GLU A 1 29  ? 9.047   6.886   11.815  1.00 19.31 ? 51  GLU A O   1 
ATOM   226  C CB  . GLU A 1 29  ? 11.302  4.791   11.377  1.00 19.97 ? 51  GLU A CB  1 
ATOM   227  C CG  . GLU A 1 29  ? 12.402  4.214   10.485  1.00 23.31 ? 51  GLU A CG  1 
ATOM   228  C CD  . GLU A 1 29  ? 13.712  3.976   11.220  1.00 26.92 ? 51  GLU A CD  1 
ATOM   229  O OE1 . GLU A 1 29  ? 14.724  3.685   10.547  1.00 27.14 ? 51  GLU A OE1 1 
ATOM   230  O OE2 . GLU A 1 29  ? 13.731  4.074   12.466  1.00 29.81 ? 51  GLU A OE2 1 
ATOM   231  N N   . VAL A 1 30  ? 7.959   4.928   11.999  1.00 15.39 ? 52  VAL A N   1 
ATOM   232  C CA  . VAL A 1 30  ? 6.926   5.474   12.877  1.00 15.43 ? 52  VAL A CA  1 
ATOM   233  C C   . VAL A 1 30  ? 6.827   4.664   14.166  1.00 15.71 ? 52  VAL A C   1 
ATOM   234  O O   . VAL A 1 30  ? 7.281   3.521   14.227  1.00 15.42 ? 52  VAL A O   1 
ATOM   235  C CB  . VAL A 1 30  ? 5.548   5.535   12.163  1.00 14.02 ? 52  VAL A CB  1 
ATOM   236  C CG1 . VAL A 1 30  ? 5.626   6.501   10.989  1.00 16.93 ? 52  VAL A CG1 1 
ATOM   237  C CG2 . VAL A 1 30  ? 5.133   4.155   11.690  1.00 16.43 ? 52  VAL A CG2 1 
ATOM   238  N N   . SER A 1 31  ? 6.226   5.260   15.191  1.00 17.34 ? 53  SER A N   1 
ATOM   239  C CA  . SER A 1 31  ? 6.124   4.626   16.503  1.00 17.93 ? 53  SER A CA  1 
ATOM   240  C C   . SER A 1 31  ? 4.956   3.685   16.766  1.00 18.20 ? 53  SER A C   1 
ATOM   241  O O   . SER A 1 31  ? 4.925   3.016   17.802  1.00 19.68 ? 53  SER A O   1 
ATOM   242  C CB  . SER A 1 31  ? 6.125   5.705   17.586  1.00 19.21 ? 53  SER A CB  1 
ATOM   243  O OG  . SER A 1 31  ? 4.986   6.539   17.464  1.00 22.16 ? 53  SER A OG  1 
ATOM   244  N N   . ALA A 1 32  ? 3.994   3.623   15.853  1.00 16.53 ? 54  ALA A N   1 
ATOM   245  C CA  . ALA A 1 32  ? 2.844   2.753   16.060  1.00 15.79 ? 54  ALA A CA  1 
ATOM   246  C C   . ALA A 1 32  ? 2.390   2.110   14.760  1.00 14.10 ? 54  ALA A C   1 
ATOM   247  O O   . ALA A 1 32  ? 2.834   2.498   13.678  1.00 14.24 ? 54  ALA A O   1 
ATOM   248  C CB  . ALA A 1 32  ? 1.701   3.539   16.689  1.00 15.20 ? 54  ALA A CB  1 
ATOM   249  N N   . ALA A 1 33  ? 1.501   1.131   14.876  1.00 15.01 ? 55  ALA A N   1 
ATOM   250  C CA  . ALA A 1 33  ? 0.989   0.402   13.720  1.00 13.83 ? 55  ALA A CA  1 
ATOM   251  C C   . ALA A 1 33  ? -0.162  1.087   12.999  1.00 14.19 ? 55  ALA A C   1 
ATOM   252  O O   . ALA A 1 33  ? -0.459  0.761   11.849  1.00 13.10 ? 55  ALA A O   1 
ATOM   253  C CB  . ALA A 1 33  ? 0.552   -0.989  14.146  1.00 14.21 ? 55  ALA A CB  1 
ATOM   254  N N   . ARG A 1 34  ? -0.819  2.028   13.666  1.00 14.98 ? 56  ARG A N   1 
ATOM   255  C CA  . ARG A 1 34  ? -1.957  2.706   13.060  1.00 17.15 ? 56  ARG A CA  1 
ATOM   256  C C   . ARG A 1 34  ? -2.131  4.124   13.585  1.00 18.19 ? 56  ARG A C   1 
ATOM   257  O O   . ARG A 1 34  ? -1.461  4.530   14.533  1.00 18.63 ? 56  ARG A O   1 
ATOM   258  C CB  . ARG A 1 34  ? -3.226  1.897   13.334  1.00 16.75 ? 56  ARG A CB  1 
ATOM   259  C CG  . ARG A 1 34  ? -3.561  1.771   14.816  1.00 22.06 ? 56  ARG A CG  1 
ATOM   260  C CD  . ARG A 1 34  ? -4.629  0.714   15.059  1.00 25.83 ? 56  ARG A CD  1 
ATOM   261  N NE  . ARG A 1 34  ? -4.112  -0.645  14.889  1.00 30.85 ? 56  ARG A NE  1 
ATOM   262  C CZ  . ARG A 1 34  ? -3.275  -1.240  15.734  1.00 31.87 ? 56  ARG A CZ  1 
ATOM   263  N NH1 . ARG A 1 34  ? -2.852  -0.601  16.819  1.00 32.63 ? 56  ARG A NH1 1 
ATOM   264  N NH2 . ARG A 1 34  ? -2.858  -2.476  15.495  1.00 33.91 ? 56  ARG A NH2 1 
ATOM   265  N N   . GLY A 1 35  ? -3.038  4.872   12.963  1.00 18.66 ? 57  GLY A N   1 
ATOM   266  C CA  . GLY A 1 35  ? -3.285  6.238   13.393  1.00 20.06 ? 57  GLY A CA  1 
ATOM   267  C C   . GLY A 1 35  ? -3.372  7.235   12.256  1.00 21.02 ? 57  GLY A C   1 
ATOM   268  O O   . GLY A 1 35  ? -2.441  7.374   11.465  1.00 18.94 ? 57  GLY A O   1 
ATOM   269  N N   . ASP A 1 36  ? -4.493  7.943   12.180  1.00 21.82 ? 58  ASP A N   1 
ATOM   270  C CA  . ASP A 1 36  ? -4.695  8.932   11.131  1.00 23.60 ? 58  ASP A CA  1 
ATOM   271  C C   . ASP A 1 36  ? -3.679  10.063  11.212  1.00 23.49 ? 58  ASP A C   1 
ATOM   272  O O   . ASP A 1 36  ? -3.083  10.444  10.207  1.00 22.75 ? 58  ASP A O   1 
ATOM   273  C CB  . ASP A 1 36  ? -6.108  9.508   11.220  1.00 26.08 ? 58  ASP A CB  1 
ATOM   274  C CG  . ASP A 1 36  ? -7.172  8.445   11.080  1.00 27.84 ? 58  ASP A CG  1 
ATOM   275  O OD1 . ASP A 1 36  ? -7.180  7.753   10.042  1.00 30.03 ? 58  ASP A OD1 1 
ATOM   276  O OD2 . ASP A 1 36  ? -7.999  8.299   12.007  1.00 31.92 ? 58  ASP A OD2 1 
ATOM   277  N N   . LYS A 1 37  ? -3.483  10.599  12.413  1.00 23.73 ? 59  LYS A N   1 
ATOM   278  C CA  . LYS A 1 37  ? -2.539  11.690  12.598  1.00 23.74 ? 59  LYS A CA  1 
ATOM   279  C C   . LYS A 1 37  ? -1.112  11.188  12.419  1.00 22.39 ? 59  LYS A C   1 
ATOM   280  O O   . LYS A 1 37  ? -0.252  11.898  11.896  1.00 22.56 ? 59  LYS A O   1 
ATOM   281  C CB  . LYS A 1 37  ? -2.711  12.318  13.986  1.00 26.86 ? 59  LYS A CB  1 
ATOM   282  C CG  . LYS A 1 37  ? -2.044  13.675  14.121  1.00 29.90 ? 59  LYS A CG  1 
ATOM   283  C CD  . LYS A 1 37  ? -2.357  14.324  15.457  1.00 33.64 ? 59  LYS A CD  1 
ATOM   284  C CE  . LYS A 1 37  ? -1.876  15.766  15.485  1.00 35.95 ? 59  LYS A CE  1 
ATOM   285  N NZ  . LYS A 1 37  ? -2.559  16.593  14.450  1.00 37.48 ? 59  LYS A NZ  1 
ATOM   286  N N   . LEU A 1 38  ? -0.866  9.956   12.852  1.00 21.33 ? 60  LEU A N   1 
ATOM   287  C CA  . LEU A 1 38  ? 0.455   9.360   12.719  1.00 19.51 ? 60  LEU A CA  1 
ATOM   288  C C   . LEU A 1 38  ? 0.844   9.350   11.243  1.00 18.31 ? 60  LEU A C   1 
ATOM   289  O O   . LEU A 1 38  ? 1.944   9.754   10.875  1.00 17.10 ? 60  LEU A O   1 
ATOM   290  C CB  . LEU A 1 38  ? 0.448   7.923   13.243  1.00 20.86 ? 60  LEU A CB  1 
ATOM   291  C CG  . LEU A 1 38  ? 1.794   7.195   13.190  1.00 21.38 ? 60  LEU A CG  1 
ATOM   292  C CD1 . LEU A 1 38  ? 2.733   7.787   14.230  1.00 23.26 ? 60  LEU A CD1 1 
ATOM   293  C CD2 . LEU A 1 38  ? 1.584   5.714   13.453  1.00 23.55 ? 60  LEU A CD2 1 
ATOM   294  N N   . CYS A 1 39  ? -0.075  8.889   10.401  1.00 16.76 ? 61  CYS A N   1 
ATOM   295  C CA  . CYS A 1 39  ? 0.180   8.813   8.968   1.00 15.90 ? 61  CYS A CA  1 
ATOM   296  C C   . CYS A 1 39  ? 0.243   10.167  8.266   1.00 15.24 ? 61  CYS A C   1 
ATOM   297  O O   . CYS A 1 39  ? 1.090   10.379  7.401   1.00 14.51 ? 61  CYS A O   1 
ATOM   298  C CB  . CYS A 1 39  ? -0.877  7.931   8.300   1.00 14.85 ? 61  CYS A CB  1 
ATOM   299  S SG  . CYS A 1 39  ? -0.785  6.183   8.783   1.00 16.08 ? 61  CYS A SG  1 
ATOM   300  N N   . GLN A 1 40  ? -0.644  11.087  8.626   1.00 16.62 ? 62  GLN A N   1 
ATOM   301  C CA  . GLN A 1 40  ? -0.622  12.383  7.971   1.00 17.30 ? 62  GLN A CA  1 
ATOM   302  C C   . GLN A 1 40  ? 0.652   13.143  8.336   1.00 16.13 ? 62  GLN A C   1 
ATOM   303  O O   . GLN A 1 40  ? 1.224   13.847  7.507   1.00 16.72 ? 62  GLN A O   1 
ATOM   304  C CB  . GLN A 1 40  ? -1.866  13.190  8.339   1.00 18.60 ? 62  GLN A CB  1 
ATOM   305  C CG  . GLN A 1 40  ? -2.161  14.314  7.359   1.00 21.29 ? 62  GLN A CG  1 
ATOM   306  C CD  . GLN A 1 40  ? -2.149  13.843  5.911   1.00 21.45 ? 62  GLN A CD  1 
ATOM   307  O OE1 . GLN A 1 40  ? -2.835  12.885  5.548   1.00 21.15 ? 62  GLN A OE1 1 
ATOM   308  N NE2 . GLN A 1 40  ? -1.368  14.520  5.078   1.00 24.88 ? 62  GLN A NE2 1 
ATOM   309  N N   . ASP A 1 41  ? 1.101   12.990  9.579   1.00 17.68 ? 63  ASP A N   1 
ATOM   310  C CA  . ASP A 1 41  ? 2.327   13.644  10.025  1.00 18.63 ? 63  ASP A CA  1 
ATOM   311  C C   . ASP A 1 41  ? 3.520   13.073  9.266   1.00 17.28 ? 63  ASP A C   1 
ATOM   312  O O   . ASP A 1 41  ? 4.425   13.804  8.864   1.00 17.50 ? 63  ASP A O   1 
ATOM   313  C CB  . ASP A 1 41  ? 2.535   13.434  11.530  1.00 21.87 ? 63  ASP A CB  1 
ATOM   314  C CG  . ASP A 1 41  ? 1.849   14.494  12.369  1.00 26.87 ? 63  ASP A CG  1 
ATOM   315  O OD1 . ASP A 1 41  ? 2.186   15.686  12.208  1.00 31.67 ? 63  ASP A OD1 1 
ATOM   316  O OD2 . ASP A 1 41  ? 0.981   14.140  13.193  1.00 30.08 ? 63  ASP A OD2 1 
ATOM   317  N N   . SER A 1 42  ? 3.519   11.760  9.068   1.00 16.62 ? 64  SER A N   1 
ATOM   318  C CA  . SER A 1 42  ? 4.612   11.115  8.356   1.00 15.90 ? 64  SER A CA  1 
ATOM   319  C C   . SER A 1 42  ? 4.604   11.533  6.888   1.00 15.65 ? 64  SER A C   1 
ATOM   320  O O   . SER A 1 42  ? 5.651   11.838  6.314   1.00 14.93 ? 64  SER A O   1 
ATOM   321  C CB  . SER A 1 42  ? 4.488   9.597   8.474   1.00 16.00 ? 64  SER A CB  1 
ATOM   322  O OG  . SER A 1 42  ? 5.636   8.960   7.950   1.00 17.93 ? 64  SER A OG  1 
ATOM   323  N N   . MET A 1 43  ? 3.420   11.545  6.282   1.00 14.99 ? 65  MET A N   1 
ATOM   324  C CA  . MET A 1 43  ? 3.281   11.945  4.885   1.00 15.16 ? 65  MET A CA  1 
ATOM   325  C C   . MET A 1 43  ? 3.777   13.380  4.716   1.00 17.29 ? 65  MET A C   1 
ATOM   326  O O   . MET A 1 43  ? 4.515   13.687  3.780   1.00 15.11 ? 65  MET A O   1 
ATOM   327  C CB  . MET A 1 43  ? 1.812   11.839  4.451   1.00 16.00 ? 65  MET A CB  1 
ATOM   328  C CG  . MET A 1 43  ? 1.522   12.288  3.022   1.00 14.42 ? 65  MET A CG  1 
ATOM   329  S SD  . MET A 1 43  ? 2.413   11.359  1.756   1.00 14.65 ? 65  MET A SD  1 
ATOM   330  C CE  . MET A 1 43  ? 1.335   9.963   1.542   1.00 14.37 ? 65  MET A CE  1 
ATOM   331  N N   . MET A 1 44  ? 3.378   14.258  5.634   1.00 17.97 ? 66  MET A N   1 
ATOM   332  C CA  . MET A 1 44  ? 3.791   15.656  5.574   1.00 20.99 ? 66  MET A CA  1 
ATOM   333  C C   . MET A 1 44  ? 5.309   15.783  5.682   1.00 19.31 ? 66  MET A C   1 
ATOM   334  O O   . MET A 1 44  ? 5.926   16.581  4.978   1.00 19.73 ? 66  MET A O   1 
ATOM   335  C CB  . MET A 1 44  ? 3.109   16.451  6.693   1.00 24.16 ? 66  MET A CB  1 
ATOM   336  C CG  . MET A 1 44  ? 3.403   17.942  6.690   1.00 30.88 ? 66  MET A CG  1 
ATOM   337  S SD  . MET A 1 44  ? 2.356   18.812  7.875   1.00 37.94 ? 66  MET A SD  1 
ATOM   338  C CE  . MET A 1 44  ? 3.307   18.623  9.376   1.00 35.97 ? 66  MET A CE  1 
ATOM   339  N N   . LYS A 1 45  ? 5.908   14.983  6.559   1.00 19.03 ? 67  LYS A N   1 
ATOM   340  C CA  . LYS A 1 45  ? 7.352   15.004  6.750   1.00 18.07 ? 67  LYS A CA  1 
ATOM   341  C C   . LYS A 1 45  ? 8.093   14.528  5.503   1.00 17.64 ? 67  LYS A C   1 
ATOM   342  O O   . LYS A 1 45  ? 9.045   15.163  5.048   1.00 17.53 ? 67  LYS A O   1 
ATOM   343  C CB  . LYS A 1 45  ? 7.737   14.121  7.940   1.00 19.62 ? 67  LYS A CB  1 
ATOM   344  C CG  . LYS A 1 45  ? 9.235   13.974  8.141   1.00 21.54 ? 67  LYS A CG  1 
ATOM   345  C CD  . LYS A 1 45  ? 9.550   13.027  9.286   1.00 26.13 ? 67  LYS A CD  1 
ATOM   346  C CE  . LYS A 1 45  ? 11.043  12.778  9.394   1.00 27.48 ? 67  LYS A CE  1 
ATOM   347  N NZ  . LYS A 1 45  ? 11.366  11.811  10.480  1.00 31.42 ? 67  LYS A NZ  1 
ATOM   348  N N   . LEU A 1 46  ? 7.655   13.401  4.951   1.00 15.27 ? 68  LEU A N   1 
ATOM   349  C CA  . LEU A 1 46  ? 8.285   12.845  3.765   1.00 14.95 ? 68  LEU A CA  1 
ATOM   350  C C   . LEU A 1 46  ? 8.151   13.766  2.559   1.00 15.39 ? 68  LEU A C   1 
ATOM   351  O O   . LEU A 1 46  ? 9.090   13.904  1.775   1.00 15.45 ? 68  LEU A O   1 
ATOM   352  C CB  . LEU A 1 46  ? 7.688   11.472  3.450   1.00 12.80 ? 68  LEU A CB  1 
ATOM   353  C CG  . LEU A 1 46  ? 8.014   10.365  4.453   1.00 12.89 ? 68  LEU A CG  1 
ATOM   354  C CD1 . LEU A 1 46  ? 7.202   9.130   4.114   1.00 12.27 ? 68  LEU A CD1 1 
ATOM   355  C CD2 . LEU A 1 46  ? 9.504   10.043  4.415   1.00 13.91 ? 68  LEU A CD2 1 
ATOM   356  N N   . LYS A 1 47  ? 6.988   14.393  2.407   1.00 16.15 ? 69  LYS A N   1 
ATOM   357  C CA  . LYS A 1 47  ? 6.780   15.304  1.290   1.00 17.96 ? 69  LYS A CA  1 
ATOM   358  C C   . LYS A 1 47  ? 7.669   16.529  1.454   1.00 18.78 ? 69  LYS A C   1 
ATOM   359  O O   . LYS A 1 47  ? 8.158   17.087  0.472   1.00 19.05 ? 69  LYS A O   1 
ATOM   360  C CB  . LYS A 1 47  ? 5.312   15.725  1.200   1.00 16.97 ? 69  LYS A CB  1 
ATOM   361  C CG  . LYS A 1 47  ? 4.423   14.696  0.528   1.00 17.99 ? 69  LYS A CG  1 
ATOM   362  C CD  . LYS A 1 47  ? 3.036   15.254  0.280   1.00 20.34 ? 69  LYS A CD  1 
ATOM   363  C CE  . LYS A 1 47  ? 2.234   14.342  -0.634  1.00 21.99 ? 69  LYS A CE  1 
ATOM   364  N NZ  . LYS A 1 47  ? 0.914   14.948  -0.969  1.00 22.54 ? 69  LYS A NZ  1 
ATOM   365  N N   . GLY A 1 48  ? 7.885   16.933  2.701   1.00 19.21 ? 70  GLY A N   1 
ATOM   366  C CA  . GLY A 1 48  ? 8.735   18.078  2.963   1.00 21.05 ? 70  GLY A CA  1 
ATOM   367  C C   . GLY A 1 48  ? 10.153  17.774  2.523   1.00 21.26 ? 70  GLY A C   1 
ATOM   368  O O   . GLY A 1 48  ? 10.844  18.638  1.982   1.00 23.52 ? 70  GLY A O   1 
ATOM   369  N N   . VAL A 1 49  ? 10.589  16.539  2.755   1.00 21.20 ? 71  VAL A N   1 
ATOM   370  C CA  . VAL A 1 49  ? 11.929  16.108  2.372   1.00 21.36 ? 71  VAL A CA  1 
ATOM   371  C C   . VAL A 1 49  ? 12.046  16.087  0.851   1.00 21.55 ? 71  VAL A C   1 
ATOM   372  O O   . VAL A 1 49  ? 13.052  16.521  0.284   1.00 21.29 ? 71  VAL A O   1 
ATOM   373  C CB  . VAL A 1 49  ? 12.239  14.694  2.916   1.00 21.73 ? 71  VAL A CB  1 
ATOM   374  C CG1 . VAL A 1 49  ? 13.585  14.222  2.400   1.00 23.66 ? 71  VAL A CG1 1 
ATOM   375  C CG2 . VAL A 1 49  ? 12.235  14.711  4.438   1.00 22.71 ? 71  VAL A CG2 1 
ATOM   376  N N   . VAL A 1 50  ? 11.009  15.578  0.193   1.00 20.30 ? 72  VAL A N   1 
ATOM   377  C CA  . VAL A 1 50  ? 10.989  15.513  -1.261  1.00 21.54 ? 72  VAL A CA  1 
ATOM   378  C C   . VAL A 1 50  ? 11.018  16.915  -1.861  1.00 21.39 ? 72  VAL A C   1 
ATOM   379  O O   . VAL A 1 50  ? 11.718  17.161  -2.844  1.00 22.51 ? 72  VAL A O   1 
ATOM   380  C CB  . VAL A 1 50  ? 9.731   14.776  -1.766  1.00 21.68 ? 72  VAL A CB  1 
ATOM   381  C CG1 . VAL A 1 50  ? 9.635   14.877  -3.278  1.00 22.81 ? 72  VAL A CG1 1 
ATOM   382  C CG2 . VAL A 1 50  ? 9.784   13.318  -1.341  1.00 21.79 ? 72  VAL A CG2 1 
ATOM   383  N N   . ALA A 1 51  ? 10.259  17.833  -1.269  1.00 22.82 ? 73  ALA A N   1 
ATOM   384  C CA  . ALA A 1 51  ? 10.213  19.207  -1.753  1.00 23.72 ? 73  ALA A CA  1 
ATOM   385  C C   . ALA A 1 51  ? 11.591  19.843  -1.641  1.00 25.02 ? 73  ALA A C   1 
ATOM   386  O O   . ALA A 1 51  ? 12.003  20.613  -2.509  1.00 25.79 ? 73  ALA A O   1 
ATOM   387  C CB  . ALA A 1 51  ? 9.194   20.013  -0.953  1.00 24.04 ? 73  ALA A CB  1 
ATOM   388  N N   . GLY A 1 52  ? 12.302  19.515  -0.566  1.00 25.18 ? 74  GLY A N   1 
ATOM   389  C CA  . GLY A 1 52  ? 13.632  20.059  -0.363  1.00 26.19 ? 74  GLY A CA  1 
ATOM   390  C C   . GLY A 1 52  ? 14.616  19.514  -1.379  1.00 27.47 ? 74  GLY A C   1 
ATOM   391  O O   . GLY A 1 52  ? 15.531  20.215  -1.812  1.00 29.18 ? 74  GLY A O   1 
ATOM   392  N N   . ALA A 1 53  ? 14.426  18.258  -1.765  1.00 27.78 ? 75  ALA A N   1 
ATOM   393  C CA  . ALA A 1 53  ? 15.299  17.621  -2.740  1.00 28.68 ? 75  ALA A CA  1 
ATOM   394  C C   . ALA A 1 53  ? 14.943  18.114  -4.138  1.00 29.27 ? 75  ALA A C   1 
ATOM   395  O O   . ALA A 1 53  ? 15.802  18.213  -5.013  1.00 28.87 ? 75  ALA A O   1 
ATOM   396  C CB  . ALA A 1 53  ? 15.151  16.105  -2.666  1.00 28.86 ? 75  ALA A CB  1 
ATOM   397  N N   . ARG A 1 54  ? 13.665  18.423  -4.334  1.00 30.18 ? 76  ARG A N   1 
ATOM   398  C CA  . ARG A 1 54  ? 13.170  18.906  -5.617  1.00 32.28 ? 76  ARG A CA  1 
ATOM   399  C C   . ARG A 1 54  ? 13.742  20.286  -5.927  1.00 32.98 ? 76  ARG A C   1 
ATOM   400  O O   . ARG A 1 54  ? 13.858  20.671  -7.091  1.00 32.61 ? 76  ARG A O   1 
ATOM   401  C CB  . ARG A 1 54  ? 11.638  18.952  -5.592  1.00 33.79 ? 76  ARG A CB  1 
ATOM   402  C CG  . ARG A 1 54  ? 10.975  19.376  -6.895  1.00 36.55 ? 76  ARG A CG  1 
ATOM   403  C CD  . ARG A 1 54  ? 10.752  20.880  -6.951  1.00 40.02 ? 76  ARG A CD  1 
ATOM   404  N NE  . ARG A 1 54  ? 9.898   21.257  -8.076  1.00 42.42 ? 76  ARG A NE  1 
ATOM   405  C CZ  . ARG A 1 54  ? 9.435   22.485  -8.286  1.00 43.23 ? 76  ARG A CZ  1 
ATOM   406  N NH1 . ARG A 1 54  ? 9.741   23.466  -7.447  1.00 43.84 ? 76  ARG A NH1 1 
ATOM   407  N NH2 . ARG A 1 54  ? 8.659   22.734  -9.333  1.00 44.00 ? 76  ARG A NH2 1 
ATOM   408  N N   . SER A 1 55  ? 14.101  21.025  -4.882  1.00 34.08 ? 77  SER A N   1 
ATOM   409  C CA  . SER A 1 55  ? 14.672  22.356  -5.058  1.00 34.87 ? 77  SER A CA  1 
ATOM   410  C C   . SER A 1 55  ? 16.150  22.221  -5.408  1.00 34.93 ? 77  SER A C   1 
ATOM   411  O O   . SER A 1 55  ? 16.776  23.169  -5.884  1.00 35.78 ? 77  SER A O   1 
ATOM   412  C CB  . SER A 1 55  ? 14.514  23.183  -3.779  1.00 35.41 ? 77  SER A CB  1 
ATOM   413  O OG  . SER A 1 55  ? 15.228  22.605  -2.700  1.00 35.83 ? 77  SER A OG  1 
ATOM   414  N N   . LYS A 1 56  ? 16.699  21.035  -5.167  1.00 35.35 ? 78  LYS A N   1 
ATOM   415  C CA  . LYS A 1 56  ? 18.101  20.760  -5.462  1.00 35.24 ? 78  LYS A CA  1 
ATOM   416  C C   . LYS A 1 56  ? 18.240  20.045  -6.800  1.00 35.15 ? 78  LYS A C   1 
ATOM   417  O O   . LYS A 1 56  ? 19.347  19.721  -7.227  1.00 35.46 ? 78  LYS A O   1 
ATOM   418  C CB  . LYS A 1 56  ? 18.724  19.899  -4.359  1.00 36.10 ? 78  LYS A CB  1 
ATOM   419  C CG  . LYS A 1 56  ? 18.851  20.591  -3.010  1.00 36.91 ? 78  LYS A CG  1 
ATOM   420  C CD  . LYS A 1 56  ? 19.630  19.729  -2.027  1.00 38.49 ? 78  LYS A CD  1 
ATOM   421  C CE  . LYS A 1 56  ? 19.818  20.436  -0.694  1.00 39.85 ? 78  LYS A CE  1 
ATOM   422  N NZ  . LYS A 1 56  ? 20.643  19.634  0.255   1.00 41.05 ? 78  LYS A NZ  1 
ATOM   423  N N   . GLY A 1 57  ? 17.109  19.793  -7.452  1.00 34.89 ? 79  GLY A N   1 
ATOM   424  C CA  . GLY A 1 57  ? 17.132  19.122  -8.739  1.00 34.61 ? 79  GLY A CA  1 
ATOM   425  C C   . GLY A 1 57  ? 16.873  17.628  -8.669  1.00 33.78 ? 79  GLY A C   1 
ATOM   426  O O   . GLY A 1 57  ? 17.043  16.922  -9.664  1.00 34.22 ? 79  GLY A O   1 
ATOM   427  N N   . GLU A 1 58  ? 16.461  17.144  -7.501  1.00 32.71 ? 80  GLU A N   1 
ATOM   428  C CA  . GLU A 1 58  ? 16.176  15.722  -7.317  1.00 31.71 ? 80  GLU A CA  1 
ATOM   429  C C   . GLU A 1 58  ? 14.708  15.406  -7.581  1.00 29.24 ? 80  GLU A C   1 
ATOM   430  O O   . GLU A 1 58  ? 13.821  16.195  -7.250  1.00 29.89 ? 80  GLU A O   1 
ATOM   431  C CB  . GLU A 1 58  ? 16.544  15.276  -5.896  1.00 33.39 ? 80  GLU A CB  1 
ATOM   432  C CG  . GLU A 1 58  ? 18.027  15.013  -5.664  1.00 37.20 ? 80  GLU A CG  1 
ATOM   433  C CD  . GLU A 1 58  ? 18.861  16.278  -5.627  1.00 39.20 ? 80  GLU A CD  1 
ATOM   434  O OE1 . GLU A 1 58  ? 18.884  17.012  -6.637  1.00 41.61 ? 80  GLU A OE1 1 
ATOM   435  O OE2 . GLU A 1 58  ? 19.497  16.538  -4.584  1.00 40.69 ? 80  GLU A OE2 1 
ATOM   436  N N   . HIS A 1 59  ? 14.457  14.244  -8.176  1.00 26.09 ? 81  HIS A N   1 
ATOM   437  C CA  . HIS A 1 59  ? 13.100  13.812  -8.495  1.00 24.25 ? 81  HIS A CA  1 
ATOM   438  C C   . HIS A 1 59  ? 12.761  12.479  -7.837  1.00 20.56 ? 81  HIS A C   1 
ATOM   439  O O   . HIS A 1 59  ? 13.648  11.683  -7.531  1.00 20.17 ? 81  HIS A O   1 
ATOM   440  C CB  . HIS A 1 59  ? 12.933  13.679  -10.011 1.00 26.56 ? 81  HIS A CB  1 
ATOM   441  C CG  . HIS A 1 59  ? 12.983  14.984  -10.744 1.00 29.47 ? 81  HIS A CG  1 
ATOM   442  N ND1 . HIS A 1 59  ? 11.999  15.941  -10.627 1.00 30.38 ? 81  HIS A ND1 1 
ATOM   443  C CD2 . HIS A 1 59  ? 13.904  15.492  -11.597 1.00 30.94 ? 81  HIS A CD2 1 
ATOM   444  C CE1 . HIS A 1 59  ? 12.311  16.984  -11.377 1.00 31.98 ? 81  HIS A CE1 1 
ATOM   445  N NE2 . HIS A 1 59  ? 13.462  16.737  -11.975 1.00 31.13 ? 81  HIS A NE2 1 
ATOM   446  N N   . LYS A 1 60  ? 11.470  12.240  -7.629  1.00 17.48 ? 82  LYS A N   1 
ATOM   447  C CA  . LYS A 1 60  ? 11.018  10.995  -7.018  1.00 14.62 ? 82  LYS A CA  1 
ATOM   448  C C   . LYS A 1 60  ? 11.237  9.817   -7.956  1.00 13.95 ? 82  LYS A C   1 
ATOM   449  O O   . LYS A 1 60  ? 11.192  9.962   -9.182  1.00 15.38 ? 82  LYS A O   1 
ATOM   450  C CB  . LYS A 1 60  ? 9.534   11.086  -6.655  1.00 12.46 ? 82  LYS A CB  1 
ATOM   451  C CG  . LYS A 1 60  ? 9.232   12.058  -5.528  1.00 13.25 ? 82  LYS A CG  1 
ATOM   452  C CD  . LYS A 1 60  ? 7.761   12.015  -5.146  1.00 13.93 ? 82  LYS A CD  1 
ATOM   453  C CE  . LYS A 1 60  ? 6.876   12.614  -6.223  1.00 16.47 ? 82  LYS A CE  1 
ATOM   454  N NZ  . LYS A 1 60  ? 7.064   14.091  -6.322  1.00 18.79 ? 82  LYS A NZ  1 
ATOM   455  N N   . GLN A 1 61  ? 11.479  8.648   -7.370  1.00 12.95 ? 83  GLN A N   1 
ATOM   456  C CA  . GLN A 1 61  ? 11.694  7.437   -8.150  1.00 11.58 ? 83  GLN A CA  1 
ATOM   457  C C   . GLN A 1 61  ? 10.396  6.975   -8.799  1.00 10.92 ? 83  GLN A C   1 
ATOM   458  O O   . GLN A 1 61  ? 9.361   6.891   -8.137  1.00 11.40 ? 83  GLN A O   1 
ATOM   459  C CB  . GLN A 1 61  ? 12.240  6.315   -7.261  1.00 11.68 ? 83  GLN A CB  1 
ATOM   460  C CG  . GLN A 1 61  ? 12.520  5.019   -8.023  1.00 14.18 ? 83  GLN A CG  1 
ATOM   461  C CD  . GLN A 1 61  ? 12.912  3.859   -7.123  1.00 16.03 ? 83  GLN A CD  1 
ATOM   462  O OE1 . GLN A 1 61  ? 13.231  2.770   -7.605  1.00 19.13 ? 83  GLN A OE1 1 
ATOM   463  N NE2 . GLN A 1 61  ? 12.887  4.082   -5.814  1.00 14.53 ? 83  GLN A NE2 1 
ATOM   464  N N   . LYS A 1 62  ? 10.453  6.687   -10.097 1.00 11.27 ? 84  LYS A N   1 
ATOM   465  C CA  . LYS A 1 62  ? 9.287   6.205   -10.831 1.00 10.20 ? 84  LYS A CA  1 
ATOM   466  C C   . LYS A 1 62  ? 9.167   4.712   -10.556 1.00 9.62  ? 84  LYS A C   1 
ATOM   467  O O   . LYS A 1 62  ? 10.139  3.959   -10.689 1.00 10.55 ? 84  LYS A O   1 
ATOM   468  C CB  . LYS A 1 62  ? 9.449   6.469   -12.329 1.00 12.12 ? 84  LYS A CB  1 
ATOM   469  C CG  . LYS A 1 62  ? 9.441   7.954   -12.673 1.00 14.54 ? 84  LYS A CG  1 
ATOM   470  C CD  . LYS A 1 62  ? 9.664   8.189   -14.158 1.00 19.78 ? 84  LYS A CD  1 
ATOM   471  C CE  . LYS A 1 62  ? 9.629   9.676   -14.476 1.00 20.68 ? 84  LYS A CE  1 
ATOM   472  N NZ  . LYS A 1 62  ? 9.855   9.927   -15.924 1.00 26.79 ? 84  LYS A NZ  1 
ATOM   473  N N   . ILE A 1 63  ? 7.969   4.285   -10.175 1.00 7.96  ? 85  ILE A N   1 
ATOM   474  C CA  . ILE A 1 63  ? 7.731   2.888   -9.825  1.00 8.66  ? 85  ILE A CA  1 
ATOM   475  C C   . ILE A 1 63  ? 6.375   2.419   -10.308 1.00 8.20  ? 85  ILE A C   1 
ATOM   476  O O   . ILE A 1 63  ? 5.606   3.163   -10.905 1.00 8.50  ? 85  ILE A O   1 
ATOM   477  C CB  . ILE A 1 63  ? 7.684   2.708   -8.276  1.00 6.93  ? 85  ILE A CB  1 
ATOM   478  C CG1 . ILE A 1 63  ? 6.519   3.536   -7.696  1.00 7.35  ? 85  ILE A CG1 1 
ATOM   479  C CG2 . ILE A 1 63  ? 9.004   3.139   -7.647  1.00 8.11  ? 85  ILE A CG2 1 
ATOM   480  C CD1 . ILE A 1 63  ? 6.155   3.207   -6.251  1.00 9.36  ? 85  ILE A CD1 1 
ATOM   481  N N   . PHE A 1 64  ? 6.113   1.143   -10.081 1.00 10.12 ? 86  PHE A N   1 
ATOM   482  C CA  . PHE A 1 64  ? 4.789   0.621   -10.316 1.00 10.10 ? 86  PHE A CA  1 
ATOM   483  C C   . PHE A 1 64  ? 4.597   -0.293  -9.129  1.00 9.54  ? 86  PHE A C   1 
ATOM   484  O O   . PHE A 1 64  ? 5.532   -0.951  -8.673  1.00 10.38 ? 86  PHE A O   1 
ATOM   485  C CB  . PHE A 1 64  ? 4.606   -0.056  -11.692 1.00 13.70 ? 86  PHE A CB  1 
ATOM   486  C CG  . PHE A 1 64  ? 5.426   -1.283  -11.926 1.00 15.72 ? 86  PHE A CG  1 
ATOM   487  C CD1 . PHE A 1 64  ? 4.973   -2.535  -11.514 1.00 18.31 ? 86  PHE A CD1 1 
ATOM   488  C CD2 . PHE A 1 64  ? 6.590   -1.206  -12.681 1.00 17.59 ? 86  PHE A CD2 1 
ATOM   489  C CE1 . PHE A 1 64  ? 5.665   -3.691  -11.866 1.00 18.16 ? 86  PHE A CE1 1 
ATOM   490  C CE2 . PHE A 1 64  ? 7.288   -2.353  -13.036 1.00 16.89 ? 86  PHE A CE2 1 
ATOM   491  C CZ  . PHE A 1 64  ? 6.827   -3.598  -12.632 1.00 19.90 ? 86  PHE A CZ  1 
ATOM   492  N N   . LEU A 1 65  ? 3.411   -0.245  -8.550  1.00 8.44  ? 87  LEU A N   1 
ATOM   493  C CA  . LEU A 1 65  ? 3.128   -1.064  -7.395  1.00 11.40 ? 87  LEU A CA  1 
ATOM   494  C C   . LEU A 1 65  ? 2.047   -2.048  -7.746  1.00 12.02 ? 87  LEU A C   1 
ATOM   495  O O   . LEU A 1 65  ? 1.148   -1.747  -8.536  1.00 12.84 ? 87  LEU A O   1 
ATOM   496  C CB  . LEU A 1 65  ? 2.675   -0.205  -6.212  1.00 17.06 ? 87  LEU A CB  1 
ATOM   497  C CG  . LEU A 1 65  ? 1.429   0.663   -6.383  1.00 20.79 ? 87  LEU A CG  1 
ATOM   498  C CD1 . LEU A 1 65  ? 0.915   1.094   -5.020  1.00 23.94 ? 87  LEU A CD1 1 
ATOM   499  C CD2 . LEU A 1 65  ? 1.753   1.873   -7.242  1.00 25.21 ? 87  LEU A CD2 1 
ATOM   500  N N   . THR A 1 66  ? 2.145   -3.241  -7.180  1.00 8.45  ? 88  THR A N   1 
ATOM   501  C CA  . THR A 1 66  ? 1.130   -4.239  -7.433  1.00 8.26  ? 88  THR A CA  1 
ATOM   502  C C   . THR A 1 66  ? 0.466   -4.627  -6.126  1.00 7.45  ? 88  THR A C   1 
ATOM   503  O O   . THR A 1 66  ? 1.075   -4.563  -5.048  1.00 7.43  ? 88  THR A O   1 
ATOM   504  C CB  . THR A 1 66  ? 1.698   -5.505  -8.104  1.00 7.93  ? 88  THR A CB  1 
ATOM   505  O OG1 . THR A 1 66  ? 2.562   -6.198  -7.196  1.00 9.12  ? 88  THR A OG1 1 
ATOM   506  C CG2 . THR A 1 66  ? 2.469   -5.135  -9.360  1.00 10.41 ? 88  THR A CG2 1 
ATOM   507  N N   . ILE A 1 67  ? -0.806  -4.986  -6.242  1.00 7.97  ? 89  ILE A N   1 
ATOM   508  C CA  . ILE A 1 67  ? -1.624  -5.413  -5.113  1.00 8.54  ? 89  ILE A CA  1 
ATOM   509  C C   . ILE A 1 67  ? -2.084  -6.820  -5.479  1.00 7.35  ? 89  ILE A C   1 
ATOM   510  O O   . ILE A 1 67  ? -2.761  -7.013  -6.488  1.00 8.48  ? 89  ILE A O   1 
ATOM   511  C CB  . ILE A 1 67  ? -2.849  -4.494  -4.946  1.00 8.11  ? 89  ILE A CB  1 
ATOM   512  C CG1 . ILE A 1 67  ? -2.383  -3.054  -4.705  1.00 12.56 ? 89  ILE A CG1 1 
ATOM   513  C CG2 . ILE A 1 67  ? -3.725  -4.989  -3.803  1.00 9.09  ? 89  ILE A CG2 1 
ATOM   514  C CD1 . ILE A 1 67  ? -3.512  -2.057  -4.553  1.00 14.02 ? 89  ILE A CD1 1 
ATOM   515  N N   . SER A 1 68  ? -1.701  -7.804  -4.669  1.00 7.83  ? 90  SER A N   1 
ATOM   516  C CA  . SER A 1 68  ? -2.048  -9.197  -4.935  1.00 7.47  ? 90  SER A CA  1 
ATOM   517  C C   . SER A 1 68  ? -2.146  -9.947  -3.617  1.00 7.93  ? 90  SER A C   1 
ATOM   518  O O   . SER A 1 68  ? -2.022  -9.348  -2.552  1.00 8.84  ? 90  SER A O   1 
ATOM   519  C CB  . SER A 1 68  ? -0.966  -9.846  -5.807  1.00 8.64  ? 90  SER A CB  1 
ATOM   520  O OG  . SER A 1 68  ? 0.259   -9.956  -5.098  1.00 9.27  ? 90  SER A OG  1 
ATOM   521  N N   . PHE A 1 69  ? -2.372  -11.255 -3.686  1.00 10.63 ? 91  PHE A N   1 
ATOM   522  C CA  . PHE A 1 69  ? -2.445  -12.045 -2.464  1.00 10.72 ? 91  PHE A CA  1 
ATOM   523  C C   . PHE A 1 69  ? -1.078  -12.015 -1.789  1.00 10.18 ? 91  PHE A C   1 
ATOM   524  O O   . PHE A 1 69  ? -0.943  -12.361 -0.614  1.00 11.22 ? 91  PHE A O   1 
ATOM   525  C CB  . PHE A 1 69  ? -2.865  -13.484 -2.775  1.00 9.75  ? 91  PHE A CB  1 
ATOM   526  C CG  . PHE A 1 69  ? -4.326  -13.630 -3.080  1.00 11.02 ? 91  PHE A CG  1 
ATOM   527  C CD1 . PHE A 1 69  ? -4.763  -13.913 -4.370  1.00 12.74 ? 91  PHE A CD1 1 
ATOM   528  C CD2 . PHE A 1 69  ? -5.270  -13.480 -2.068  1.00 12.53 ? 91  PHE A CD2 1 
ATOM   529  C CE1 . PHE A 1 69  ? -6.125  -14.047 -4.649  1.00 13.20 ? 91  PHE A CE1 1 
ATOM   530  C CE2 . PHE A 1 69  ? -6.632  -13.613 -2.335  1.00 14.47 ? 91  PHE A CE2 1 
ATOM   531  C CZ  . PHE A 1 69  ? -7.059  -13.897 -3.627  1.00 15.09 ? 91  PHE A CZ  1 
ATOM   532  N N   . GLY A 1 70  ? -0.069  -11.592 -2.547  1.00 11.31 ? 92  GLY A N   1 
ATOM   533  C CA  . GLY A 1 70  ? 1.276   -11.485 -2.016  1.00 11.17 ? 92  GLY A CA  1 
ATOM   534  C C   . GLY A 1 70  ? 1.501   -10.174 -1.278  1.00 10.51 ? 92  GLY A C   1 
ATOM   535  O O   . GLY A 1 70  ? 2.594   -9.921  -0.771  1.00 12.53 ? 92  GLY A O   1 
ATOM   536  N N   . GLY A 1 71  ? 0.470   -9.336  -1.217  1.00 10.26 ? 93  GLY A N   1 
ATOM   537  C CA  . GLY A 1 71  ? 0.581   -8.060  -0.529  1.00 9.49  ? 93  GLY A CA  1 
ATOM   538  C C   . GLY A 1 71  ? 0.885   -6.912  -1.470  1.00 9.03  ? 93  GLY A C   1 
ATOM   539  O O   . GLY A 1 71  ? 0.366   -6.861  -2.591  1.00 9.35  ? 93  GLY A O   1 
ATOM   540  N N   . ILE A 1 72  ? 1.714   -5.983  -1.011  1.00 8.16  ? 94  ILE A N   1 
ATOM   541  C CA  . ILE A 1 72  ? 2.100   -4.833  -1.822  1.00 8.72  ? 94  ILE A CA  1 
ATOM   542  C C   . ILE A 1 72  ? 3.548   -4.984  -2.265  1.00 9.39  ? 94  ILE A C   1 
ATOM   543  O O   . ILE A 1 72  ? 4.431   -5.230  -1.446  1.00 9.11  ? 94  ILE A O   1 
ATOM   544  C CB  . ILE A 1 72  ? 1.972   -3.506  -1.039  1.00 8.64  ? 94  ILE A CB  1 
ATOM   545  C CG1 . ILE A 1 72  ? 0.517   -3.289  -0.594  1.00 8.57  ? 94  ILE A CG1 1 
ATOM   546  C CG2 . ILE A 1 72  ? 2.448   -2.343  -1.917  1.00 10.16 ? 94  ILE A CG2 1 
ATOM   547  C CD1 . ILE A 1 72  ? 0.300   -2.034  0.243   1.00 10.20 ? 94  ILE A CD1 1 
ATOM   548  N N   . LYS A 1 73  ? 3.783   -4.858  -3.568  1.00 7.93  ? 95  LYS A N   1 
ATOM   549  C CA  . LYS A 1 73  ? 5.126   -4.958  -4.125  1.00 8.13  ? 95  LYS A CA  1 
ATOM   550  C C   . LYS A 1 73  ? 5.416   -3.678  -4.883  1.00 8.10  ? 95  LYS A C   1 
ATOM   551  O O   . LYS A 1 73  ? 4.552   -3.157  -5.590  1.00 9.31  ? 95  LYS A O   1 
ATOM   552  C CB  . LYS A 1 73  ? 5.232   -6.161  -5.064  1.00 8.42  ? 95  LYS A CB  1 
ATOM   553  C CG  . LYS A 1 73  ? 5.134   -7.499  -4.350  1.00 11.16 ? 95  LYS A CG  1 
ATOM   554  C CD  . LYS A 1 73  ? 5.199   -8.658  -5.320  1.00 13.95 ? 95  LYS A CD  1 
ATOM   555  C CE  . LYS A 1 73  ? 5.078   -9.979  -4.578  1.00 17.75 ? 95  LYS A CE  1 
ATOM   556  N NZ  . LYS A 1 73  ? 5.083   -11.143 -5.504  1.00 19.09 ? 95  LYS A NZ  1 
ATOM   557  N N   . ILE A 1 74  ? 6.626   -3.161  -4.713  1.00 7.43  ? 96  ILE A N   1 
ATOM   558  C CA  . ILE A 1 74  ? 7.034   -1.937  -5.389  1.00 8.11  ? 96  ILE A CA  1 
ATOM   559  C C   . ILE A 1 74  ? 8.169   -2.291  -6.338  1.00 7.76  ? 96  ILE A C   1 
ATOM   560  O O   . ILE A 1 74  ? 9.206   -2.809  -5.914  1.00 9.60  ? 96  ILE A O   1 
ATOM   561  C CB  . ILE A 1 74  ? 7.506   -0.875  -4.372  1.00 8.58  ? 96  ILE A CB  1 
ATOM   562  C CG1 . ILE A 1 74  ? 6.330   -0.481  -3.472  1.00 11.78 ? 96  ILE A CG1 1 
ATOM   563  C CG2 . ILE A 1 74  ? 8.073   0.348   -5.098  1.00 10.81 ? 96  ILE A CG2 1 
ATOM   564  C CD1 . ILE A 1 74  ? 6.705   0.417   -2.311  1.00 14.16 ? 96  ILE A CD1 1 
ATOM   565  N N   . PHE A 1 75  ? 7.954   -2.033  -7.621  1.00 7.55  ? 97  PHE A N   1 
ATOM   566  C CA  . PHE A 1 75  ? 8.950   -2.320  -8.647  1.00 7.89  ? 97  PHE A CA  1 
ATOM   567  C C   . PHE A 1 75  ? 9.511   -1.031  -9.238  1.00 8.55  ? 97  PHE A C   1 
ATOM   568  O O   . PHE A 1 75  ? 8.799   -0.035  -9.385  1.00 9.00  ? 97  PHE A O   1 
ATOM   569  C CB  . PHE A 1 75  ? 8.340   -3.130  -9.800  1.00 8.86  ? 97  PHE A CB  1 
ATOM   570  C CG  . PHE A 1 75  ? 7.762   -4.457  -9.394  1.00 8.45  ? 97  PHE A CG  1 
ATOM   571  C CD1 . PHE A 1 75  ? 6.512   -4.533  -8.786  1.00 10.73 ? 97  PHE A CD1 1 
ATOM   572  C CD2 . PHE A 1 75  ? 8.455   -5.635  -9.649  1.00 11.33 ? 97  PHE A CD2 1 
ATOM   573  C CE1 . PHE A 1 75  ? 5.961   -5.764  -8.443  1.00 10.94 ? 97  PHE A CE1 1 
ATOM   574  C CE2 . PHE A 1 75  ? 7.912   -6.869  -9.308  1.00 11.98 ? 97  PHE A CE2 1 
ATOM   575  C CZ  . PHE A 1 75  ? 6.660   -6.932  -8.704  1.00 9.96  ? 97  PHE A CZ  1 
ATOM   576  N N   . ASP A 1 76  ? 10.792  -1.051  -9.586  1.00 8.87  ? 98  ASP A N   1 
ATOM   577  C CA  . ASP A 1 76  ? 11.408  0.116   -10.211 1.00 7.85  ? 98  ASP A CA  1 
ATOM   578  C C   . ASP A 1 76  ? 10.878  0.157   -11.647 1.00 8.00  ? 98  ASP A C   1 
ATOM   579  O O   . ASP A 1 76  ? 10.909  -0.849  -12.347 1.00 8.52  ? 98  ASP A O   1 
ATOM   580  C CB  . ASP A 1 76  ? 12.926  -0.033  -10.220 1.00 8.49  ? 98  ASP A CB  1 
ATOM   581  C CG  . ASP A 1 76  ? 13.605  1.067   -10.995 1.00 8.94  ? 98  ASP A CG  1 
ATOM   582  O OD1 . ASP A 1 76  ? 14.129  0.793   -12.095 1.00 10.97 ? 98  ASP A OD1 1 
ATOM   583  O OD2 . ASP A 1 76  ? 13.603  2.210   -10.500 1.00 10.84 ? 98  ASP A OD2 1 
ATOM   584  N N   . GLU A 1 77  ? 10.397  1.311   -12.096 1.00 8.38  ? 99  GLU A N   1 
ATOM   585  C CA  . GLU A 1 77  ? 9.840   1.400   -13.441 1.00 9.49  ? 99  GLU A CA  1 
ATOM   586  C C   . GLU A 1 77  ? 10.838  1.186   -14.569 1.00 9.21  ? 99  GLU A C   1 
ATOM   587  O O   . GLU A 1 77  ? 10.555  0.464   -15.525 1.00 10.85 ? 99  GLU A O   1 
ATOM   588  C CB  . GLU A 1 77  ? 9.149   2.750   -13.651 1.00 11.68 ? 99  GLU A CB  1 
ATOM   589  C CG  . GLU A 1 77  ? 8.406   2.856   -14.983 1.00 13.77 ? 99  GLU A CG  1 
ATOM   590  C CD  . GLU A 1 77  ? 7.647   4.165   -15.133 1.00 17.22 ? 99  GLU A CD  1 
ATOM   591  O OE1 . GLU A 1 77  ? 8.278   5.193   -15.461 1.00 20.07 ? 99  GLU A OE1 1 
ATOM   592  O OE2 . GLU A 1 77  ? 6.414   4.164   -14.913 1.00 21.11 ? 99  GLU A OE2 1 
ATOM   593  N N   . LYS A 1 78  ? 12.003  1.809   -14.457 1.00 9.47  ? 100 LYS A N   1 
ATOM   594  C CA  . LYS A 1 78  ? 13.009  1.718   -15.507 1.00 8.18  ? 100 LYS A CA  1 
ATOM   595  C C   . LYS A 1 78  ? 13.554  0.317   -15.774 1.00 9.55  ? 100 LYS A C   1 
ATOM   596  O O   . LYS A 1 78  ? 13.819  -0.040  -16.926 1.00 9.67  ? 100 LYS A O   1 
ATOM   597  C CB  . LYS A 1 78  ? 14.166  2.675   -15.195 1.00 8.36  ? 100 LYS A CB  1 
ATOM   598  C CG  . LYS A 1 78  ? 13.796  4.157   -15.272 1.00 9.77  ? 100 LYS A CG  1 
ATOM   599  C CD  . LYS A 1 78  ? 14.952  5.062   -14.866 1.00 9.96  ? 100 LYS A CD  1 
ATOM   600  C CE  . LYS A 1 78  ? 14.522  6.518   -14.860 1.00 12.72 ? 100 LYS A CE  1 
ATOM   601  N NZ  . LYS A 1 78  ? 15.646  7.412   -14.483 1.00 12.89 ? 100 LYS A NZ  1 
ATOM   602  N N   . THR A 1 79  ? 13.700  -0.481  -14.723 1.00 8.52  ? 101 THR A N   1 
ATOM   603  C CA  . THR A 1 79  ? 14.260  -1.828  -14.859 1.00 8.70  ? 101 THR A CA  1 
ATOM   604  C C   . THR A 1 79  ? 13.277  -2.964  -14.640 1.00 9.09  ? 101 THR A C   1 
ATOM   605  O O   . THR A 1 79  ? 13.551  -4.105  -15.019 1.00 9.82  ? 101 THR A O   1 
ATOM   606  C CB  . THR A 1 79  ? 15.397  -2.052  -13.860 1.00 8.06  ? 101 THR A CB  1 
ATOM   607  O OG1 . THR A 1 79  ? 14.867  -2.007  -12.527 1.00 9.86  ? 101 THR A OG1 1 
ATOM   608  C CG2 . THR A 1 79  ? 16.465  -0.987  -14.013 1.00 9.24  ? 101 THR A CG2 1 
ATOM   609  N N   . GLY A 1 80  ? 12.153  -2.654  -14.003 1.00 9.58  ? 102 GLY A N   1 
ATOM   610  C CA  . GLY A 1 80  ? 11.157  -3.670  -13.709 1.00 10.17 ? 102 GLY A CA  1 
ATOM   611  C C   . GLY A 1 80  ? 11.496  -4.505  -12.482 1.00 10.86 ? 102 GLY A C   1 
ATOM   612  O O   . GLY A 1 80  ? 10.741  -5.403  -12.107 1.00 13.43 ? 102 GLY A O   1 
ATOM   613  N N   . ALA A 1 81  ? 12.622  -4.206  -11.838 1.00 7.79  ? 103 ALA A N   1 
ATOM   614  C CA  . ALA A 1 81  ? 13.057  -4.968  -10.672 1.00 8.00  ? 103 ALA A CA  1 
ATOM   615  C C   . ALA A 1 81  ? 12.256  -4.732  -9.397  1.00 8.84  ? 103 ALA A C   1 
ATOM   616  O O   . ALA A 1 81  ? 11.873  -3.607  -9.088  1.00 9.54  ? 103 ALA A O   1 
ATOM   617  C CB  . ALA A 1 81  ? 14.528  -4.686  -10.401 1.00 8.61  ? 103 ALA A CB  1 
ATOM   618  N N   . LEU A 1 82  ? 12.025  -5.805  -8.647  1.00 10.46 ? 104 LEU A N   1 
ATOM   619  C CA  . LEU A 1 82  ? 11.304  -5.711  -7.385  1.00 9.78  ? 104 LEU A CA  1 
ATOM   620  C C   . LEU A 1 82  ? 12.218  -5.020  -6.379  1.00 10.93 ? 104 LEU A C   1 
ATOM   621  O O   . LEU A 1 82  ? 13.363  -5.436  -6.178  1.00 12.76 ? 104 LEU A O   1 
ATOM   622  C CB  . LEU A 1 82  ? 10.939  -7.105  -6.875  1.00 10.86 ? 104 LEU A CB  1 
ATOM   623  C CG  . LEU A 1 82  ? 10.195  -7.156  -5.539  1.00 12.71 ? 104 LEU A CG  1 
ATOM   624  C CD1 . LEU A 1 82  ? 8.895   -6.378  -5.645  1.00 13.00 ? 104 LEU A CD1 1 
ATOM   625  C CD2 . LEU A 1 82  ? 9.907   -8.607  -5.175  1.00 14.83 ? 104 LEU A CD2 1 
ATOM   626  N N   . GLN A 1 83  ? 11.711  -3.970  -5.745  1.00 10.22 ? 105 GLN A N   1 
ATOM   627  C CA  . GLN A 1 83  ? 12.492  -3.204  -4.784  1.00 11.85 ? 105 GLN A CA  1 
ATOM   628  C C   . GLN A 1 83  ? 12.004  -3.340  -3.345  1.00 11.15 ? 105 GLN A C   1 
ATOM   629  O O   . GLN A 1 83  ? 12.807  -3.335  -2.409  1.00 13.92 ? 105 GLN A O   1 
ATOM   630  C CB  . GLN A 1 83  ? 12.497  -1.734  -5.192  1.00 13.98 ? 105 GLN A CB  1 
ATOM   631  C CG  . GLN A 1 83  ? 13.514  -0.880  -4.472  1.00 16.08 ? 105 GLN A CG  1 
ATOM   632  C CD  . GLN A 1 83  ? 13.568  0.517   -5.044  1.00 18.86 ? 105 GLN A CD  1 
ATOM   633  O OE1 . GLN A 1 83  ? 13.038  1.467   -4.465  1.00 22.19 ? 105 GLN A OE1 1 
ATOM   634  N NE2 . GLN A 1 83  ? 14.196  0.647   -6.201  1.00 18.45 ? 105 GLN A NE2 1 
ATOM   635  N N   . HIS A 1 84  ? 10.690  -3.440  -3.163  1.00 10.14 ? 106 HIS A N   1 
ATOM   636  C CA  . HIS A 1 84  ? 10.113  -3.597  -1.830  1.00 9.96  ? 106 HIS A CA  1 
ATOM   637  C C   . HIS A 1 84  ? 8.968   -4.596  -1.904  1.00 9.48  ? 106 HIS A C   1 
ATOM   638  O O   . HIS A 1 84  ? 8.241   -4.646  -2.894  1.00 10.68 ? 106 HIS A O   1 
ATOM   639  C CB  . HIS A 1 84  ? 9.573   -2.263  -1.306  1.00 12.69 ? 106 HIS A CB  1 
ATOM   640  C CG  . HIS A 1 84  ? 10.585  -1.162  -1.294  1.00 11.48 ? 106 HIS A CG  1 
ATOM   641  N ND1 . HIS A 1 84  ? 11.567  -1.060  -0.333  1.00 15.02 ? 106 HIS A ND1 1 
ATOM   642  C CD2 . HIS A 1 84  ? 10.776  -0.121  -2.138  1.00 14.18 ? 106 HIS A CD2 1 
ATOM   643  C CE1 . HIS A 1 84  ? 12.316  -0.001  -0.584  1.00 15.75 ? 106 HIS A CE1 1 
ATOM   644  N NE2 . HIS A 1 84  ? 11.858  0.584   -1.675  1.00 15.27 ? 106 HIS A NE2 1 
ATOM   645  N N   . HIS A 1 85  ? 8.814   -5.392  -0.853  1.00 10.10 ? 107 HIS A N   1 
ATOM   646  C CA  . HIS A 1 85  ? 7.759   -6.394  -0.792  1.00 9.59  ? 107 HIS A CA  1 
ATOM   647  C C   . HIS A 1 85  ? 7.217   -6.467  0.625   1.00 9.70  ? 107 HIS A C   1 
ATOM   648  O O   . HIS A 1 85  ? 7.932   -6.830  1.554   1.00 10.15 ? 107 HIS A O   1 
ATOM   649  C CB  . HIS A 1 85  ? 8.313   -7.756  -1.233  1.00 11.95 ? 107 HIS A CB  1 
ATOM   650  C CG  . HIS A 1 85  ? 7.337   -8.889  -1.132  1.00 13.49 ? 107 HIS A CG  1 
ATOM   651  N ND1 . HIS A 1 85  ? 5.979   -8.703  -0.974  1.00 14.63 ? 107 HIS A ND1 1 
ATOM   652  C CD2 . HIS A 1 85  ? 7.527   -10.230 -1.187  1.00 13.77 ? 107 HIS A CD2 1 
ATOM   653  C CE1 . HIS A 1 85  ? 5.377   -9.880  -0.935  1.00 12.66 ? 107 HIS A CE1 1 
ATOM   654  N NE2 . HIS A 1 85  ? 6.294   -10.821 -1.062  1.00 18.22 ? 107 HIS A NE2 1 
ATOM   655  N N   . HIS A 1 86  ? 5.953   -6.093  0.790   1.00 8.97  ? 108 HIS A N   1 
ATOM   656  C CA  . HIS A 1 86  ? 5.325   -6.139  2.099   1.00 10.47 ? 108 HIS A CA  1 
ATOM   657  C C   . HIS A 1 86  ? 4.128   -7.078  2.044   1.00 10.40 ? 108 HIS A C   1 
ATOM   658  O O   . HIS A 1 86  ? 3.137   -6.814  1.364   1.00 10.80 ? 108 HIS A O   1 
ATOM   659  C CB  . HIS A 1 86  ? 4.920   -4.728  2.538   1.00 11.08 ? 108 HIS A CB  1 
ATOM   660  C CG  . HIS A 1 86  ? 6.062   -3.759  2.536   1.00 11.81 ? 108 HIS A CG  1 
ATOM   661  N ND1 . HIS A 1 86  ? 7.227   -3.982  3.240   1.00 17.95 ? 108 HIS A ND1 1 
ATOM   662  C CD2 . HIS A 1 86  ? 6.243   -2.592  1.874   1.00 10.67 ? 108 HIS A CD2 1 
ATOM   663  C CE1 . HIS A 1 86  ? 8.075   -2.997  3.007   1.00 13.41 ? 108 HIS A CE1 1 
ATOM   664  N NE2 . HIS A 1 86  ? 7.503   -2.141  2.181   1.00 15.90 ? 108 HIS A NE2 1 
ATOM   665  N N   . ALA A 1 87  ? 4.255   -8.201  2.744   1.00 11.54 ? 109 ALA A N   1 
ATOM   666  C CA  . ALA A 1 87  ? 3.212   -9.211  2.785   1.00 12.11 ? 109 ALA A CA  1 
ATOM   667  C C   . ALA A 1 87  ? 1.956   -8.683  3.466   1.00 10.81 ? 109 ALA A C   1 
ATOM   668  O O   . ALA A 1 87  ? 2.012   -7.766  4.287   1.00 9.86  ? 109 ALA A O   1 
ATOM   669  C CB  . ALA A 1 87  ? 3.723   -10.448 3.515   1.00 14.22 ? 109 ALA A CB  1 
ATOM   670  N N   . VAL A 1 88  ? 0.821   -9.277  3.122   1.00 10.77 ? 110 VAL A N   1 
ATOM   671  C CA  . VAL A 1 88  ? -0.445  -8.860  3.694   1.00 11.08 ? 110 VAL A CA  1 
ATOM   672  C C   . VAL A 1 88  ? -0.413  -8.862  5.221   1.00 11.58 ? 110 VAL A C   1 
ATOM   673  O O   . VAL A 1 88  ? -0.913  -7.931  5.848   1.00 12.00 ? 110 VAL A O   1 
ATOM   674  C CB  . VAL A 1 88  ? -1.594  -9.767  3.203   1.00 12.21 ? 110 VAL A CB  1 
ATOM   675  C CG1 . VAL A 1 88  ? -2.877  -9.445  3.949   1.00 15.49 ? 110 VAL A CG1 1 
ATOM   676  C CG2 . VAL A 1 88  ? -1.797  -9.570  1.707   1.00 12.45 ? 110 VAL A CG2 1 
ATOM   677  N N   . HIS A 1 89  ? 0.189   -9.886  5.819   1.00 12.01 ? 111 HIS A N   1 
ATOM   678  C CA  . HIS A 1 89  ? 0.230   -9.965  7.278   1.00 13.10 ? 111 HIS A CA  1 
ATOM   679  C C   . HIS A 1 89  ? 1.144   -8.935  7.931   1.00 13.28 ? 111 HIS A C   1 
ATOM   680  O O   . HIS A 1 89  ? 1.138   -8.792  9.155   1.00 13.79 ? 111 HIS A O   1 
ATOM   681  C CB  . HIS A 1 89  ? 0.658   -11.362 7.732   1.00 14.48 ? 111 HIS A CB  1 
ATOM   682  C CG  . HIS A 1 89  ? 2.061   -11.714 7.350   1.00 16.37 ? 111 HIS A CG  1 
ATOM   683  N ND1 . HIS A 1 89  ? 2.366   -12.404 6.197   1.00 20.86 ? 111 HIS A ND1 1 
ATOM   684  C CD2 . HIS A 1 89  ? 3.241   -11.459 7.962   1.00 17.27 ? 111 HIS A CD2 1 
ATOM   685  C CE1 . HIS A 1 89  ? 3.676   -12.560 6.115   1.00 18.58 ? 111 HIS A CE1 1 
ATOM   686  N NE2 . HIS A 1 89  ? 4.230   -11.996 7.173   1.00 19.34 ? 111 HIS A NE2 1 
ATOM   687  N N   . GLU A 1 90  ? 1.920   -8.223  7.116   1.00 12.96 ? 112 GLU A N   1 
ATOM   688  C CA  . GLU A 1 90  ? 2.855   -7.210  7.606   1.00 13.37 ? 112 GLU A CA  1 
ATOM   689  C C   . GLU A 1 90  ? 2.285   -5.795  7.520   1.00 11.22 ? 112 GLU A C   1 
ATOM   690  O O   . GLU A 1 90  ? 2.833   -4.869  8.111   1.00 11.64 ? 112 GLU A O   1 
ATOM   691  C CB  . GLU A 1 90  ? 4.162   -7.242  6.800   1.00 16.63 ? 112 GLU A CB  1 
ATOM   692  C CG  . GLU A 1 90  ? 4.878   -8.581  6.756   1.00 19.50 ? 112 GLU A CG  1 
ATOM   693  C CD  . GLU A 1 90  ? 6.221   -8.498  6.049   1.00 22.23 ? 112 GLU A CD  1 
ATOM   694  O OE1 . GLU A 1 90  ? 6.269   -7.990  4.907   1.00 16.40 ? 112 GLU A OE1 1 
ATOM   695  O OE2 . GLU A 1 90  ? 7.233   -8.944  6.635   1.00 24.60 ? 112 GLU A OE2 1 
ATOM   696  N N   . ILE A 1 91  ? 1.197   -5.628  6.777   1.00 9.55  ? 113 ILE A N   1 
ATOM   697  C CA  . ILE A 1 91  ? 0.591   -4.311  6.598   1.00 9.00  ? 113 ILE A CA  1 
ATOM   698  C C   . ILE A 1 91  ? -0.510  -4.102  7.632   1.00 8.60  ? 113 ILE A C   1 
ATOM   699  O O   . ILE A 1 91  ? -1.451  -4.885  7.704   1.00 9.91  ? 113 ILE A O   1 
ATOM   700  C CB  . ILE A 1 91  ? 0.009   -4.180  5.172   1.00 8.29  ? 113 ILE A CB  1 
ATOM   701  C CG1 . ILE A 1 91  ? 1.117   -4.404  4.138   1.00 9.28  ? 113 ILE A CG1 1 
ATOM   702  C CG2 . ILE A 1 91  ? -0.621  -2.807  4.985   1.00 8.69  ? 113 ILE A CG2 1 
ATOM   703  C CD1 . ILE A 1 91  ? 0.600   -4.598  2.735   1.00 10.37 ? 113 ILE A CD1 1 
ATOM   704  N N   . SER A 1 92  ? -0.394  -3.038  8.418   1.00 10.07 ? 114 SER A N   1 
ATOM   705  C CA  . SER A 1 92  ? -1.366  -2.768  9.475   1.00 10.16 ? 114 SER A CA  1 
ATOM   706  C C   . SER A 1 92  ? -2.411  -1.674  9.248   1.00 11.23 ? 114 SER A C   1 
ATOM   707  O O   . SER A 1 92  ? -3.526  -1.759  9.781   1.00 12.20 ? 114 SER A O   1 
ATOM   708  C CB  . SER A 1 92  ? -0.609  -2.459  10.772  1.00 10.26 ? 114 SER A CB  1 
ATOM   709  O OG  . SER A 1 92  ? 0.276   -1.357  10.599  1.00 10.65 ? 114 SER A OG  1 
ATOM   710  N N   . TYR A 1 93  ? -2.067  -0.660  8.462   1.00 10.44 ? 115 TYR A N   1 
ATOM   711  C CA  . TYR A 1 93  ? -2.969  0.467   8.259   1.00 10.95 ? 115 TYR A CA  1 
ATOM   712  C C   . TYR A 1 93  ? -2.762  1.137   6.898   1.00 12.12 ? 115 TYR A C   1 
ATOM   713  O O   . TYR A 1 93  ? -1.632  1.263   6.428   1.00 11.11 ? 115 TYR A O   1 
ATOM   714  C CB  . TYR A 1 93  ? -2.701  1.474   9.383   1.00 11.93 ? 115 TYR A CB  1 
ATOM   715  C CG  . TYR A 1 93  ? -3.756  2.527   9.607   1.00 12.45 ? 115 TYR A CG  1 
ATOM   716  C CD1 . TYR A 1 93  ? -4.983  2.199   10.182  1.00 13.91 ? 115 TYR A CD1 1 
ATOM   717  C CD2 . TYR A 1 93  ? -3.509  3.860   9.287   1.00 15.18 ? 115 TYR A CD2 1 
ATOM   718  C CE1 . TYR A 1 93  ? -5.938  3.177   10.434  1.00 15.36 ? 115 TYR A CE1 1 
ATOM   719  C CE2 . TYR A 1 93  ? -4.453  4.845   9.534   1.00 18.41 ? 115 TYR A CE2 1 
ATOM   720  C CZ  . TYR A 1 93  ? -5.665  4.496   10.109  1.00 16.36 ? 115 TYR A CZ  1 
ATOM   721  O OH  . TYR A 1 93  ? -6.601  5.472   10.359  1.00 21.02 ? 115 TYR A OH  1 
ATOM   722  N N   . ILE A 1 94  ? -3.863  1.558   6.273   1.00 11.41 ? 116 ILE A N   1 
ATOM   723  C CA  . ILE A 1 94  ? -3.833  2.240   4.978   1.00 12.87 ? 116 ILE A CA  1 
ATOM   724  C C   . ILE A 1 94  ? -4.414  3.635   5.186   1.00 12.74 ? 116 ILE A C   1 
ATOM   725  O O   . ILE A 1 94  ? -5.443  3.783   5.845   1.00 12.41 ? 116 ILE A O   1 
ATOM   726  C CB  . ILE A 1 94  ? -4.706  1.514   3.926   1.00 11.29 ? 116 ILE A CB  1 
ATOM   727  C CG1 . ILE A 1 94  ? -4.303  0.043   3.820   1.00 13.63 ? 116 ILE A CG1 1 
ATOM   728  C CG2 . ILE A 1 94  ? -4.598  2.220   2.574   1.00 14.44 ? 116 ILE A CG2 1 
ATOM   729  C CD1 . ILE A 1 94  ? -2.858  -0.192  3.433   1.00 13.16 ? 116 ILE A CD1 1 
ATOM   730  N N   . ALA A 1 95  ? -3.777  4.657   4.622   1.00 13.43 ? 117 ALA A N   1 
ATOM   731  C CA  . ALA A 1 95  ? -4.273  6.017   4.794   1.00 15.21 ? 117 ALA A CA  1 
ATOM   732  C C   . ALA A 1 95  ? -4.122  6.901   3.568   1.00 16.77 ? 117 ALA A C   1 
ATOM   733  O O   . ALA A 1 95  ? -3.051  6.979   2.971   1.00 15.67 ? 117 ALA A O   1 
ATOM   734  C CB  . ALA A 1 95  ? -3.576  6.669   5.977   1.00 17.23 ? 117 ALA A CB  1 
ATOM   735  N N   . LYS A 1 96  ? -5.203  7.583   3.204   1.00 17.83 ? 118 LYS A N   1 
ATOM   736  C CA  . LYS A 1 96  ? -5.167  8.483   2.066   1.00 19.46 ? 118 LYS A CA  1 
ATOM   737  C C   . LYS A 1 96  ? -4.593  9.811   2.540   1.00 18.69 ? 118 LYS A C   1 
ATOM   738  O O   . LYS A 1 96  ? -4.758  10.182  3.703   1.00 20.03 ? 118 LYS A O   1 
ATOM   739  C CB  . LYS A 1 96  ? -6.578  8.703   1.513   1.00 21.32 ? 118 LYS A CB  1 
ATOM   740  C CG  . LYS A 1 96  ? -6.613  9.462   0.197   1.00 26.13 ? 118 LYS A CG  1 
ATOM   741  C CD  . LYS A 1 96  ? -8.032  9.586   -0.332  1.00 28.16 ? 118 LYS A CD  1 
ATOM   742  C CE  . LYS A 1 96  ? -8.050  10.224  -1.710  1.00 28.98 ? 118 LYS A CE  1 
ATOM   743  N NZ  . LYS A 1 96  ? -9.436  10.411  -2.223  1.00 30.97 ? 118 LYS A NZ  1 
ATOM   744  N N   . ASP A 1 97  ? -3.900  10.512  1.651   1.00 17.88 ? 119 ASP A N   1 
ATOM   745  C CA  . ASP A 1 97  ? -3.325  11.809  1.984   1.00 17.80 ? 119 ASP A CA  1 
ATOM   746  C C   . ASP A 1 97  ? -4.479  12.814  1.940   1.00 18.51 ? 119 ASP A C   1 
ATOM   747  O O   . ASP A 1 97  ? -5.025  13.085  0.877   1.00 17.31 ? 119 ASP A O   1 
ATOM   748  C CB  . ASP A 1 97  ? -2.266  12.195  0.950   1.00 18.92 ? 119 ASP A CB  1 
ATOM   749  C CG  . ASP A 1 97  ? -1.541  13.478  1.302   1.00 20.31 ? 119 ASP A CG  1 
ATOM   750  O OD1 . ASP A 1 97  ? -2.077  14.276  2.104   1.00 21.41 ? 119 ASP A OD1 1 
ATOM   751  O OD2 . ASP A 1 97  ? -0.436  13.694  0.763   1.00 21.93 ? 119 ASP A OD2 1 
ATOM   752  N N   . ILE A 1 98  ? -4.847  13.350  3.098   1.00 20.20 ? 120 ILE A N   1 
ATOM   753  C CA  . ILE A 1 98  ? -5.945  14.312  3.191   1.00 21.10 ? 120 ILE A CA  1 
ATOM   754  C C   . ILE A 1 98  ? -5.782  15.551  2.313   1.00 20.99 ? 120 ILE A C   1 
ATOM   755  O O   . ILE A 1 98  ? -6.768  16.199  1.962   1.00 19.48 ? 120 ILE A O   1 
ATOM   756  C CB  . ILE A 1 98  ? -6.123  14.811  4.632   1.00 23.06 ? 120 ILE A CB  1 
ATOM   757  C CG1 . ILE A 1 98  ? -4.830  15.479  5.097   1.00 24.93 ? 120 ILE A CG1 1 
ATOM   758  C CG2 . ILE A 1 98  ? -6.502  13.659  5.538   1.00 24.69 ? 120 ILE A CG2 1 
ATOM   759  C CD1 . ILE A 1 98  ? -4.961  16.259  6.371   1.00 27.97 ? 120 ILE A CD1 1 
ATOM   760  N N   . THR A 1 99  ? -4.544  15.884  1.962   1.00 19.85 ? 121 THR A N   1 
ATOM   761  C CA  . THR A 1 99  ? -4.288  17.069  1.152   1.00 20.45 ? 121 THR A CA  1 
ATOM   762  C C   . THR A 1 99  ? -3.957  16.759  -0.301  1.00 19.07 ? 121 THR A C   1 
ATOM   763  O O   . THR A 1 99  ? -3.692  17.670  -1.083  1.00 18.36 ? 121 THR A O   1 
ATOM   764  C CB  . THR A 1 99  ? -3.109  17.874  1.722   1.00 22.02 ? 121 THR A CB  1 
ATOM   765  O OG1 . THR A 1 99  ? -1.892  17.155  1.488   1.00 22.99 ? 121 THR A OG1 1 
ATOM   766  C CG2 . THR A 1 99  ? -3.279  18.087  3.221   1.00 24.17 ? 121 THR A CG2 1 
ATOM   767  N N   . ASP A 1 100 ? -3.985  15.481  -0.671  1.00 18.53 ? 122 ASP A N   1 
ATOM   768  C CA  . ASP A 1 100 ? -3.627  15.086  -2.028  1.00 16.93 ? 122 ASP A CA  1 
ATOM   769  C C   . ASP A 1 100 ? -4.449  13.885  -2.499  1.00 16.13 ? 122 ASP A C   1 
ATOM   770  O O   . ASP A 1 100 ? -4.295  12.778  -1.979  1.00 16.68 ? 122 ASP A O   1 
ATOM   771  C CB  . ASP A 1 100 ? -2.134  14.734  -2.048  1.00 16.82 ? 122 ASP A CB  1 
ATOM   772  C CG  . ASP A 1 100 ? -1.567  14.608  -3.449  1.00 16.69 ? 122 ASP A CG  1 
ATOM   773  O OD1 . ASP A 1 100 ? -2.344  14.500  -4.422  1.00 15.58 ? 122 ASP A OD1 1 
ATOM   774  O OD2 . ASP A 1 100 ? -0.322  14.602  -3.571  1.00 16.59 ? 122 ASP A OD2 1 
ATOM   775  N N   . HIS A 1 101 ? -5.315  14.096  -3.485  1.00 13.37 ? 123 HIS A N   1 
ATOM   776  C CA  . HIS A 1 101 ? -6.136  13.002  -3.989  1.00 13.38 ? 123 HIS A CA  1 
ATOM   777  C C   . HIS A 1 101 ? -5.314  11.961  -4.743  1.00 11.90 ? 123 HIS A C   1 
ATOM   778  O O   . HIS A 1 101 ? -5.813  10.879  -5.056  1.00 10.96 ? 123 HIS A O   1 
ATOM   779  C CB  . HIS A 1 101 ? -7.270  13.533  -4.882  1.00 17.33 ? 123 HIS A CB  1 
ATOM   780  C CG  . HIS A 1 101 ? -6.806  14.242  -6.117  1.00 21.53 ? 123 HIS A CG  1 
ATOM   781  N ND1 . HIS A 1 101 ? -6.168  15.464  -6.084  1.00 25.03 ? 123 HIS A ND1 1 
ATOM   782  C CD2 . HIS A 1 101 ? -6.923  13.916  -7.427  1.00 24.62 ? 123 HIS A CD2 1 
ATOM   783  C CE1 . HIS A 1 101 ? -5.915  15.862  -7.318  1.00 25.08 ? 123 HIS A CE1 1 
ATOM   784  N NE2 . HIS A 1 101 ? -6.363  14.940  -8.153  1.00 26.43 ? 123 HIS A NE2 1 
ATOM   785  N N   . ARG A 1 102 ? -4.054  12.285  -5.019  1.00 10.79 ? 124 ARG A N   1 
ATOM   786  C CA  . ARG A 1 102 ? -3.160  11.371  -5.731  1.00 10.66 ? 124 ARG A CA  1 
ATOM   787  C C   . ARG A 1 102 ? -2.015  10.856  -4.857  1.00 10.49 ? 124 ARG A C   1 
ATOM   788  O O   . ARG A 1 102 ? -0.927  10.580  -5.348  1.00 12.09 ? 124 ARG A O   1 
ATOM   789  C CB  . ARG A 1 102 ? -2.574  12.053  -6.974  1.00 13.12 ? 124 ARG A CB  1 
ATOM   790  C CG  . ARG A 1 102 ? -3.578  12.352  -8.081  1.00 16.90 ? 124 ARG A CG  1 
ATOM   791  C CD  . ARG A 1 102 ? -2.903  13.164  -9.179  1.00 22.48 ? 124 ARG A CD  1 
ATOM   792  N NE  . ARG A 1 102 ? -1.671  12.522  -9.621  1.00 26.60 ? 124 ARG A NE  1 
ATOM   793  C CZ  . ARG A 1 102 ? -0.574  13.176  -9.987  1.00 25.17 ? 124 ARG A CZ  1 
ATOM   794  N NH1 . ARG A 1 102 ? -0.546  14.503  -9.968  1.00 22.82 ? 124 ARG A NH1 1 
ATOM   795  N NH2 . ARG A 1 102 ? 0.501   12.499  -10.358 1.00 25.79 ? 124 ARG A NH2 1 
ATOM   796  N N   . ALA A 1 103 ? -2.251  10.746  -3.556  1.00 9.57  ? 125 ALA A N   1 
ATOM   797  C CA  . ALA A 1 103 ? -1.220  10.226  -2.664  1.00 10.05 ? 125 ALA A CA  1 
ATOM   798  C C   . ALA A 1 103 ? -1.849  9.445   -1.531  1.00 10.17 ? 125 ALA A C   1 
ATOM   799  O O   . ALA A 1 103 ? -2.958  9.749   -1.090  1.00 11.42 ? 125 ALA A O   1 
ATOM   800  C CB  . ALA A 1 103 ? -0.368  11.365  -2.107  1.00 11.17 ? 125 ALA A CB  1 
ATOM   801  N N   . PHE A 1 104 ? -1.135  8.423   -1.075  1.00 9.01  ? 126 PHE A N   1 
ATOM   802  C CA  . PHE A 1 104 ? -1.589  7.595   0.030   1.00 9.42  ? 126 PHE A CA  1 
ATOM   803  C C   . PHE A 1 104 ? -0.369  6.884   0.586   1.00 9.10  ? 126 PHE A C   1 
ATOM   804  O O   . PHE A 1 104 ? 0.720   6.948   0.007   1.00 9.52  ? 126 PHE A O   1 
ATOM   805  C CB  . PHE A 1 104 ? -2.628  6.564   -0.439  1.00 10.68 ? 126 PHE A CB  1 
ATOM   806  C CG  . PHE A 1 104 ? -2.031  5.321   -1.048  1.00 8.90  ? 126 PHE A CG  1 
ATOM   807  C CD1 . PHE A 1 104 ? -1.818  4.179   -0.279  1.00 10.23 ? 126 PHE A CD1 1 
ATOM   808  C CD2 . PHE A 1 104 ? -1.663  5.301   -2.390  1.00 10.23 ? 126 PHE A CD2 1 
ATOM   809  C CE1 . PHE A 1 104 ? -1.245  3.033   -0.842  1.00 9.60  ? 126 PHE A CE1 1 
ATOM   810  C CE2 . PHE A 1 104 ? -1.090  4.167   -2.963  1.00 10.31 ? 126 PHE A CE2 1 
ATOM   811  C CZ  . PHE A 1 104 ? -0.880  3.028   -2.185  1.00 9.90  ? 126 PHE A CZ  1 
ATOM   812  N N   . GLY A 1 105 ? -0.551  6.219   1.717   1.00 8.92  ? 127 GLY A N   1 
ATOM   813  C CA  . GLY A 1 105 ? 0.548   5.490   2.314   1.00 9.69  ? 127 GLY A CA  1 
ATOM   814  C C   . GLY A 1 105 ? 0.017   4.363   3.164   1.00 9.20  ? 127 GLY A C   1 
ATOM   815  O O   . GLY A 1 105 ? -1.191  4.227   3.358   1.00 9.90  ? 127 GLY A O   1 
ATOM   816  N N   . TYR A 1 106 ? 0.923   3.532   3.657   1.00 8.33  ? 128 TYR A N   1 
ATOM   817  C CA  . TYR A 1 106 ? 0.532   2.421   4.504   1.00 8.42  ? 128 TYR A CA  1 
ATOM   818  C C   . TYR A 1 106 ? 1.614   2.158   5.525   1.00 8.66  ? 128 TYR A C   1 
ATOM   819  O O   . TYR A 1 106 ? 2.789   2.449   5.289   1.00 9.78  ? 128 TYR A O   1 
ATOM   820  C CB  . TYR A 1 106 ? 0.265   1.159   3.668   1.00 8.46  ? 128 TYR A CB  1 
ATOM   821  C CG  . TYR A 1 106 ? 1.433   0.646   2.853   1.00 9.03  ? 128 TYR A CG  1 
ATOM   822  C CD1 . TYR A 1 106 ? 2.312   -0.310  3.369   1.00 9.01  ? 128 TYR A CD1 1 
ATOM   823  C CD2 . TYR A 1 106 ? 1.642   1.098   1.546   1.00 9.34  ? 128 TYR A CD2 1 
ATOM   824  C CE1 . TYR A 1 106 ? 3.369   -0.810  2.595   1.00 8.52  ? 128 TYR A CE1 1 
ATOM   825  C CE2 . TYR A 1 106 ? 2.691   0.612   0.768   1.00 9.38  ? 128 TYR A CE2 1 
ATOM   826  C CZ  . TYR A 1 106 ? 3.548   -0.342  1.295   1.00 8.99  ? 128 TYR A CZ  1 
ATOM   827  O OH  . TYR A 1 106 ? 4.568   -0.820  0.509   1.00 12.57 ? 128 TYR A OH  1 
ATOM   828  N N   . VAL A 1 107 ? 1.202   1.633   6.672   1.00 9.17  ? 129 VAL A N   1 
ATOM   829  C CA  . VAL A 1 107 ? 2.139   1.303   7.732   1.00 9.16  ? 129 VAL A CA  1 
ATOM   830  C C   . VAL A 1 107 ? 2.387   -0.195  7.639   1.00 9.29  ? 129 VAL A C   1 
ATOM   831  O O   . VAL A 1 107 ? 1.452   -0.984  7.477   1.00 9.94  ? 129 VAL A O   1 
ATOM   832  C CB  . VAL A 1 107 ? 1.570   1.635   9.126   1.00 9.23  ? 129 VAL A CB  1 
ATOM   833  C CG1 . VAL A 1 107 ? 2.635   1.375   10.194  1.00 10.82 ? 129 VAL A CG1 1 
ATOM   834  C CG2 . VAL A 1 107 ? 1.114   3.081   9.172   1.00 9.89  ? 129 VAL A CG2 1 
ATOM   835  N N   . CYS A 1 108 ? 3.653   -0.588  7.725   1.00 9.18  ? 130 CYS A N   1 
ATOM   836  C CA  . CYS A 1 108 ? 4.005   -1.998  7.652   1.00 9.30  ? 130 CYS A CA  1 
ATOM   837  C C   . CYS A 1 108 ? 5.097   -2.358  8.656   1.00 10.69 ? 130 CYS A C   1 
ATOM   838  O O   . CYS A 1 108 ? 5.841   -1.491  9.119   1.00 10.96 ? 130 CYS A O   1 
ATOM   839  C CB  . CYS A 1 108 ? 4.465   -2.364  6.232   1.00 11.30 ? 130 CYS A CB  1 
ATOM   840  S SG  . CYS A 1 108 ? 5.961   -1.528  5.654   1.00 13.89 ? 130 CYS A SG  1 
ATOM   841  N N   . GLY A 1 109 ? 5.177   -3.644  8.983   1.00 9.32  ? 131 GLY A N   1 
ATOM   842  C CA  . GLY A 1 109 ? 6.171   -4.118  9.930   1.00 11.48 ? 131 GLY A CA  1 
ATOM   843  C C   . GLY A 1 109 ? 5.559   -4.675  11.198  1.00 13.65 ? 131 GLY A C   1 
ATOM   844  O O   . GLY A 1 109 ? 4.403   -4.399  11.517  1.00 13.58 ? 131 GLY A O   1 
ATOM   845  N N   . LYS A 1 110 ? 6.332   -5.476  11.922  1.00 14.76 ? 132 LYS A N   1 
ATOM   846  C CA  . LYS A 1 110 ? 5.856   -6.054  13.168  1.00 17.49 ? 132 LYS A CA  1 
ATOM   847  C C   . LYS A 1 110 ? 6.073   -5.035  14.280  1.00 18.28 ? 132 LYS A C   1 
ATOM   848  O O   . LYS A 1 110 ? 6.667   -3.980  14.057  1.00 17.64 ? 132 LYS A O   1 
ATOM   849  C CB  . LYS A 1 110 ? 6.616   -7.347  13.475  1.00 18.52 ? 132 LYS A CB  1 
ATOM   850  C CG  . LYS A 1 110 ? 6.506   -8.411  12.389  1.00 21.97 ? 132 LYS A CG  1 
ATOM   851  C CD  . LYS A 1 110 ? 5.063   -8.824  12.146  1.00 24.02 ? 132 LYS A CD  1 
ATOM   852  C CE  . LYS A 1 110 ? 4.962   -9.855  11.027  1.00 24.71 ? 132 LYS A CE  1 
ATOM   853  N NZ  . LYS A 1 110 ? 3.547   -10.231 10.750  1.00 25.34 ? 132 LYS A NZ  1 
ATOM   854  N N   . GLU A 1 111 ? 5.599   -5.350  15.480  1.00 20.77 ? 133 GLU A N   1 
ATOM   855  C CA  . GLU A 1 111 ? 5.737   -4.439  16.612  1.00 22.50 ? 133 GLU A CA  1 
ATOM   856  C C   . GLU A 1 111 ? 7.172   -3.964  16.830  1.00 21.79 ? 133 GLU A C   1 
ATOM   857  O O   . GLU A 1 111 ? 8.103   -4.767  16.895  1.00 22.08 ? 133 GLU A O   1 
ATOM   858  C CB  . GLU A 1 111 ? 5.216   -5.102  17.891  1.00 25.54 ? 133 GLU A CB  1 
ATOM   859  C CG  . GLU A 1 111 ? 5.120   -4.146  19.070  1.00 31.00 ? 133 GLU A CG  1 
ATOM   860  C CD  . GLU A 1 111 ? 4.448   -4.769  20.277  1.00 33.26 ? 133 GLU A CD  1 
ATOM   861  O OE1 . GLU A 1 111 ? 4.972   -5.776  20.795  1.00 36.00 ? 133 GLU A OE1 1 
ATOM   862  O OE2 . GLU A 1 111 ? 3.395   -4.254  20.708  1.00 34.87 ? 133 GLU A OE2 1 
ATOM   863  N N   . GLY A 1 112 ? 7.339   -2.649  16.945  1.00 22.14 ? 134 GLY A N   1 
ATOM   864  C CA  . GLY A 1 112 ? 8.657   -2.080  17.157  1.00 21.18 ? 134 GLY A CA  1 
ATOM   865  C C   . GLY A 1 112 ? 9.447   -1.828  15.882  1.00 20.17 ? 134 GLY A C   1 
ATOM   866  O O   . GLY A 1 112 ? 10.546  -1.278  15.933  1.00 21.42 ? 134 GLY A O   1 
ATOM   867  N N   . ASN A 1 113 ? 8.887   -2.219  14.740  1.00 18.55 ? 135 ASN A N   1 
ATOM   868  C CA  . ASN A 1 113 ? 9.552   -2.045  13.450  1.00 16.88 ? 135 ASN A CA  1 
ATOM   869  C C   . ASN A 1 113 ? 8.577   -1.459  12.426  1.00 13.33 ? 135 ASN A C   1 
ATOM   870  O O   . ASN A 1 113 ? 8.563   -1.865  11.265  1.00 14.30 ? 135 ASN A O   1 
ATOM   871  C CB  . ASN A 1 113 ? 10.070  -3.399  12.949  1.00 17.14 ? 135 ASN A CB  1 
ATOM   872  C CG  . ASN A 1 113 ? 10.873  -3.287  11.661  1.00 16.88 ? 135 ASN A CG  1 
ATOM   873  O OD1 . ASN A 1 113 ? 10.842  -4.186  10.818  1.00 20.02 ? 135 ASN A OD1 1 
ATOM   874  N ND2 . ASN A 1 113 ? 11.603  -2.190  11.509  1.00 16.03 ? 135 ASN A ND2 1 
ATOM   875  N N   . HIS A 1 114 ? 7.767   -0.500  12.860  1.00 12.61 ? 136 HIS A N   1 
ATOM   876  C CA  . HIS A 1 114 ? 6.786   0.119   11.972  1.00 11.86 ? 136 HIS A CA  1 
ATOM   877  C C   . HIS A 1 114 ? 7.371   1.182   11.054  1.00 11.67 ? 136 HIS A C   1 
ATOM   878  O O   . HIS A 1 114 ? 8.168   2.018   11.475  1.00 12.72 ? 136 HIS A O   1 
ATOM   879  C CB  . HIS A 1 114 ? 5.655   0.751   12.790  1.00 12.28 ? 136 HIS A CB  1 
ATOM   880  C CG  . HIS A 1 114 ? 4.990   -0.196  13.735  1.00 13.44 ? 136 HIS A CG  1 
ATOM   881  N ND1 . HIS A 1 114 ? 4.257   -1.285  13.311  1.00 13.37 ? 136 HIS A ND1 1 
ATOM   882  C CD2 . HIS A 1 114 ? 4.967   -0.232  15.088  1.00 15.40 ? 136 HIS A CD2 1 
ATOM   883  C CE1 . HIS A 1 114 ? 3.815   -1.951  14.363  1.00 15.47 ? 136 HIS A CE1 1 
ATOM   884  N NE2 . HIS A 1 114 ? 4.233   -1.332  15.454  1.00 14.87 ? 136 HIS A NE2 1 
ATOM   885  N N   . ARG A 1 115 ? 6.956   1.139   9.792   1.00 9.99  ? 137 ARG A N   1 
ATOM   886  C CA  . ARG A 1 115 ? 7.395   2.104   8.793   1.00 9.45  ? 137 ARG A CA  1 
ATOM   887  C C   . ARG A 1 115 ? 6.199   2.545   7.960   1.00 8.75  ? 137 ARG A C   1 
ATOM   888  O O   . ARG A 1 115 ? 5.313   1.747   7.669   1.00 10.83 ? 137 ARG A O   1 
ATOM   889  C CB  . ARG A 1 115 ? 8.446   1.493   7.866   1.00 10.48 ? 137 ARG A CB  1 
ATOM   890  C CG  . ARG A 1 115 ? 9.757   1.147   8.553   1.00 13.78 ? 137 ARG A CG  1 
ATOM   891  C CD  . ARG A 1 115 ? 10.786  0.678   7.547   1.00 17.90 ? 137 ARG A CD  1 
ATOM   892  N NE  . ARG A 1 115 ? 10.377  -0.561  6.894   1.00 20.38 ? 137 ARG A NE  1 
ATOM   893  C CZ  . ARG A 1 115 ? 10.911  -1.022  5.767   1.00 22.52 ? 137 ARG A CZ  1 
ATOM   894  N NH1 . ARG A 1 115 ? 11.879  -0.344  5.162   1.00 22.47 ? 137 ARG A NH1 1 
ATOM   895  N NH2 . ARG A 1 115 ? 10.479  -2.162  5.247   1.00 24.48 ? 137 ARG A NH2 1 
ATOM   896  N N   . PHE A 1 116 ? 6.182   3.821   7.591   1.00 10.02 ? 138 PHE A N   1 
ATOM   897  C CA  . PHE A 1 116 ? 5.115   4.364   6.756   1.00 8.96  ? 138 PHE A CA  1 
ATOM   898  C C   . PHE A 1 116 ? 5.692   4.557   5.355   1.00 7.94  ? 138 PHE A C   1 
ATOM   899  O O   . PHE A 1 116 ? 6.675   5.273   5.174   1.00 9.79  ? 138 PHE A O   1 
ATOM   900  C CB  . PHE A 1 116 ? 4.628   5.707   7.313   1.00 9.47  ? 138 PHE A CB  1 
ATOM   901  C CG  . PHE A 1 116 ? 3.520   6.349   6.506   1.00 9.48  ? 138 PHE A CG  1 
ATOM   902  C CD1 . PHE A 1 116 ? 2.229   5.824   6.513   1.00 9.74  ? 138 PHE A CD1 1 
ATOM   903  C CD2 . PHE A 1 116 ? 3.773   7.489   5.750   1.00 10.49 ? 138 PHE A CD2 1 
ATOM   904  C CE1 . PHE A 1 116 ? 1.201   6.430   5.772   1.00 8.54  ? 138 PHE A CE1 1 
ATOM   905  C CE2 . PHE A 1 116 ? 2.755   8.102   5.008   1.00 9.22  ? 138 PHE A CE2 1 
ATOM   906  C CZ  . PHE A 1 116 ? 1.470   7.571   5.021   1.00 10.23 ? 138 PHE A CZ  1 
ATOM   907  N N   . VAL A 1 117 ? 5.080   3.896   4.376   1.00 8.08  ? 139 VAL A N   1 
ATOM   908  C CA  . VAL A 1 117 ? 5.495   3.964   2.976   1.00 8.52  ? 139 VAL A CA  1 
ATOM   909  C C   . VAL A 1 117 ? 4.539   4.917   2.259   1.00 8.69  ? 139 VAL A C   1 
ATOM   910  O O   . VAL A 1 117 ? 3.332   4.671   2.229   1.00 8.58  ? 139 VAL A O   1 
ATOM   911  C CB  . VAL A 1 117 ? 5.414   2.569   2.325   1.00 8.62  ? 139 VAL A CB  1 
ATOM   912  C CG1 . VAL A 1 117 ? 5.825   2.643   0.862   1.00 10.52 ? 139 VAL A CG1 1 
ATOM   913  C CG2 . VAL A 1 117 ? 6.306   1.590   3.080   1.00 9.70  ? 139 VAL A CG2 1 
ATOM   914  N N   . ALA A 1 118 ? 5.081   5.988   1.682   1.00 8.09  ? 140 ALA A N   1 
ATOM   915  C CA  . ALA A 1 118 ? 4.278   7.005   0.994   1.00 7.75  ? 140 ALA A CA  1 
ATOM   916  C C   . ALA A 1 118 ? 4.391   6.908   -0.518  1.00 8.05  ? 140 ALA A C   1 
ATOM   917  O O   . ALA A 1 118 ? 5.492   6.879   -1.069  1.00 8.59  ? 140 ALA A O   1 
ATOM   918  C CB  . ALA A 1 118 ? 4.701   8.392   1.455   1.00 8.73  ? 140 ALA A CB  1 
ATOM   919  N N   . ILE A 1 119 ? 3.234   6.905   -1.180  1.00 7.53  ? 141 ILE A N   1 
ATOM   920  C CA  . ILE A 1 119 ? 3.151   6.748   -2.625  1.00 7.94  ? 141 ILE A CA  1 
ATOM   921  C C   . ILE A 1 119 ? 2.374   7.870   -3.322  1.00 7.05  ? 141 ILE A C   1 
ATOM   922  O O   . ILE A 1 119 ? 1.311   8.275   -2.856  1.00 9.37  ? 141 ILE A O   1 
ATOM   923  C CB  . ILE A 1 119 ? 2.431   5.411   -2.955  1.00 7.59  ? 141 ILE A CB  1 
ATOM   924  C CG1 . ILE A 1 119 ? 3.107   4.246   -2.221  1.00 11.41 ? 141 ILE A CG1 1 
ATOM   925  C CG2 . ILE A 1 119 ? 2.372   5.201   -4.457  1.00 8.81  ? 141 ILE A CG2 1 
ATOM   926  C CD1 . ILE A 1 119 ? 4.512   3.954   -2.673  1.00 9.48  ? 141 ILE A CD1 1 
ATOM   927  N N   . LYS A 1 120 ? 2.913   8.363   -4.433  1.00 8.36  ? 142 LYS A N   1 
ATOM   928  C CA  . LYS A 1 120 ? 2.230   9.379   -5.231  1.00 9.17  ? 142 LYS A CA  1 
ATOM   929  C C   . LYS A 1 120 ? 1.751   8.634   -6.477  1.00 8.81  ? 142 LYS A C   1 
ATOM   930  O O   . LYS A 1 120 ? 2.555   8.273   -7.332  1.00 10.48 ? 142 LYS A O   1 
ATOM   931  C CB  . LYS A 1 120 ? 3.200   10.492  -5.636  1.00 10.55 ? 142 LYS A CB  1 
ATOM   932  C CG  . LYS A 1 120 ? 2.585   11.571  -6.524  1.00 13.18 ? 142 LYS A CG  1 
ATOM   933  C CD  . LYS A 1 120 ? 1.681   12.500  -5.730  1.00 16.67 ? 142 LYS A CD  1 
ATOM   934  C CE  . LYS A 1 120 ? 1.196   13.648  -6.597  1.00 17.14 ? 142 LYS A CE  1 
ATOM   935  N NZ  . LYS A 1 120 ? 2.337   14.468  -7.101  1.00 25.51 ? 142 LYS A NZ  1 
ATOM   936  N N   . THR A 1 121 ? 0.450   8.387   -6.574  1.00 9.42  ? 143 THR A N   1 
ATOM   937  C CA  . THR A 1 121 ? -0.097  7.665   -7.720  1.00 10.45 ? 143 THR A CA  1 
ATOM   938  C C   . THR A 1 121 ? -0.214  8.535   -8.972  1.00 11.38 ? 143 THR A C   1 
ATOM   939  O O   . THR A 1 121 ? -0.441  9.736   -8.877  1.00 11.86 ? 143 THR A O   1 
ATOM   940  C CB  . THR A 1 121 ? -1.475  7.084   -7.374  1.00 11.16 ? 143 THR A CB  1 
ATOM   941  O OG1 . THR A 1 121 ? -2.330  8.126   -6.889  1.00 11.98 ? 143 THR A OG1 1 
ATOM   942  C CG2 . THR A 1 121 ? -1.337  6.016   -6.297  1.00 12.69 ? 143 THR A CG2 1 
ATOM   943  N N   . ALA A 1 122 ? -0.046  7.917   -10.141 1.00 12.73 ? 144 ALA A N   1 
ATOM   944  C CA  . ALA A 1 122 ? -0.138  8.625   -11.419 1.00 12.86 ? 144 ALA A CA  1 
ATOM   945  C C   . ALA A 1 122 ? -1.550  9.174   -11.602 1.00 13.19 ? 144 ALA A C   1 
ATOM   946  O O   . ALA A 1 122 ? -1.738  10.293  -12.089 1.00 14.28 ? 144 ALA A O   1 
ATOM   947  C CB  . ALA A 1 122 ? 0.212   7.687   -12.565 1.00 12.57 ? 144 ALA A CB  1 
ATOM   948  N N   . GLN A 1 123 ? -2.538  8.369   -11.229 1.00 12.96 ? 145 GLN A N   1 
ATOM   949  C CA  . GLN A 1 123 ? -3.937  8.770   -11.299 1.00 15.16 ? 145 GLN A CA  1 
ATOM   950  C C   . GLN A 1 123 ? -4.433  8.863   -9.859  1.00 14.71 ? 145 GLN A C   1 
ATOM   951  O O   . GLN A 1 123 ? -3.625  8.899   -8.930  1.00 15.20 ? 145 GLN A O   1 
ATOM   952  C CB  . GLN A 1 123 ? -4.756  7.741   -12.083 1.00 18.55 ? 145 GLN A CB  1 
ATOM   953  C CG  . GLN A 1 123 ? -4.443  7.715   -13.573 1.00 24.54 ? 145 GLN A CG  1 
ATOM   954  C CD  . GLN A 1 123 ? -4.679  9.060   -14.236 1.00 27.42 ? 145 GLN A CD  1 
ATOM   955  O OE1 . GLN A 1 123 ? -5.773  9.620   -14.158 1.00 31.35 ? 145 GLN A OE1 1 
ATOM   956  N NE2 . GLN A 1 123 ? -3.653  9.583   -14.899 1.00 29.53 ? 145 GLN A NE2 1 
ATOM   957  N N   . ALA A 1 124 ? -5.747  8.898   -9.664  1.00 15.53 ? 146 ALA A N   1 
ATOM   958  C CA  . ALA A 1 124 ? -6.309  9.000   -8.322  1.00 14.46 ? 146 ALA A CA  1 
ATOM   959  C C   . ALA A 1 124 ? -5.864  7.854   -7.418  1.00 12.30 ? 146 ALA A C   1 
ATOM   960  O O   . ALA A 1 124 ? -5.719  6.713   -7.863  1.00 13.59 ? 146 ALA A O   1 
ATOM   961  C CB  . ALA A 1 124 ? -7.828  9.040   -8.394  1.00 14.35 ? 146 ALA A CB  1 
ATOM   962  N N   . ALA A 1 125 ? -5.648  8.158   -6.143  1.00 11.09 ? 147 ALA A N   1 
ATOM   963  C CA  . ALA A 1 125 ? -5.236  7.125   -5.201  1.00 10.77 ? 147 ALA A CA  1 
ATOM   964  C C   . ALA A 1 125 ? -6.417  6.266   -4.742  1.00 11.95 ? 147 ALA A C   1 
ATOM   965  O O   . ALA A 1 125 ? -6.230  5.123   -4.334  1.00 10.76 ? 147 ALA A O   1 
ATOM   966  C CB  . ALA A 1 125 ? -4.546  7.760   -3.993  1.00 12.89 ? 147 ALA A CB  1 
ATOM   967  N N   . GLU A 1 126 ? -7.636  6.798   -4.825  1.00 11.77 ? 148 GLU A N   1 
ATOM   968  C CA  . GLU A 1 126 ? -8.814  6.057   -4.381  1.00 13.05 ? 148 GLU A CA  1 
ATOM   969  C C   . GLU A 1 126 ? -8.926  4.600   -4.858  1.00 11.59 ? 148 GLU A C   1 
ATOM   970  O O   . GLU A 1 126 ? -9.153  3.704   -4.051  1.00 11.28 ? 148 GLU A O   1 
ATOM   971  C CB  . GLU A 1 126 ? -10.090 6.821   -4.752  1.00 15.89 ? 148 GLU A CB  1 
ATOM   972  C CG  . GLU A 1 126 ? -11.367 6.137   -4.286  1.00 21.45 ? 148 GLU A CG  1 
ATOM   973  C CD  . GLU A 1 126 ? -12.561 7.067   -4.283  1.00 26.09 ? 148 GLU A CD  1 
ATOM   974  O OE1 . GLU A 1 126 ? -12.883 7.632   -5.349  1.00 30.48 ? 148 GLU A OE1 1 
ATOM   975  O OE2 . GLU A 1 126 ? -13.178 7.229   -3.210  1.00 31.43 ? 148 GLU A OE2 1 
ATOM   976  N N   . PRO A 1 127 ? -8.775  4.344   -6.166  1.00 10.88 ? 149 PRO A N   1 
ATOM   977  C CA  . PRO A 1 127 ? -8.885  2.954   -6.629  1.00 11.05 ? 149 PRO A CA  1 
ATOM   978  C C   . PRO A 1 127 ? -7.870  2.016   -5.979  1.00 10.57 ? 149 PRO A C   1 
ATOM   979  O O   . PRO A 1 127 ? -8.160  0.837   -5.753  1.00 9.33  ? 149 PRO A O   1 
ATOM   980  C CB  . PRO A 1 127 ? -8.667  3.072   -8.134  1.00 12.01 ? 149 PRO A CB  1 
ATOM   981  C CG  . PRO A 1 127 ? -9.191  4.442   -8.441  1.00 17.68 ? 149 PRO A CG  1 
ATOM   982  C CD  . PRO A 1 127 ? -8.653  5.272   -7.305  1.00 11.51 ? 149 PRO A CD  1 
ATOM   983  N N   . VAL A 1 128 ? -6.679  2.534   -5.696  1.00 8.61  ? 150 VAL A N   1 
ATOM   984  C CA  . VAL A 1 128 ? -5.637  1.715   -5.085  1.00 8.67  ? 150 VAL A CA  1 
ATOM   985  C C   . VAL A 1 128 ? -6.022  1.389   -3.652  1.00 8.61  ? 150 VAL A C   1 
ATOM   986  O O   . VAL A 1 128 ? -5.865  0.255   -3.208  1.00 7.85  ? 150 VAL A O   1 
ATOM   987  C CB  . VAL A 1 128 ? -4.280  2.446   -5.088  1.00 7.60  ? 150 VAL A CB  1 
ATOM   988  C CG1 . VAL A 1 128 ? -3.180  1.499   -4.607  1.00 9.23  ? 150 VAL A CG1 1 
ATOM   989  C CG2 . VAL A 1 128 ? -3.976  2.972   -6.480  1.00 10.76 ? 150 VAL A CG2 1 
ATOM   990  N N   . ILE A 1 129 ? -6.528  2.394   -2.940  1.00 9.68  ? 151 ILE A N   1 
ATOM   991  C CA  . ILE A 1 129 ? -6.949  2.228   -1.556  1.00 10.78 ? 151 ILE A CA  1 
ATOM   992  C C   . ILE A 1 129 ? -8.099  1.223   -1.468  1.00 9.46  ? 151 ILE A C   1 
ATOM   993  O O   . ILE A 1 129 ? -8.093  0.342   -0.605  1.00 10.40 ? 151 ILE A O   1 
ATOM   994  C CB  . ILE A 1 129 ? -7.392  3.580   -0.941  1.00 11.83 ? 151 ILE A CB  1 
ATOM   995  C CG1 . ILE A 1 129 ? -6.197  4.534   -0.868  1.00 14.03 ? 151 ILE A CG1 1 
ATOM   996  C CG2 . ILE A 1 129 ? -7.967  3.360   0.457   1.00 13.08 ? 151 ILE A CG2 1 
ATOM   997  C CD1 . ILE A 1 129 ? -6.567  5.946   -0.443  1.00 15.21 ? 151 ILE A CD1 1 
ATOM   998  N N   . LEU A 1 130 ? -9.079  1.348   -2.362  1.00 10.06 ? 152 LEU A N   1 
ATOM   999  C CA  . LEU A 1 130 ? -10.216 0.431   -2.372  1.00 10.28 ? 152 LEU A CA  1 
ATOM   1000 C C   . LEU A 1 130 ? -9.804  -0.992  -2.736  1.00 9.30  ? 152 LEU A C   1 
ATOM   1001 O O   . LEU A 1 130 ? -10.399 -1.954  -2.250  1.00 10.58 ? 152 LEU A O   1 
ATOM   1002 C CB  . LEU A 1 130 ? -11.306 0.932   -3.326  1.00 13.35 ? 152 LEU A CB  1 
ATOM   1003 C CG  . LEU A 1 130 ? -11.969 2.229   -2.863  1.00 15.99 ? 152 LEU A CG  1 
ATOM   1004 C CD1 . LEU A 1 130 ? -13.090 2.587   -3.816  1.00 17.35 ? 152 LEU A CD1 1 
ATOM   1005 C CD2 . LEU A 1 130 ? -12.512 2.066   -1.448  1.00 19.05 ? 152 LEU A CD2 1 
ATOM   1006 N N   . ASP A 1 131 ? -8.790  -1.133  -3.588  1.00 8.45  ? 153 ASP A N   1 
ATOM   1007 C CA  . ASP A 1 131 ? -8.307  -2.463  -3.939  1.00 9.36  ? 153 ASP A CA  1 
ATOM   1008 C C   . ASP A 1 131 ? -7.685  -3.100  -2.691  1.00 8.68  ? 153 ASP A C   1 
ATOM   1009 O O   . ASP A 1 131 ? -7.864  -4.290  -2.444  1.00 8.67  ? 153 ASP A O   1 
ATOM   1010 C CB  . ASP A 1 131 ? -7.256  -2.403  -5.058  1.00 9.30  ? 153 ASP A CB  1 
ATOM   1011 C CG  . ASP A 1 131 ? -7.849  -2.614  -6.442  1.00 12.12 ? 153 ASP A CG  1 
ATOM   1012 O OD1 . ASP A 1 131 ? -8.905  -3.272  -6.557  1.00 14.01 ? 153 ASP A OD1 1 
ATOM   1013 O OD2 . ASP A 1 131 ? -7.245  -2.147  -7.428  1.00 11.11 ? 153 ASP A OD2 1 
ATOM   1014 N N   . LEU A 1 132 ? -6.943  -2.310  -1.915  1.00 9.18  ? 154 LEU A N   1 
ATOM   1015 C CA  . LEU A 1 132 ? -6.329  -2.824  -0.697  1.00 8.30  ? 154 LEU A CA  1 
ATOM   1016 C C   . LEU A 1 132 ? -7.419  -3.230  0.290   1.00 9.10  ? 154 LEU A C   1 
ATOM   1017 O O   . LEU A 1 132 ? -7.327  -4.279  0.916   1.00 10.22 ? 154 LEU A O   1 
ATOM   1018 C CB  . LEU A 1 132 ? -5.399  -1.774  -0.078  1.00 9.01  ? 154 LEU A CB  1 
ATOM   1019 C CG  . LEU A 1 132 ? -4.074  -1.614  -0.829  1.00 9.31  ? 154 LEU A CG  1 
ATOM   1020 C CD1 . LEU A 1 132 ? -3.381  -0.316  -0.440  1.00 10.33 ? 154 LEU A CD1 1 
ATOM   1021 C CD2 . LEU A 1 132 ? -3.189  -2.812  -0.534  1.00 11.88 ? 154 LEU A CD2 1 
ATOM   1022 N N   . ARG A 1 133 ? -8.456  -2.406  0.419   1.00 9.98  ? 155 ARG A N   1 
ATOM   1023 C CA  . ARG A 1 133 ? -9.556  -2.736  1.321   1.00 11.71 ? 155 ARG A CA  1 
ATOM   1024 C C   . ARG A 1 133 ? -10.197 -4.056  0.901   1.00 11.71 ? 155 ARG A C   1 
ATOM   1025 O O   . ARG A 1 133 ? -10.415 -4.942  1.726   1.00 12.32 ? 155 ARG A O   1 
ATOM   1026 C CB  . ARG A 1 133 ? -10.623 -1.644  1.292   1.00 13.64 ? 155 ARG A CB  1 
ATOM   1027 C CG  . ARG A 1 133 ? -11.837 -1.966  2.150   1.00 19.04 ? 155 ARG A CG  1 
ATOM   1028 C CD  . ARG A 1 133 ? -13.034 -1.152  1.708   1.00 22.64 ? 155 ARG A CD  1 
ATOM   1029 N NE  . ARG A 1 133 ? -13.438 -1.504  0.349   1.00 25.88 ? 155 ARG A NE  1 
ATOM   1030 C CZ  . ARG A 1 133 ? -14.417 -0.904  -0.318  1.00 27.39 ? 155 ARG A CZ  1 
ATOM   1031 N NH1 . ARG A 1 133 ? -15.094 0.084   0.249   1.00 28.91 ? 155 ARG A NH1 1 
ATOM   1032 N NH2 . ARG A 1 133 ? -14.717 -1.291  -1.551  1.00 28.08 ? 155 ARG A NH2 1 
ATOM   1033 N N   . ASP A 1 134 ? -10.510 -4.175  -0.387  1.00 10.47 ? 156 ASP A N   1 
ATOM   1034 C CA  . ASP A 1 134 ? -11.133 -5.384  -0.906  1.00 9.77  ? 156 ASP A CA  1 
ATOM   1035 C C   . ASP A 1 134 ? -10.242 -6.608  -0.744  1.00 9.95  ? 156 ASP A C   1 
ATOM   1036 O O   . ASP A 1 134 ? -10.721 -7.693  -0.419  1.00 11.27 ? 156 ASP A O   1 
ATOM   1037 C CB  . ASP A 1 134 ? -11.499 -5.216  -2.386  1.00 10.94 ? 156 ASP A CB  1 
ATOM   1038 C CG  . ASP A 1 134 ? -12.583 -4.172  -2.613  1.00 15.24 ? 156 ASP A CG  1 
ATOM   1039 O OD1 . ASP A 1 134 ? -13.309 -3.837  -1.653  1.00 17.03 ? 156 ASP A OD1 1 
ATOM   1040 O OD2 . ASP A 1 134 ? -12.715 -3.696  -3.758  1.00 15.48 ? 156 ASP A OD2 1 
ATOM   1041 N N   . LEU A 1 135 ? -8.944  -6.434  -0.972  1.00 9.46  ? 157 LEU A N   1 
ATOM   1042 C CA  . LEU A 1 135 ? -7.996  -7.535  -0.850  1.00 10.20 ? 157 LEU A CA  1 
ATOM   1043 C C   . LEU A 1 135 ? -7.968  -8.078  0.573   1.00 9.70  ? 157 LEU A C   1 
ATOM   1044 O O   . LEU A 1 135 ? -8.076  -9.284  0.792   1.00 9.62  ? 157 LEU A O   1 
ATOM   1045 C CB  . LEU A 1 135 ? -6.585  -7.069  -1.228  1.00 8.93  ? 157 LEU A CB  1 
ATOM   1046 C CG  . LEU A 1 135 ? -5.438  -8.042  -0.918  1.00 9.21  ? 157 LEU A CG  1 
ATOM   1047 C CD1 . LEU A 1 135 ? -5.527  -9.253  -1.826  1.00 10.91 ? 157 LEU A CD1 1 
ATOM   1048 C CD2 . LEU A 1 135 ? -4.105  -7.330  -1.096  1.00 11.37 ? 157 LEU A CD2 1 
ATOM   1049 N N   . PHE A 1 136 ? -7.817  -7.176  1.536   1.00 9.93  ? 158 PHE A N   1 
ATOM   1050 C CA  . PHE A 1 136 ? -7.754  -7.574  2.938   1.00 11.50 ? 158 PHE A CA  1 
ATOM   1051 C C   . PHE A 1 136 ? -9.046  -8.237  3.404   1.00 11.62 ? 158 PHE A C   1 
ATOM   1052 O O   . PHE A 1 136 ? -9.012  -9.259  4.092   1.00 12.78 ? 158 PHE A O   1 
ATOM   1053 C CB  . PHE A 1 136 ? -7.439  -6.356  3.815   1.00 12.20 ? 158 PHE A CB  1 
ATOM   1054 C CG  . PHE A 1 136 ? -6.081  -5.748  3.560   1.00 12.21 ? 158 PHE A CG  1 
ATOM   1055 C CD1 . PHE A 1 136 ? -5.798  -4.457  3.994   1.00 13.87 ? 158 PHE A CD1 1 
ATOM   1056 C CD2 . PHE A 1 136 ? -5.086  -6.463  2.901   1.00 11.07 ? 158 PHE A CD2 1 
ATOM   1057 C CE1 . PHE A 1 136 ? -4.544  -3.882  3.774   1.00 12.84 ? 158 PHE A CE1 1 
ATOM   1058 C CE2 . PHE A 1 136 ? -3.824  -5.895  2.675   1.00 12.91 ? 158 PHE A CE2 1 
ATOM   1059 C CZ  . PHE A 1 136 ? -3.558  -4.603  3.113   1.00 12.10 ? 158 PHE A CZ  1 
ATOM   1060 N N   . GLN A 1 137 ? -10.182 -7.659  3.021   1.00 11.73 ? 159 GLN A N   1 
ATOM   1061 C CA  . GLN A 1 137 ? -11.480 -8.204  3.404   1.00 12.24 ? 159 GLN A CA  1 
ATOM   1062 C C   . GLN A 1 137 ? -11.665 -9.595  2.797   1.00 12.70 ? 159 GLN A C   1 
ATOM   1063 O O   . GLN A 1 137 ? -12.170 -10.509 3.454   1.00 13.88 ? 159 GLN A O   1 
ATOM   1064 C CB  . GLN A 1 137 ? -12.596 -7.273  2.926   1.00 13.71 ? 159 GLN A CB  1 
ATOM   1065 C CG  . GLN A 1 137 ? -13.996 -7.741  3.284   1.00 19.96 ? 159 GLN A CG  1 
ATOM   1066 C CD  . GLN A 1 137 ? -14.182 -7.906  4.777   1.00 22.78 ? 159 GLN A CD  1 
ATOM   1067 O OE1 . GLN A 1 137 ? -13.892 -6.997  5.553   1.00 25.48 ? 159 GLN A OE1 1 
ATOM   1068 N NE2 . GLN A 1 137 ? -14.671 -9.071  5.188   1.00 26.65 ? 159 GLN A NE2 1 
ATOM   1069 N N   . LEU A 1 138 ? -11.248 -9.752  1.544   1.00 11.11 ? 160 LEU A N   1 
ATOM   1070 C CA  . LEU A 1 138 ? -11.360 -11.031 0.852   1.00 11.42 ? 160 LEU A CA  1 
ATOM   1071 C C   . LEU A 1 138 ? -10.530 -12.100 1.554   1.00 10.74 ? 160 LEU A C   1 
ATOM   1072 O O   . LEU A 1 138 ? -11.001 -13.208 1.792   1.00 11.49 ? 160 LEU A O   1 
ATOM   1073 C CB  . LEU A 1 138 ? -10.891 -10.888 -0.597  1.00 11.20 ? 160 LEU A CB  1 
ATOM   1074 C CG  . LEU A 1 138 ? -10.868 -12.168 -1.436  1.00 12.47 ? 160 LEU A CG  1 
ATOM   1075 C CD1 . LEU A 1 138 ? -12.287 -12.701 -1.634  1.00 12.73 ? 160 LEU A CD1 1 
ATOM   1076 C CD2 . LEU A 1 138 ? -10.224 -11.870 -2.782  1.00 14.60 ? 160 LEU A CD2 1 
ATOM   1077 N N   . ILE A 1 139 ? -9.286  -11.765 1.876   1.00 11.21 ? 161 ILE A N   1 
ATOM   1078 C CA  . ILE A 1 139 ? -8.408  -12.710 2.550   1.00 11.40 ? 161 ILE A CA  1 
ATOM   1079 C C   . ILE A 1 139 ? -9.000  -13.100 3.901   1.00 12.20 ? 161 ILE A C   1 
ATOM   1080 O O   . ILE A 1 139 ? -8.978  -14.270 4.279   1.00 14.10 ? 161 ILE A O   1 
ATOM   1081 C CB  . ILE A 1 139 ? -6.990  -12.113 2.715   1.00 10.77 ? 161 ILE A CB  1 
ATOM   1082 C CG1 . ILE A 1 139 ? -6.350  -11.939 1.329   1.00 11.77 ? 161 ILE A CG1 1 
ATOM   1083 C CG2 . ILE A 1 139 ? -6.128  -13.012 3.591   1.00 13.53 ? 161 ILE A CG2 1 
ATOM   1084 C CD1 . ILE A 1 139 ? -4.981  -11.273 1.343   1.00 12.23 ? 161 ILE A CD1 1 
ATOM   1085 N N   . TYR A 1 140 ? -9.536  -12.126 4.625   1.00 12.13 ? 162 TYR A N   1 
ATOM   1086 C CA  . TYR A 1 140 ? -10.149 -12.417 5.916   1.00 13.58 ? 162 TYR A CA  1 
ATOM   1087 C C   . TYR A 1 140 ? -11.280 -13.425 5.744   1.00 14.01 ? 162 TYR A C   1 
ATOM   1088 O O   . TYR A 1 140 ? -11.356 -14.417 6.471   1.00 14.80 ? 162 TYR A O   1 
ATOM   1089 C CB  . TYR A 1 140 ? -10.717 -11.142 6.543   1.00 15.62 ? 162 TYR A CB  1 
ATOM   1090 C CG  . TYR A 1 140 ? -11.606 -11.407 7.740   1.00 18.70 ? 162 TYR A CG  1 
ATOM   1091 C CD1 . TYR A 1 140 ? -11.063 -11.767 8.968   1.00 21.04 ? 162 TYR A CD1 1 
ATOM   1092 C CD2 . TYR A 1 140 ? -12.994 -11.329 7.630   1.00 20.34 ? 162 TYR A CD2 1 
ATOM   1093 C CE1 . TYR A 1 140 ? -11.881 -12.044 10.067  1.00 21.83 ? 162 TYR A CE1 1 
ATOM   1094 C CE2 . TYR A 1 140 ? -13.822 -11.604 8.719   1.00 22.73 ? 162 TYR A CE2 1 
ATOM   1095 C CZ  . TYR A 1 140 ? -13.257 -11.960 9.934   1.00 22.62 ? 162 TYR A CZ  1 
ATOM   1096 O OH  . TYR A 1 140 ? -14.068 -12.217 11.017  1.00 26.24 ? 162 TYR A OH  1 
ATOM   1097 N N   . GLU A 1 141 ? -12.150 -13.167 4.771   1.00 13.57 ? 163 GLU A N   1 
ATOM   1098 C CA  . GLU A 1 141 ? -13.295 -14.032 4.503   1.00 15.02 ? 163 GLU A CA  1 
ATOM   1099 C C   . GLU A 1 141 ? -12.903 -15.437 4.063   1.00 15.06 ? 163 GLU A C   1 
ATOM   1100 O O   . GLU A 1 141 ? -13.467 -16.424 4.546   1.00 14.81 ? 163 GLU A O   1 
ATOM   1101 C CB  . GLU A 1 141 ? -14.196 -13.388 3.448   1.00 18.27 ? 163 GLU A CB  1 
ATOM   1102 C CG  . GLU A 1 141 ? -14.834 -12.085 3.905   1.00 24.69 ? 163 GLU A CG  1 
ATOM   1103 C CD  . GLU A 1 141 ? -15.705 -11.450 2.839   1.00 27.94 ? 163 GLU A CD  1 
ATOM   1104 O OE1 . GLU A 1 141 ? -16.296 -10.382 3.108   1.00 30.13 ? 163 GLU A OE1 1 
ATOM   1105 O OE2 . GLU A 1 141 ? -15.800 -12.018 1.731   1.00 31.52 ? 163 GLU A OE2 1 
ATOM   1106 N N   . LEU A 1 142 ? -11.941 -15.531 3.149   1.00 13.79 ? 164 LEU A N   1 
ATOM   1107 C CA  . LEU A 1 142 ? -11.490 -16.830 2.667   1.00 14.79 ? 164 LEU A CA  1 
ATOM   1108 C C   . LEU A 1 142 ? -10.834 -17.614 3.798   1.00 15.73 ? 164 LEU A C   1 
ATOM   1109 O O   . LEU A 1 142 ? -10.985 -18.833 3.888   1.00 17.38 ? 164 LEU A O   1 
ATOM   1110 C CB  . LEU A 1 142 ? -10.512 -16.654 1.500   1.00 15.94 ? 164 LEU A CB  1 
ATOM   1111 C CG  . LEU A 1 142 ? -11.113 -15.991 0.253   1.00 15.26 ? 164 LEU A CG  1 
ATOM   1112 C CD1 . LEU A 1 142 ? -10.041 -15.841 -0.818  1.00 17.32 ? 164 LEU A CD1 1 
ATOM   1113 C CD2 . LEU A 1 142 ? -12.274 -16.819 -0.273  1.00 17.65 ? 164 LEU A CD2 1 
ATOM   1114 N N   . LYS A 1 143 ? -10.107 -16.913 4.662   1.00 16.80 ? 165 LYS A N   1 
ATOM   1115 C CA  . LYS A 1 143 ? -9.447  -17.552 5.795   1.00 18.89 ? 165 LYS A CA  1 
ATOM   1116 C C   . LYS A 1 143 ? -10.484 -18.104 6.767   1.00 20.53 ? 165 LYS A C   1 
ATOM   1117 O O   . LYS A 1 143 ? -10.326 -19.201 7.305   1.00 20.74 ? 165 LYS A O   1 
ATOM   1118 C CB  . LYS A 1 143 ? -8.545  -16.549 6.520   1.00 22.46 ? 165 LYS A CB  1 
ATOM   1119 C CG  . LYS A 1 143 ? -7.094  -16.577 6.077   1.00 25.93 ? 165 LYS A CG  1 
ATOM   1120 C CD  . LYS A 1 143 ? -6.423  -17.866 6.530   1.00 30.29 ? 165 LYS A CD  1 
ATOM   1121 C CE  . LYS A 1 143 ? -4.938  -17.869 6.213   1.00 31.69 ? 165 LYS A CE  1 
ATOM   1122 N NZ  . LYS A 1 143 ? -4.282  -19.123 6.683   1.00 33.50 ? 165 LYS A NZ  1 
ATOM   1123 N N   . GLN A 1 144 ? -11.548 -17.338 6.982   1.00 20.57 ? 166 GLN A N   1 
ATOM   1124 C CA  . GLN A 1 144 ? -12.609 -17.748 7.895   1.00 22.77 ? 166 GLN A CA  1 
ATOM   1125 C C   . GLN A 1 144 ? -13.297 -19.008 7.367   1.00 23.58 ? 166 GLN A C   1 
ATOM   1126 O O   . GLN A 1 144 ? -13.737 -19.860 8.141   1.00 23.92 ? 166 GLN A O   1 
ATOM   1127 C CB  . GLN A 1 144 ? -13.632 -16.618 8.050   1.00 24.96 ? 166 GLN A CB  1 
ATOM   1128 C CG  . GLN A 1 144 ? -14.611 -16.808 9.201   1.00 30.04 ? 166 GLN A CG  1 
ATOM   1129 C CD  . GLN A 1 144 ? -13.968 -16.607 10.566  1.00 32.05 ? 166 GLN A CD  1 
ATOM   1130 O OE1 . GLN A 1 144 ? -14.610 -16.803 11.599  1.00 35.42 ? 166 GLN A OE1 1 
ATOM   1131 N NE2 . GLN A 1 144 ? -12.700 -16.207 10.573  1.00 33.28 ? 166 GLN A NE2 1 
ATOM   1132 N N   . ARG A 1 145 ? -13.373 -19.124 6.045   1.00 23.26 ? 167 ARG A N   1 
ATOM   1133 C CA  . ARG A 1 145 ? -14.008 -20.270 5.403   1.00 24.51 ? 167 ARG A CA  1 
ATOM   1134 C C   . ARG A 1 145 ? -13.004 -21.377 5.090   1.00 24.28 ? 167 ARG A C   1 
ATOM   1135 O O   . ARG A 1 145 ? -13.364 -22.405 4.515   1.00 24.87 ? 167 ARG A O   1 
ATOM   1136 C CB  . ARG A 1 145 ? -14.693 -19.822 4.112   1.00 26.70 ? 167 ARG A CB  1 
ATOM   1137 C CG  . ARG A 1 145 ? -15.782 -18.783 4.322   1.00 30.44 ? 167 ARG A CG  1 
ATOM   1138 C CD  . ARG A 1 145 ? -16.181 -18.142 3.008   1.00 33.68 ? 167 ARG A CD  1 
ATOM   1139 N NE  . ARG A 1 145 ? -16.618 -19.130 2.028   1.00 35.99 ? 167 ARG A NE  1 
ATOM   1140 C CZ  . ARG A 1 145 ? -16.900 -18.848 0.761   1.00 37.94 ? 167 ARG A CZ  1 
ATOM   1141 N NH1 . ARG A 1 145 ? -17.292 -19.810 -0.064  1.00 39.46 ? 167 ARG A NH1 1 
ATOM   1142 N NH2 . ARG A 1 145 ? -16.786 -17.604 0.317   1.00 38.20 ? 167 ARG A NH2 1 
ATOM   1143 N N   . GLU A 1 146 ? -11.749 -21.161 5.469   1.00 24.89 ? 168 GLU A N   1 
ATOM   1144 C CA  . GLU A 1 146 ? -10.687 -22.136 5.235   1.00 25.87 ? 168 GLU A CA  1 
ATOM   1145 C C   . GLU A 1 146 ? -10.542 -22.455 3.747   1.00 25.86 ? 168 GLU A C   1 
ATOM   1146 O O   . GLU A 1 146 ? -10.351 -23.612 3.370   1.00 26.70 ? 168 GLU A O   1 
ATOM   1147 C CB  . GLU A 1 146 ? -10.974 -23.430 6.001   1.00 27.56 ? 168 GLU A CB  1 
ATOM   1148 C CG  . GLU A 1 146 ? -11.181 -23.246 7.494   1.00 31.02 ? 168 GLU A CG  1 
ATOM   1149 C CD  . GLU A 1 146 ? -11.414 -24.561 8.213   1.00 32.39 ? 168 GLU A CD  1 
ATOM   1150 O OE1 . GLU A 1 146 ? -12.381 -25.272 7.864   1.00 34.29 ? 168 GLU A OE1 1 
ATOM   1151 O OE2 . GLU A 1 146 ? -10.627 -24.884 9.127   1.00 33.32 ? 168 GLU A OE2 1 
ATOM   1152 N N   . GLU A 1 147 ? -10.625 -21.428 2.907   1.00 25.34 ? 169 GLU A N   1 
ATOM   1153 C CA  . GLU A 1 147 ? -10.510 -21.617 1.464   1.00 25.14 ? 169 GLU A CA  1 
ATOM   1154 C C   . GLU A 1 147 ? -9.497  -20.692 0.791   1.00 23.27 ? 169 GLU A C   1 
ATOM   1155 O O   . GLU A 1 147 ? -9.452  -20.616 -0.436  1.00 22.81 ? 169 GLU A O   1 
ATOM   1156 C CB  . GLU A 1 147 ? -11.873 -21.420 0.793   1.00 27.81 ? 169 GLU A CB  1 
ATOM   1157 C CG  . GLU A 1 147 ? -12.931 -22.434 1.194   1.00 30.53 ? 169 GLU A CG  1 
ATOM   1158 C CD  . GLU A 1 147 ? -14.222 -22.258 0.417   1.00 33.43 ? 169 GLU A CD  1 
ATOM   1159 O OE1 . GLU A 1 147 ? -14.800 -21.152 0.464   1.00 34.90 ? 169 GLU A OE1 1 
ATOM   1160 O OE2 . GLU A 1 147 ? -14.662 -23.225 -0.241  1.00 35.83 ? 169 GLU A OE2 1 
ATOM   1161 N N   . LEU A 1 148 ? -8.684  -19.995 1.579   1.00 22.02 ? 170 LEU A N   1 
ATOM   1162 C CA  . LEU A 1 148 ? -7.700  -19.082 1.003   1.00 21.75 ? 170 LEU A CA  1 
ATOM   1163 C C   . LEU A 1 148 ? -6.774  -19.782 0.014   1.00 23.11 ? 170 LEU A C   1 
ATOM   1164 O O   . LEU A 1 148 ? -6.533  -19.279 -1.084  1.00 21.78 ? 170 LEU A O   1 
ATOM   1165 C CB  . LEU A 1 148 ? -6.861  -18.423 2.104   1.00 20.84 ? 170 LEU A CB  1 
ATOM   1166 C CG  . LEU A 1 148 ? -5.792  -17.433 1.619   1.00 20.60 ? 170 LEU A CG  1 
ATOM   1167 C CD1 . LEU A 1 148 ? -6.451  -16.264 0.896   1.00 20.44 ? 170 LEU A CD1 1 
ATOM   1168 C CD2 . LEU A 1 148 ? -4.982  -16.934 2.807   1.00 22.05 ? 170 LEU A CD2 1 
ATOM   1169 N N   . GLU A 1 149 ? -6.263  -20.944 0.402   1.00 24.08 ? 171 GLU A N   1 
ATOM   1170 C CA  . GLU A 1 149 ? -5.355  -21.697 -0.456  1.00 28.14 ? 171 GLU A CA  1 
ATOM   1171 C C   . GLU A 1 149 ? -5.994  -22.129 -1.772  1.00 28.90 ? 171 GLU A C   1 
ATOM   1172 O O   . GLU A 1 149 ? -5.330  -22.146 -2.807  1.00 29.66 ? 171 GLU A O   1 
ATOM   1173 C CB  . GLU A 1 149 ? -4.827  -22.923 0.289   1.00 28.61 ? 171 GLU A CB  1 
ATOM   1174 C CG  . GLU A 1 149 ? -4.031  -22.583 1.538   1.00 33.13 ? 171 GLU A CG  1 
ATOM   1175 C CD  . GLU A 1 149 ? -3.506  -23.812 2.254   1.00 35.77 ? 171 GLU A CD  1 
ATOM   1176 O OE1 . GLU A 1 149 ? -2.844  -23.651 3.302   1.00 37.76 ? 171 GLU A OE1 1 
ATOM   1177 O OE2 . GLU A 1 149 ? -3.753  -24.937 1.771   1.00 38.78 ? 171 GLU A OE2 1 
ATOM   1178 N N   . LYS A 1 150 ? -7.276  -22.476 -1.736  1.00 30.94 ? 172 LYS A N   1 
ATOM   1179 C CA  . LYS A 1 150 ? -7.969  -22.908 -2.948  1.00 33.42 ? 172 LYS A CA  1 
ATOM   1180 C C   . LYS A 1 150 ? -8.294  -21.759 -3.898  1.00 34.75 ? 172 LYS A C   1 
ATOM   1181 O O   . LYS A 1 150 ? -8.740  -21.987 -5.022  1.00 34.22 ? 172 LYS A O   1 
ATOM   1182 C CB  . LYS A 1 150 ? -9.270  -23.640 -2.601  1.00 35.07 ? 172 LYS A CB  1 
ATOM   1183 C CG  . LYS A 1 150 ? -9.096  -24.971 -1.888  1.00 37.07 ? 172 LYS A CG  1 
ATOM   1184 C CD  . LYS A 1 150 ? -9.045  -24.798 -0.381  1.00 39.27 ? 172 LYS A CD  1 
ATOM   1185 C CE  . LYS A 1 150 ? -9.056  -26.146 0.323   1.00 40.32 ? 172 LYS A CE  1 
ATOM   1186 N NZ  . LYS A 1 150 ? -9.144  -26.008 1.803   1.00 41.40 ? 172 LYS A NZ  1 
ATOM   1187 N N   . LYS A 1 151 ? -8.070  -20.527 -3.453  1.00 35.41 ? 173 LYS A N   1 
ATOM   1188 C CA  . LYS A 1 151 ? -8.371  -19.364 -4.282  1.00 37.17 ? 173 LYS A CA  1 
ATOM   1189 C C   . LYS A 1 151 ? -7.153  -18.494 -4.570  1.00 38.12 ? 173 LYS A C   1 
ATOM   1190 O O   . LYS A 1 151 ? -7.199  -17.617 -5.432  1.00 38.46 ? 173 LYS A O   1 
ATOM   1191 C CB  . LYS A 1 151 ? -9.458  -18.519 -3.613  1.00 37.41 ? 173 LYS A CB  1 
ATOM   1192 C CG  . LYS A 1 151 ? -10.755 -19.272 -3.355  1.00 38.14 ? 173 LYS A CG  1 
ATOM   1193 C CD  . LYS A 1 151 ? -11.408 -19.717 -4.653  1.00 38.94 ? 173 LYS A CD  1 
ATOM   1194 C CE  . LYS A 1 151 ? -12.645 -20.558 -4.389  1.00 39.46 ? 173 LYS A CE  1 
ATOM   1195 N NZ  . LYS A 1 151 ? -13.650 -19.834 -3.567  1.00 41.25 ? 173 LYS A NZ  1 
ATOM   1196 N N   . ALA A 1 152 ? -6.063  -18.739 -3.849  1.00 39.04 ? 174 ALA A N   1 
ATOM   1197 C CA  . ALA A 1 152 ? -4.840  -17.967 -4.031  1.00 40.78 ? 174 ALA A CA  1 
ATOM   1198 C C   . ALA A 1 152 ? -4.030  -18.462 -5.226  1.00 41.69 ? 174 ALA A C   1 
ATOM   1199 O O   . ALA A 1 152 ? -2.874  -18.888 -5.017  1.00 42.75 ? 174 ALA A O   1 
ATOM   1200 C CB  . ALA A 1 152 ? -3.995  -18.030 -2.764  1.00 40.39 ? 174 ALA A CB  1 
ATOM   1201 O OXT . ALA A 1 152 ? -4.560  -18.415 -6.357  1.00 42.71 ? 174 ALA A OXT 1 
ATOM   1202 N N   . ASN B 2 1   ? -9.266  5.741   5.265   1.00 24.45 ? 5   ASN B N   1 
ATOM   1203 C CA  . ASN B 2 1   ? -8.298  5.110   6.211   1.00 21.57 ? 5   ASN B CA  1 
ATOM   1204 C C   . ASN B 2 1   ? -8.916  3.888   6.873   1.00 20.90 ? 5   ASN B C   1 
ATOM   1205 O O   . ASN B 2 1   ? -10.094 3.894   7.239   1.00 21.65 ? 5   ASN B O   1 
ATOM   1206 C CB  . ASN B 2 1   ? -7.884  6.116   7.287   1.00 22.38 ? 5   ASN B CB  1 
ATOM   1207 C CG  . ASN B 2 1   ? -7.064  7.266   6.727   1.00 23.78 ? 5   ASN B CG  1 
ATOM   1208 O OD1 . ASN B 2 1   ? -7.275  7.702   5.595   1.00 26.41 ? 5   ASN B OD1 1 
ATOM   1209 N ND2 . ASN B 2 1   ? -6.135  7.774   7.528   1.00 27.08 ? 5   ASN B ND2 1 
ATOM   1210 N N   . PHE B 2 2   ? -8.120  2.837   7.033   1.00 17.17 ? 6   PHE B N   1 
ATOM   1211 C CA  . PHE B 2 2   ? -8.620  1.621   7.649   1.00 15.42 ? 6   PHE B CA  1 
ATOM   1212 C C   . PHE B 2 2   ? -7.528  0.673   8.127   1.00 15.98 ? 6   PHE B C   1 
ATOM   1213 O O   . PHE B 2 2   ? -6.377  0.737   7.673   1.00 13.50 ? 6   PHE B O   1 
ATOM   1214 C CB  . PHE B 2 2   ? -9.550  0.898   6.671   1.00 18.27 ? 6   PHE B CB  1 
ATOM   1215 C CG  . PHE B 2 2   ? -8.912  0.583   5.347   1.00 18.05 ? 6   PHE B CG  1 
ATOM   1216 C CD1 . PHE B 2 2   ? -8.157  -0.571  5.179   1.00 20.24 ? 6   PHE B CD1 1 
ATOM   1217 C CD2 . PHE B 2 2   ? -9.061  1.449   4.270   1.00 20.16 ? 6   PHE B CD2 1 
ATOM   1218 C CE1 . PHE B 2 2   ? -7.559  -0.861  3.953   1.00 20.09 ? 6   PHE B CE1 1 
ATOM   1219 C CE2 . PHE B 2 2   ? -8.466  1.171   3.040   1.00 18.67 ? 6   PHE B CE2 1 
ATOM   1220 C CZ  . PHE B 2 2   ? -7.715  0.012   2.883   1.00 19.85 ? 6   PHE B CZ  1 
ATOM   1221 N N   . ASP B 2 3   ? -7.909  -0.190  9.064   1.00 14.51 ? 7   ASP B N   1 
ATOM   1222 C CA  . ASP B 2 3   ? -7.024  -1.189  9.642   1.00 13.51 ? 7   ASP B CA  1 
ATOM   1223 C C   . ASP B 2 3   ? -7.117  -2.464  8.807   1.00 15.13 ? 7   ASP B C   1 
ATOM   1224 O O   . ASP B 2 3   ? -8.177  -2.794  8.272   1.00 16.36 ? 7   ASP B O   1 
ATOM   1225 C CB  . ASP B 2 3   ? -7.454  -1.496  11.081  1.00 14.83 ? 7   ASP B CB  1 
ATOM   1226 C CG  . ASP B 2 3   ? -7.337  -0.292  12.000  1.00 14.53 ? 7   ASP B CG  1 
ATOM   1227 O OD1 . ASP B 2 3   ? -6.213  0.016   12.441  1.00 16.80 ? 7   ASP B OD1 1 
ATOM   1228 O OD2 . ASP B 2 3   ? -8.369  0.353   12.281  1.00 15.08 ? 7   ASP B OD2 1 
ATOM   1229 N N   . ASN B 2 4   ? -6.004  -3.174  8.683   1.00 12.90 ? 8   ASN B N   1 
ATOM   1230 C CA  . ASN B 2 4   ? -5.995  -4.417  7.929   1.00 12.81 ? 8   ASN B CA  1 
ATOM   1231 C C   . ASN B 2 4   ? -6.422  -5.542  8.863   1.00 13.76 ? 8   ASN B C   1 
ATOM   1232 O O   . ASN B 2 4   ? -5.728  -5.847  9.828   1.00 13.51 ? 8   ASN B O   1 
ATOM   1233 C CB  . ASN B 2 4   ? -4.593  -4.700  7.386   1.00 12.87 ? 8   ASN B CB  1 
ATOM   1234 C CG  . ASN B 2 4   ? -4.492  -6.058  6.724   1.00 11.37 ? 8   ASN B CG  1 
ATOM   1235 O OD1 . ASN B 2 4   ? -5.492  -6.749  6.539   1.00 11.59 ? 8   ASN B OD1 1 
ATOM   1236 N ND2 . ASN B 2 4   ? -3.276  -6.450  6.360   1.00 12.26 ? 8   ASN B ND2 1 
ATOM   1237 N N   . PRO B 2 5   ? -7.575  -6.172  8.585   1.00 13.96 ? 9   PRO B N   1 
ATOM   1238 C CA  . PRO B 2 5   ? -8.079  -7.267  9.418   1.00 15.34 ? 9   PRO B CA  1 
ATOM   1239 C C   . PRO B 2 5   ? -7.162  -8.486  9.505   1.00 16.95 ? 9   PRO B C   1 
ATOM   1240 O O   . PRO B 2 5   ? -7.283  -9.296  10.425  1.00 18.75 ? 9   PRO B O   1 
ATOM   1241 C CB  . PRO B 2 5   ? -9.425  -7.601  8.770   1.00 14.50 ? 9   PRO B CB  1 
ATOM   1242 C CG  . PRO B 2 5   ? -9.198  -7.254  7.331   1.00 15.85 ? 9   PRO B CG  1 
ATOM   1243 C CD  . PRO B 2 5   ? -8.470  -5.938  7.438   1.00 13.82 ? 9   PRO B CD  1 
ATOM   1244 N N   . VAL B 2 6   ? -6.235  -8.607  8.558   1.00 16.90 ? 10  VAL B N   1 
ATOM   1245 C CA  . VAL B 2 6   ? -5.331  -9.749  8.528   1.00 18.03 ? 10  VAL B CA  1 
ATOM   1246 C C   . VAL B 2 6   ? -3.928  -9.448  9.057   1.00 16.86 ? 10  VAL B C   1 
ATOM   1247 O O   . VAL B 2 6   ? -3.040  -10.302 9.001   1.00 18.68 ? 10  VAL B O   1 
ATOM   1248 C CB  . VAL B 2 6   ? -5.216  -10.307 7.088   1.00 20.23 ? 10  VAL B CB  1 
ATOM   1249 C CG1 . VAL B 2 6   ? -4.664  -11.718 7.116   1.00 24.66 ? 10  VAL B CG1 1 
ATOM   1250 C CG2 . VAL B 2 6   ? -6.579  -10.286 6.414   1.00 23.44 ? 10  VAL B CG2 1 
ATOM   1251 N N   . TYR B 2 7   ? -3.730  -8.241  9.576   1.00 15.32 ? 11  TYR B N   1 
ATOM   1252 C CA  . TYR B 2 7   ? -2.431  -7.850  10.118  1.00 15.58 ? 11  TYR B CA  1 
ATOM   1253 C C   . TYR B 2 7   ? -2.057  -8.718  11.314  1.00 17.21 ? 11  TYR B C   1 
ATOM   1254 O O   . TYR B 2 7   ? -2.911  -9.048  12.138  1.00 17.51 ? 11  TYR B O   1 
ATOM   1255 C CB  . TYR B 2 7   ? -2.452  -6.379  10.548  1.00 15.16 ? 11  TYR B CB  1 
ATOM   1256 C CG  . TYR B 2 7   ? -1.181  -5.932  11.245  1.00 12.92 ? 11  TYR B CG  1 
ATOM   1257 C CD1 . TYR B 2 7   ? 0.043   -5.930  10.574  1.00 13.35 ? 11  TYR B CD1 1 
ATOM   1258 C CD2 . TYR B 2 7   ? -1.202  -5.523  12.578  1.00 14.63 ? 11  TYR B CD2 1 
ATOM   1259 C CE1 . TYR B 2 7   ? 1.213   -5.533  11.215  1.00 14.59 ? 11  TYR B CE1 1 
ATOM   1260 C CE2 . TYR B 2 7   ? -0.038  -5.125  13.228  1.00 15.12 ? 11  TYR B CE2 1 
ATOM   1261 C CZ  . TYR B 2 7   ? 1.165   -5.131  12.541  1.00 15.36 ? 11  TYR B CZ  1 
ATOM   1262 O OH  . TYR B 2 7   ? 2.318   -4.727  13.175  1.00 16.90 ? 11  TYR B OH  1 
ATOM   1263 N N   . ARG B 2 8   ? -0.780  -9.084  11.392  1.00 18.57 ? 12  ARG B N   1 
ATOM   1264 C CA  . ARG B 2 8   ? -0.242  -9.900  12.483  1.00 22.06 ? 12  ARG B CA  1 
ATOM   1265 C C   . ARG B 2 8   ? 0.830   -9.068  13.190  1.00 22.75 ? 12  ARG B C   1 
ATOM   1266 O O   . ARG B 2 8   ? 1.859   -8.753  12.598  1.00 20.96 ? 12  ARG B O   1 
ATOM   1267 C CB  . ARG B 2 8   ? 0.398   -11.176 11.926  1.00 25.61 ? 12  ARG B CB  1 
ATOM   1268 C CG  . ARG B 2 8   ? -0.550  -12.097 11.171  1.00 30.78 ? 12  ARG B CG  1 
ATOM   1269 C CD  . ARG B 2 8   ? -1.319  -13.016 12.109  1.00 35.43 ? 12  ARG B CD  1 
ATOM   1270 N NE  . ARG B 2 8   ? -2.153  -12.286 13.059  1.00 38.57 ? 12  ARG B NE  1 
ATOM   1271 C CZ  . ARG B 2 8   ? -2.884  -12.865 14.005  1.00 40.10 ? 12  ARG B CZ  1 
ATOM   1272 N NH1 . ARG B 2 8   ? -2.885  -14.186 14.132  1.00 40.74 ? 12  ARG B NH1 1 
ATOM   1273 N NH2 . ARG B 2 8   ? -3.616  -12.124 14.828  1.00 41.39 ? 12  ARG B NH2 1 
ATOM   1274 N N   . LYS B 2 9   ? 0.592   -8.721  14.451  1.00 24.86 ? 13  LYS B N   1 
ATOM   1275 C CA  . LYS B 2 9   ? 1.538   -7.911  15.221  1.00 28.03 ? 13  LYS B CA  1 
ATOM   1276 C C   . LYS B 2 9   ? 2.876   -8.599  15.483  1.00 28.77 ? 13  LYS B C   1 
ATOM   1277 O O   . LYS B 2 9   ? 3.917   -7.943  15.542  1.00 26.86 ? 13  LYS B O   1 
ATOM   1278 C CB  . LYS B 2 9   ? 0.913   -7.506  16.561  1.00 30.55 ? 13  LYS B CB  1 
ATOM   1279 C CG  . LYS B 2 9   ? -0.358  -6.684  16.438  1.00 33.17 ? 13  LYS B CG  1 
ATOM   1280 C CD  . LYS B 2 9   ? -0.908  -6.320  17.810  1.00 35.48 ? 13  LYS B CD  1 
ATOM   1281 C CE  . LYS B 2 9   ? -2.184  -5.499  17.697  1.00 37.10 ? 13  LYS B CE  1 
ATOM   1282 N NZ  . LYS B 2 9   ? -2.729  -5.130  19.035  1.00 38.57 ? 13  LYS B NZ  1 
ATOM   1283 N N   . THR B 2 10  ? 2.848   -9.918  15.645  1.00 31.04 ? 14  THR B N   1 
ATOM   1284 C CA  . THR B 2 10  ? 4.067   -10.676 15.911  1.00 34.15 ? 14  THR B CA  1 
ATOM   1285 C C   . THR B 2 10  ? 4.408   -11.640 14.778  1.00 35.63 ? 14  THR B C   1 
ATOM   1286 O O   . THR B 2 10  ? 3.647   -11.685 13.788  1.00 37.09 ? 14  THR B O   1 
ATOM   1287 C CB  . THR B 2 10  ? 3.939   -11.484 17.218  1.00 34.97 ? 14  THR B CB  1 
ATOM   1288 O OG1 . THR B 2 10  ? 2.857   -12.416 17.103  1.00 37.37 ? 14  THR B OG1 1 
ATOM   1289 C CG2 . THR B 2 10  ? 3.675   -10.553 18.393  1.00 35.52 ? 14  THR B CG2 1 
ATOM   1290 O OXT . THR B 2 10  ? 5.437   -12.340 14.896  1.00 37.07 ? 14  THR B OXT 1 
HETATM 1291 P P   . PO4 C 3 .   ? 8.750   14.603  -9.627  1.00 27.67 ? 200 PO4 A P   1 
HETATM 1292 O O1  . PO4 C 3 .   ? 9.041   16.040  -9.876  1.00 30.40 ? 200 PO4 A O1  1 
HETATM 1293 O O2  . PO4 C 3 .   ? 9.566   14.124  -8.484  1.00 27.95 ? 200 PO4 A O2  1 
HETATM 1294 O O3  . PO4 C 3 .   ? 9.084   13.814  -10.839 1.00 29.09 ? 200 PO4 A O3  1 
HETATM 1295 O O4  . PO4 C 3 .   ? 7.308   14.435  -9.307  1.00 28.70 ? 200 PO4 A O4  1 
HETATM 1296 O O   . HOH D 4 .   ? 1.650   -7.620  -4.917  1.00 8.93  ? 201 HOH A O   1 
HETATM 1297 O O   . HOH D 4 .   ? 12.513  3.960   -12.186 1.00 13.04 ? 202 HOH A O   1 
HETATM 1298 O O   . HOH D 4 .   ? -8.270  9.704   -4.793  1.00 14.20 ? 203 HOH A O   1 
HETATM 1299 O O   . HOH D 4 .   ? 0.918   -11.764 1.537   1.00 13.75 ? 204 HOH A O   1 
HETATM 1300 O O   . HOH D 4 .   ? 16.182  2.834   -12.100 1.00 12.01 ? 205 HOH A O   1 
HETATM 1301 O O   . HOH D 4 .   ? -11.261 -9.550  -12.085 1.00 14.85 ? 206 HOH A O   1 
HETATM 1302 O O   . HOH D 4 .   ? 11.818  8.535   -4.529  1.00 15.86 ? 207 HOH A O   1 
HETATM 1303 O O   . HOH D 4 .   ? 2.815   -8.566  -8.521  1.00 15.88 ? 208 HOH A O   1 
HETATM 1304 O O   . HOH D 4 .   ? -1.904  5.218   -10.868 1.00 13.43 ? 209 HOH A O   1 
HETATM 1305 O O   . HOH D 4 .   ? 13.246  -10.176 -7.338  1.00 37.82 ? 210 HOH A O   1 
HETATM 1306 O O   . HOH D 4 .   ? 3.026   -2.008  10.891  1.00 12.36 ? 211 HOH A O   1 
HETATM 1307 O O   . HOH D 4 .   ? -4.471  5.170   -9.700  1.00 15.59 ? 212 HOH A O   1 
HETATM 1308 O O   . HOH D 4 .   ? -11.397 -6.783  -11.866 1.00 17.26 ? 213 HOH A O   1 
HETATM 1309 O O   . HOH D 4 .   ? -8.547  0.184   -10.623 1.00 13.39 ? 214 HOH A O   1 
HETATM 1310 O O   . HOH D 4 .   ? -2.336  15.783  -6.849  1.00 35.73 ? 215 HOH A O   1 
HETATM 1311 O O   . HOH D 4 .   ? 0.255   18.202  16.922  1.00 53.46 ? 216 HOH A O   1 
HETATM 1312 O O   . HOH D 4 .   ? -12.339 1.890   -7.732  1.00 28.38 ? 217 HOH A O   1 
HETATM 1313 O O   . HOH D 4 .   ? 9.750   11.237  -11.210 1.00 20.51 ? 218 HOH A O   1 
HETATM 1314 O O   . HOH D 4 .   ? 12.546  10.914  5.934   1.00 41.05 ? 219 HOH A O   1 
HETATM 1315 O O   . HOH D 4 .   ? 11.094  -5.376  0.833   1.00 26.28 ? 220 HOH A O   1 
HETATM 1316 O O   . HOH D 4 .   ? 12.864  6.799   -11.580 1.00 17.16 ? 221 HOH A O   1 
HETATM 1317 O O   . HOH D 4 .   ? -0.599  -13.234 -5.657  1.00 19.68 ? 222 HOH A O   1 
HETATM 1318 O O   . HOH D 4 .   ? 2.410   -10.952 -6.653  1.00 18.49 ? 223 HOH A O   1 
HETATM 1319 O O   . HOH D 4 .   ? 9.691   -7.589  16.050  1.00 45.04 ? 224 HOH A O   1 
HETATM 1320 O O   . HOH D 4 .   ? 3.025   9.782   -9.763  1.00 20.86 ? 225 HOH A O   1 
HETATM 1321 O O   . HOH D 4 .   ? -2.578  -13.987 1.045   1.00 20.37 ? 226 HOH A O   1 
HETATM 1322 O O   . HOH D 4 .   ? 16.510  -1.890  -10.500 1.00 18.88 ? 227 HOH A O   1 
HETATM 1323 O O   . HOH D 4 .   ? 15.013  12.820  -1.685  1.00 47.40 ? 228 HOH A O   1 
HETATM 1324 O O   . HOH D 4 .   ? 10.248  1.608   13.104  1.00 27.46 ? 229 HOH A O   1 
HETATM 1325 O O   . HOH D 4 .   ? -13.627 -8.223  -0.318  1.00 19.78 ? 230 HOH A O   1 
HETATM 1326 O O   . HOH D 4 .   ? 8.403   3.692   -20.559 1.00 45.21 ? 231 HOH A O   1 
HETATM 1327 O O   . HOH D 4 .   ? 6.126   14.606  -3.404  1.00 24.45 ? 232 HOH A O   1 
HETATM 1328 O O   . HOH D 4 .   ? 13.391  8.364   6.019   1.00 43.36 ? 233 HOH A O   1 
HETATM 1329 O O   . HOH D 4 .   ? -10.646 -4.504  4.685   1.00 27.15 ? 234 HOH A O   1 
HETATM 1330 O O   . HOH D 4 .   ? 8.570   -2.401  8.490   1.00 21.75 ? 235 HOH A O   1 
HETATM 1331 O O   . HOH D 4 .   ? 4.154   10.094  12.599  1.00 28.25 ? 236 HOH A O   1 
HETATM 1332 O O   . HOH D 4 .   ? -1.191  9.092   -16.132 1.00 45.71 ? 237 HOH A O   1 
HETATM 1333 O O   . HOH D 4 .   ? -1.434  -6.692  -13.427 1.00 20.11 ? 238 HOH A O   1 
HETATM 1334 O O   . HOH D 4 .   ? 6.833   17.017  -1.947  1.00 24.05 ? 239 HOH A O   1 
HETATM 1335 O O   . HOH D 4 .   ? -7.472  -23.473 1.650   1.00 39.56 ? 240 HOH A O   1 
HETATM 1336 O O   . HOH D 4 .   ? -4.364  -12.075 -12.083 1.00 32.68 ? 241 HOH A O   1 
HETATM 1337 O O   . HOH D 4 .   ? 0.215   -12.674 4.199   1.00 25.88 ? 242 HOH A O   1 
HETATM 1338 O O   . HOH D 4 .   ? 13.506  -8.313  -9.318  1.00 26.45 ? 243 HOH A O   1 
HETATM 1339 O O   . HOH D 4 .   ? -17.305 -8.272  1.056   1.00 44.06 ? 244 HOH A O   1 
HETATM 1340 O O   . HOH D 4 .   ? -1.909  -15.788 -6.335  1.00 32.14 ? 245 HOH A O   1 
HETATM 1341 O O   . HOH D 4 .   ? 13.252  12.894  -3.640  1.00 31.66 ? 246 HOH A O   1 
HETATM 1342 O O   . HOH D 4 .   ? 5.758   -0.290  -15.457 1.00 43.93 ? 247 HOH A O   1 
HETATM 1343 O O   . HOH D 4 .   ? 0.912   0.262   17.507  1.00 26.94 ? 248 HOH A O   1 
HETATM 1344 O O   . HOH D 4 .   ? 10.785  11.446  1.304   1.00 24.36 ? 249 HOH A O   1 
HETATM 1345 O O   . HOH D 4 .   ? -7.347  -21.037 4.547   1.00 25.21 ? 250 HOH A O   1 
HETATM 1346 O O   . HOH D 4 .   ? -8.400  -14.707 -14.487 1.00 40.50 ? 251 HOH A O   1 
HETATM 1347 O O   . HOH D 4 .   ? -8.837  6.169   13.553  1.00 30.32 ? 252 HOH A O   1 
HETATM 1348 O O   . HOH D 4 .   ? 11.116  19.503  5.230   1.00 30.61 ? 253 HOH A O   1 
HETATM 1349 O O   . HOH D 4 .   ? 6.012   6.130   -12.635 1.00 22.88 ? 254 HOH A O   1 
HETATM 1350 O O   . HOH D 4 .   ? -16.080 -17.007 -5.212  1.00 35.33 ? 255 HOH A O   1 
HETATM 1351 O O   . HOH D 4 .   ? 3.818   13.911  -10.780 1.00 55.92 ? 256 HOH A O   1 
HETATM 1352 O O   . HOH D 4 .   ? -13.575 -4.339  4.699   1.00 28.67 ? 257 HOH A O   1 
HETATM 1353 O O   . HOH D 4 .   ? -14.904 -4.125  2.386   1.00 46.08 ? 258 HOH A O   1 
HETATM 1354 O O   . HOH D 4 .   ? 4.292   9.273   17.121  1.00 47.41 ? 259 HOH A O   1 
HETATM 1355 O O   . HOH D 4 .   ? 2.422   11.820  14.677  1.00 31.76 ? 260 HOH A O   1 
HETATM 1356 O O   . HOH D 4 .   ? 2.344   0.634   -14.469 1.00 29.43 ? 261 HOH A O   1 
HETATM 1357 O O   . HOH D 4 .   ? 3.840   -5.790  -14.197 1.00 45.48 ? 262 HOH A O   1 
HETATM 1358 O O   . HOH D 4 .   ? 10.046  18.129  8.502   1.00 46.89 ? 263 HOH A O   1 
HETATM 1359 O O   . HOH D 4 .   ? 8.962   8.577   -18.263 1.00 29.85 ? 264 HOH A O   1 
HETATM 1360 O O   . HOH D 4 .   ? -18.452 -11.137 5.717   1.00 51.19 ? 265 HOH A O   1 
HETATM 1361 O O   . HOH D 4 .   ? -1.187  9.545   3.882   1.00 32.69 ? 266 HOH A O   1 
HETATM 1362 O O   . HOH D 4 .   ? -6.196  4.482   -11.685 1.00 20.17 ? 267 HOH A O   1 
HETATM 1363 O O   . HOH D 4 .   ? -12.432 4.543   -6.997  1.00 37.58 ? 268 HOH A O   1 
HETATM 1364 O O   . HOH D 4 .   ? 3.524   8.352   -12.097 1.00 20.78 ? 269 HOH A O   1 
HETATM 1365 O O   . HOH D 4 .   ? 9.542   -2.024  -20.931 1.00 49.80 ? 270 HOH A O   1 
HETATM 1366 O O   . HOH D 4 .   ? -9.226  -10.116 -14.104 1.00 23.29 ? 271 HOH A O   1 
HETATM 1367 O O   . HOH D 4 .   ? 3.707   4.939   -18.683 1.00 43.41 ? 272 HOH A O   1 
HETATM 1368 O O   . HOH D 4 .   ? -1.477  6.393   -15.863 1.00 27.08 ? 273 HOH A O   1 
HETATM 1369 O O   . HOH D 4 .   ? 5.048   6.320   -21.396 1.00 49.06 ? 274 HOH A O   1 
HETATM 1370 O O   . HOH D 4 .   ? 8.597   -4.370  -19.417 1.00 46.30 ? 275 HOH A O   1 
HETATM 1371 O O   . HOH D 4 .   ? -3.545  -14.235 -13.441 1.00 37.81 ? 276 HOH A O   1 
HETATM 1372 O O   . HOH D 4 .   ? 12.726  7.458   9.198   1.00 38.44 ? 277 HOH A O   1 
HETATM 1373 O O   . HOH D 4 .   ? -6.578  7.952   15.301  1.00 35.89 ? 278 HOH A O   1 
HETATM 1374 O O   . HOH D 4 .   ? 11.100  -2.452  2.516   1.00 29.60 ? 279 HOH A O   1 
HETATM 1375 O O   . HOH D 4 .   ? -11.854 -3.809  -14.845 1.00 31.64 ? 280 HOH A O   1 
HETATM 1376 O O   . HOH D 4 .   ? 14.013  -11.951 -10.209 1.00 45.85 ? 281 HOH A O   1 
HETATM 1377 O O   . HOH D 4 .   ? 0.301   17.581  -0.072  1.00 41.14 ? 282 HOH A O   1 
HETATM 1378 O O   . HOH D 4 .   ? 6.871   5.701   -19.364 1.00 44.03 ? 283 HOH A O   1 
HETATM 1379 O O   . HOH D 4 .   ? -11.402 10.013  -4.010  1.00 36.29 ? 284 HOH A O   1 
HETATM 1380 O O   . HOH D 4 .   ? 6.723   -7.325  23.022  1.00 42.88 ? 285 HOH A O   1 
HETATM 1381 O O   . HOH D 4 .   ? 5.608   8.352   14.499  1.00 36.90 ? 286 HOH A O   1 
HETATM 1382 O O   . HOH D 4 .   ? -18.836 -14.149 -6.229  1.00 27.63 ? 287 HOH A O   1 
HETATM 1383 O O   . HOH D 4 .   ? -15.017 3.856   -12.580 1.00 48.23 ? 288 HOH A O   1 
HETATM 1384 O O   . HOH D 4 .   ? 15.799  -3.267  -2.731  1.00 38.74 ? 289 HOH A O   1 
HETATM 1385 O O   . HOH D 4 .   ? 6.781   18.281  8.794   1.00 37.77 ? 290 HOH A O   1 
HETATM 1386 O O   . HOH D 4 .   ? 8.763   -8.053  3.954   1.00 36.49 ? 291 HOH A O   1 
HETATM 1387 O O   . HOH D 4 .   ? 1.161   -6.673  -15.662 1.00 31.69 ? 292 HOH A O   1 
HETATM 1388 O O   . HOH D 4 .   ? -20.698 -10.158 -10.625 1.00 31.92 ? 293 HOH A O   1 
HETATM 1389 O O   . HOH D 4 .   ? 9.588   6.276   -20.646 1.00 48.58 ? 294 HOH A O   1 
HETATM 1390 O O   . HOH D 4 .   ? 4.644   2.015   -15.106 1.00 39.73 ? 295 HOH A O   1 
HETATM 1391 O O   . HOH D 4 .   ? -15.523 -4.625  -12.835 1.00 47.86 ? 296 HOH A O   1 
HETATM 1392 O O   . HOH D 4 .   ? 4.792   15.018  -8.526  1.00 45.12 ? 297 HOH A O   1 
HETATM 1393 O O   . HOH D 4 .   ? 1.761   6.866   -18.822 1.00 44.35 ? 298 HOH A O   1 
HETATM 1394 O O   . HOH D 4 .   ? 4.040   -7.354  -11.679 1.00 43.56 ? 299 HOH A O   1 
HETATM 1395 O O   . HOH D 4 .   ? -2.954  -16.342 -0.462  1.00 37.25 ? 300 HOH A O   1 
HETATM 1396 O O   . HOH D 4 .   ? -5.871  -21.809 12.536  1.00 40.77 ? 301 HOH A O   1 
HETATM 1397 O O   . HOH D 4 .   ? -12.824 -16.425 -9.321  1.00 22.02 ? 302 HOH A O   1 
HETATM 1398 O O   . HOH D 4 .   ? 8.041   9.097   13.115  1.00 33.79 ? 303 HOH A O   1 
HETATM 1399 O O   . HOH D 4 .   ? -3.529  -20.862 11.564  1.00 38.17 ? 304 HOH A O   1 
HETATM 1400 O O   . HOH D 4 .   ? 2.789   16.413  15.505  1.00 48.42 ? 305 HOH A O   1 
HETATM 1401 O O   . HOH D 4 .   ? -14.913 11.388  -7.118  1.00 38.56 ? 306 HOH A O   1 
HETATM 1402 O O   . HOH D 4 .   ? 10.699  -5.514  3.675   1.00 30.99 ? 307 HOH A O   1 
HETATM 1403 O O   . HOH D 4 .   ? 4.071   18.429  16.791  1.00 51.86 ? 308 HOH A O   1 
HETATM 1404 O O   . HOH D 4 .   ? 0.189   11.165  -14.132 1.00 27.62 ? 309 HOH A O   1 
HETATM 1405 O O   . HOH D 4 .   ? 4.701   18.919  -1.425  1.00 35.81 ? 310 HOH A O   1 
HETATM 1406 O O   . HOH D 4 .   ? -10.609 -0.341  -6.835  1.00 19.85 ? 311 HOH A O   1 
HETATM 1407 O O   . HOH D 4 .   ? 8.909   -6.438  11.109  1.00 23.01 ? 312 HOH A O   1 
HETATM 1408 O O   . HOH D 4 .   ? 16.252  18.691  -12.609 1.00 34.40 ? 313 HOH A O   1 
HETATM 1409 O O   . HOH D 4 .   ? 10.460  24.236  -10.952 1.00 46.91 ? 314 HOH A O   1 
HETATM 1410 O O   . HOH D 4 .   ? -7.268  -12.080 -13.808 1.00 29.55 ? 315 HOH A O   1 
HETATM 1411 O O   . HOH D 4 .   ? 3.089   5.606   19.426  1.00 42.45 ? 316 HOH A O   1 
HETATM 1412 O O   . HOH D 4 .   ? -4.240  -1.910  12.363  1.00 18.18 ? 317 HOH A O   1 
HETATM 1413 O O   . HOH D 4 .   ? 9.848   15.704  -6.326  1.00 31.47 ? 318 HOH A O   1 
HETATM 1414 O O   . HOH D 4 .   ? -15.454 8.265   -6.117  1.00 49.74 ? 319 HOH A O   1 
HETATM 1415 O O   . HOH D 4 .   ? 12.610  7.826   2.505   1.00 24.14 ? 320 HOH A O   1 
HETATM 1416 O O   . HOH D 4 .   ? 16.051  -4.147  -6.713  1.00 25.40 ? 321 HOH A O   1 
HETATM 1417 O O   . HOH D 4 .   ? 13.288  6.200   -4.073  1.00 22.57 ? 322 HOH A O   1 
HETATM 1418 O O   . HOH D 4 .   ? 6.418   15.175  -13.026 1.00 49.97 ? 323 HOH A O   1 
HETATM 1419 O O   . HOH D 4 .   ? 6.057   16.127  -10.588 1.00 46.50 ? 324 HOH A O   1 
HETATM 1420 O O   . HOH D 4 .   ? 12.196  15.330  -5.006  1.00 26.82 ? 325 HOH A O   1 
HETATM 1421 O O   . HOH D 4 .   ? -2.498  8.486   15.235  1.00 29.20 ? 326 HOH A O   1 
HETATM 1422 O O   . HOH D 4 .   ? -8.185  2.654   -12.019 1.00 13.94 ? 327 HOH A O   1 
HETATM 1423 O O   . HOH D 4 .   ? -7.384  12.751  -0.601  1.00 35.39 ? 328 HOH A O   1 
HETATM 1424 O O   . HOH D 4 .   ? 15.241  7.606   -5.421  1.00 35.14 ? 329 HOH A O   1 
HETATM 1425 O O   . HOH D 4 .   ? -13.309 -19.743 12.306  1.00 49.20 ? 330 HOH A O   1 
HETATM 1426 O O   . HOH D 4 .   ? 8.301   1.347   15.316  1.00 19.18 ? 331 HOH A O   1 
HETATM 1427 O O   . HOH D 4 .   ? 3.187   -13.350 -8.313  1.00 31.94 ? 332 HOH A O   1 
HETATM 1428 O O   . HOH D 4 .   ? 14.336  5.626   3.570   1.00 32.05 ? 333 HOH A O   1 
HETATM 1429 O O   . HOH D 4 .   ? -11.199 -4.306  -5.920  1.00 17.89 ? 334 HOH A O   1 
HETATM 1430 O O   . HOH E 4 .   ? -12.435 -0.729  5.786   1.00 35.05 ? 92  HOH B O   1 
HETATM 1431 O O   . HOH E 4 .   ? -12.370 0.801   8.440   1.00 40.08 ? 93  HOH B O   1 
HETATM 1432 O O   . HOH E 4 .   ? -10.381 1.246   10.425  1.00 28.51 ? 96  HOH B O   1 
HETATM 1433 O O   . HOH E 4 .   ? -5.210  -4.664  12.214  1.00 25.03 ? 112 HOH B O   1 
HETATM 1434 O O   . HOH E 4 .   ? -2.357  -13.162 7.996   1.00 41.71 ? 129 HOH B O   1 
# 
